data_1BUO
# 
_entry.id   1BUO 
# 
_audit_conform.dict_name       mmcif_pdbx.dic 
_audit_conform.dict_version    5.385 
_audit_conform.dict_location   http://mmcif.pdb.org/dictionaries/ascii/mmcif_pdbx.dic 
# 
loop_
_database_2.database_id 
_database_2.database_code 
_database_2.pdbx_database_accession 
_database_2.pdbx_DOI 
PDB   1BUO         pdb_00001buo 10.2210/pdb1buo/pdb 
RCSB  RCSB008322   ?            ?                   
WWPDB D_1000008322 ?            ?                   
# 
loop_
_pdbx_audit_revision_history.ordinal 
_pdbx_audit_revision_history.data_content_type 
_pdbx_audit_revision_history.major_revision 
_pdbx_audit_revision_history.minor_revision 
_pdbx_audit_revision_history.revision_date 
1 'Structure model' 1 0 1998-10-14 
2 'Structure model' 1 1 2008-04-27 
3 'Structure model' 1 2 2011-07-13 
4 'Structure model' 1 3 2017-10-04 
5 'Structure model' 1 4 2024-02-07 
# 
_pdbx_audit_revision_details.ordinal             1 
_pdbx_audit_revision_details.revision_ordinal    1 
_pdbx_audit_revision_details.data_content_type   'Structure model' 
_pdbx_audit_revision_details.provider            repository 
_pdbx_audit_revision_details.type                'Initial release' 
_pdbx_audit_revision_details.description         ? 
_pdbx_audit_revision_details.details             ? 
# 
loop_
_pdbx_audit_revision_group.ordinal 
_pdbx_audit_revision_group.revision_ordinal 
_pdbx_audit_revision_group.data_content_type 
_pdbx_audit_revision_group.group 
1 2 'Structure model' 'Version format compliance' 
2 3 'Structure model' 'Derived calculations'      
3 3 'Structure model' 'Version format compliance' 
4 4 'Structure model' 'Refinement description'    
5 5 'Structure model' 'Data collection'           
6 5 'Structure model' 'Database references'       
7 5 'Structure model' 'Derived calculations'      
# 
loop_
_pdbx_audit_revision_category.ordinal 
_pdbx_audit_revision_category.revision_ordinal 
_pdbx_audit_revision_category.data_content_type 
_pdbx_audit_revision_category.category 
1 4 'Structure model' software                     
2 5 'Structure model' chem_comp_atom               
3 5 'Structure model' chem_comp_bond               
4 5 'Structure model' database_2                   
5 5 'Structure model' pdbx_struct_special_symmetry 
# 
loop_
_pdbx_audit_revision_item.ordinal 
_pdbx_audit_revision_item.revision_ordinal 
_pdbx_audit_revision_item.data_content_type 
_pdbx_audit_revision_item.item 
1 4 'Structure model' '_software.name'                      
2 5 'Structure model' '_database_2.pdbx_DOI'                
3 5 'Structure model' '_database_2.pdbx_database_accession' 
# 
_pdbx_database_status.status_code                     REL 
_pdbx_database_status.entry_id                        1BUO 
_pdbx_database_status.recvd_initial_deposition_date   1998-09-04 
_pdbx_database_status.deposit_site                    BNL 
_pdbx_database_status.process_site                    RCSB 
_pdbx_database_status.SG_entry                        . 
_pdbx_database_status.pdb_format_compatible           Y 
_pdbx_database_status.status_code_mr                  ? 
_pdbx_database_status.status_code_sf                  ? 
_pdbx_database_status.status_code_cs                  ? 
_pdbx_database_status.methods_development_category    ? 
_pdbx_database_status.status_code_nmr_data            ? 
# 
loop_
_audit_author.name 
_audit_author.pdbx_ordinal 
'Ahmad, K.F.' 1 
'Engel, C.K.' 2 
'Prive, G.G.' 3 
# 
_citation.id                        primary 
_citation.title                     'Crystal structure of the BTB domain from PLZF.' 
_citation.journal_abbrev            Proc.Natl.Acad.Sci.USA 
_citation.journal_volume            95 
_citation.page_first                12123 
_citation.page_last                 12128 
_citation.year                      1998 
_citation.journal_id_ASTM           PNASA6 
_citation.country                   US 
_citation.journal_id_ISSN           0027-8424 
_citation.journal_id_CSD            0040 
_citation.book_publisher            ? 
_citation.pdbx_database_id_PubMed   9770450 
_citation.pdbx_database_id_DOI      10.1073/pnas.95.21.12123 
# 
loop_
_citation_author.citation_id 
_citation_author.name 
_citation_author.ordinal 
_citation_author.identifier_ORCID 
primary 'Ahmad, K.F.' 1 ? 
primary 'Engel, C.K.' 2 ? 
primary 'Prive, G.G.' 3 ? 
# 
loop_
_entity.id 
_entity.type 
_entity.src_method 
_entity.pdbx_description 
_entity.formula_weight 
_entity.pdbx_number_of_molecules 
_entity.pdbx_ec 
_entity.pdbx_mutation 
_entity.pdbx_fragment 
_entity.details 
1 polymer man 'PROTEIN (PROMYELOCYTIC LEUKEMIA ZINC FINGER PROTEIN PLZF)' 13927.039 1   ? ? 'BTB DOMAIN' ? 
2 water   nat water                                                       18.015    129 ? ? ?            ? 
# 
_entity_name_com.entity_id   1 
_entity_name_com.name        'POZ DOMAIN' 
# 
_entity_poly.entity_id                      1 
_entity_poly.type                           'polypeptide(L)' 
_entity_poly.nstd_linkage                   no 
_entity_poly.nstd_monomer                   no 
_entity_poly.pdbx_seq_one_letter_code       
;MGMIQLQNPSHPTGLLCKANQMRLAGTLCDVVIMVDSQEFHAHRTVLACTSKMFEILFHRNSQHYTLDFLSPKTFQQILE
YAYTATLQAKAEDLDDLLYAAEILEIEYLEEQCLKMLETIQ
;
_entity_poly.pdbx_seq_one_letter_code_can   
;MGMIQLQNPSHPTGLLCKANQMRLAGTLCDVVIMVDSQEFHAHRTVLACTSKMFEILFHRNSQHYTLDFLSPKTFQQILE
YAYTATLQAKAEDLDDLLYAAEILEIEYLEEQCLKMLETIQ
;
_entity_poly.pdbx_strand_id                 A 
_entity_poly.pdbx_target_identifier         ? 
# 
_pdbx_entity_nonpoly.entity_id   2 
_pdbx_entity_nonpoly.name        water 
_pdbx_entity_nonpoly.comp_id     HOH 
# 
loop_
_entity_poly_seq.entity_id 
_entity_poly_seq.num 
_entity_poly_seq.mon_id 
_entity_poly_seq.hetero 
1 1   MET n 
1 2   GLY n 
1 3   MET n 
1 4   ILE n 
1 5   GLN n 
1 6   LEU n 
1 7   GLN n 
1 8   ASN n 
1 9   PRO n 
1 10  SER n 
1 11  HIS n 
1 12  PRO n 
1 13  THR n 
1 14  GLY n 
1 15  LEU n 
1 16  LEU n 
1 17  CYS n 
1 18  LYS n 
1 19  ALA n 
1 20  ASN n 
1 21  GLN n 
1 22  MET n 
1 23  ARG n 
1 24  LEU n 
1 25  ALA n 
1 26  GLY n 
1 27  THR n 
1 28  LEU n 
1 29  CYS n 
1 30  ASP n 
1 31  VAL n 
1 32  VAL n 
1 33  ILE n 
1 34  MET n 
1 35  VAL n 
1 36  ASP n 
1 37  SER n 
1 38  GLN n 
1 39  GLU n 
1 40  PHE n 
1 41  HIS n 
1 42  ALA n 
1 43  HIS n 
1 44  ARG n 
1 45  THR n 
1 46  VAL n 
1 47  LEU n 
1 48  ALA n 
1 49  CYS n 
1 50  THR n 
1 51  SER n 
1 52  LYS n 
1 53  MET n 
1 54  PHE n 
1 55  GLU n 
1 56  ILE n 
1 57  LEU n 
1 58  PHE n 
1 59  HIS n 
1 60  ARG n 
1 61  ASN n 
1 62  SER n 
1 63  GLN n 
1 64  HIS n 
1 65  TYR n 
1 66  THR n 
1 67  LEU n 
1 68  ASP n 
1 69  PHE n 
1 70  LEU n 
1 71  SER n 
1 72  PRO n 
1 73  LYS n 
1 74  THR n 
1 75  PHE n 
1 76  GLN n 
1 77  GLN n 
1 78  ILE n 
1 79  LEU n 
1 80  GLU n 
1 81  TYR n 
1 82  ALA n 
1 83  TYR n 
1 84  THR n 
1 85  ALA n 
1 86  THR n 
1 87  LEU n 
1 88  GLN n 
1 89  ALA n 
1 90  LYS n 
1 91  ALA n 
1 92  GLU n 
1 93  ASP n 
1 94  LEU n 
1 95  ASP n 
1 96  ASP n 
1 97  LEU n 
1 98  LEU n 
1 99  TYR n 
1 100 ALA n 
1 101 ALA n 
1 102 GLU n 
1 103 ILE n 
1 104 LEU n 
1 105 GLU n 
1 106 ILE n 
1 107 GLU n 
1 108 TYR n 
1 109 LEU n 
1 110 GLU n 
1 111 GLU n 
1 112 GLN n 
1 113 CYS n 
1 114 LEU n 
1 115 LYS n 
1 116 MET n 
1 117 LEU n 
1 118 GLU n 
1 119 THR n 
1 120 ILE n 
1 121 GLN n 
# 
_entity_src_gen.entity_id                          1 
_entity_src_gen.pdbx_src_id                        1 
_entity_src_gen.pdbx_alt_source_flag               sample 
_entity_src_gen.pdbx_seq_type                      ? 
_entity_src_gen.pdbx_beg_seq_num                   ? 
_entity_src_gen.pdbx_end_seq_num                   ? 
_entity_src_gen.gene_src_common_name               human 
_entity_src_gen.gene_src_genus                     Homo 
_entity_src_gen.pdbx_gene_src_gene                 ? 
_entity_src_gen.gene_src_species                   ? 
_entity_src_gen.gene_src_strain                    ? 
_entity_src_gen.gene_src_tissue                    ? 
_entity_src_gen.gene_src_tissue_fraction           ? 
_entity_src_gen.gene_src_details                   ? 
_entity_src_gen.pdbx_gene_src_fragment             ? 
_entity_src_gen.pdbx_gene_src_scientific_name      'Homo sapiens' 
_entity_src_gen.pdbx_gene_src_ncbi_taxonomy_id     9606 
_entity_src_gen.pdbx_gene_src_variant              ? 
_entity_src_gen.pdbx_gene_src_cell_line            ? 
_entity_src_gen.pdbx_gene_src_atcc                 ? 
_entity_src_gen.pdbx_gene_src_organ                ? 
_entity_src_gen.pdbx_gene_src_organelle            ? 
_entity_src_gen.pdbx_gene_src_cell                 ? 
_entity_src_gen.pdbx_gene_src_cellular_location    ? 
_entity_src_gen.host_org_common_name               ? 
_entity_src_gen.pdbx_host_org_scientific_name      'Escherichia coli' 
_entity_src_gen.pdbx_host_org_ncbi_taxonomy_id     562 
_entity_src_gen.host_org_genus                     Escherichia 
_entity_src_gen.pdbx_host_org_gene                 ? 
_entity_src_gen.pdbx_host_org_organ                ? 
_entity_src_gen.host_org_species                   ? 
_entity_src_gen.pdbx_host_org_tissue               ? 
_entity_src_gen.pdbx_host_org_tissue_fraction      ? 
_entity_src_gen.pdbx_host_org_strain               ? 
_entity_src_gen.pdbx_host_org_variant              ? 
_entity_src_gen.pdbx_host_org_cell_line            'B834(DE3)' 
_entity_src_gen.pdbx_host_org_atcc                 ? 
_entity_src_gen.pdbx_host_org_culture_collection   ? 
_entity_src_gen.pdbx_host_org_cell                 ? 
_entity_src_gen.pdbx_host_org_organelle            ? 
_entity_src_gen.pdbx_host_org_cellular_location    ? 
_entity_src_gen.pdbx_host_org_vector_type          ? 
_entity_src_gen.pdbx_host_org_vector               ? 
_entity_src_gen.host_org_details                   ? 
_entity_src_gen.expression_system_id               ? 
_entity_src_gen.plasmid_name                       'PET-32(A)' 
_entity_src_gen.plasmid_details                    ? 
_entity_src_gen.pdbx_description                   ? 
# 
loop_
_chem_comp.id 
_chem_comp.type 
_chem_comp.mon_nstd_flag 
_chem_comp.name 
_chem_comp.pdbx_synonyms 
_chem_comp.formula 
_chem_comp.formula_weight 
ALA 'L-peptide linking' y ALANINE         ? 'C3 H7 N O2'     89.093  
ARG 'L-peptide linking' y ARGININE        ? 'C6 H15 N4 O2 1' 175.209 
ASN 'L-peptide linking' y ASPARAGINE      ? 'C4 H8 N2 O3'    132.118 
ASP 'L-peptide linking' y 'ASPARTIC ACID' ? 'C4 H7 N O4'     133.103 
CYS 'L-peptide linking' y CYSTEINE        ? 'C3 H7 N O2 S'   121.158 
GLN 'L-peptide linking' y GLUTAMINE       ? 'C5 H10 N2 O3'   146.144 
GLU 'L-peptide linking' y 'GLUTAMIC ACID' ? 'C5 H9 N O4'     147.129 
GLY 'peptide linking'   y GLYCINE         ? 'C2 H5 N O2'     75.067  
HIS 'L-peptide linking' y HISTIDINE       ? 'C6 H10 N3 O2 1' 156.162 
HOH non-polymer         . WATER           ? 'H2 O'           18.015  
ILE 'L-peptide linking' y ISOLEUCINE      ? 'C6 H13 N O2'    131.173 
LEU 'L-peptide linking' y LEUCINE         ? 'C6 H13 N O2'    131.173 
LYS 'L-peptide linking' y LYSINE          ? 'C6 H15 N2 O2 1' 147.195 
MET 'L-peptide linking' y METHIONINE      ? 'C5 H11 N O2 S'  149.211 
PHE 'L-peptide linking' y PHENYLALANINE   ? 'C9 H11 N O2'    165.189 
PRO 'L-peptide linking' y PROLINE         ? 'C5 H9 N O2'     115.130 
SER 'L-peptide linking' y SERINE          ? 'C3 H7 N O3'     105.093 
THR 'L-peptide linking' y THREONINE       ? 'C4 H9 N O3'     119.119 
TYR 'L-peptide linking' y TYROSINE        ? 'C9 H11 N O3'    181.189 
VAL 'L-peptide linking' y VALINE          ? 'C5 H11 N O2'    117.146 
# 
loop_
_pdbx_poly_seq_scheme.asym_id 
_pdbx_poly_seq_scheme.entity_id 
_pdbx_poly_seq_scheme.seq_id 
_pdbx_poly_seq_scheme.mon_id 
_pdbx_poly_seq_scheme.ndb_seq_num 
_pdbx_poly_seq_scheme.pdb_seq_num 
_pdbx_poly_seq_scheme.auth_seq_num 
_pdbx_poly_seq_scheme.pdb_mon_id 
_pdbx_poly_seq_scheme.auth_mon_id 
_pdbx_poly_seq_scheme.pdb_strand_id 
_pdbx_poly_seq_scheme.pdb_ins_code 
_pdbx_poly_seq_scheme.hetero 
A 1 1   MET 1   6   6   MET MET A . n 
A 1 2   GLY 2   7   7   GLY GLY A . n 
A 1 3   MET 3   8   8   MET MET A . n 
A 1 4   ILE 4   9   9   ILE ILE A . n 
A 1 5   GLN 5   10  10  GLN GLN A . n 
A 1 6   LEU 6   11  11  LEU LEU A . n 
A 1 7   GLN 7   12  12  GLN GLN A . n 
A 1 8   ASN 8   13  13  ASN ASN A . n 
A 1 9   PRO 9   14  14  PRO PRO A . n 
A 1 10  SER 10  15  15  SER SER A . n 
A 1 11  HIS 11  16  16  HIS HIS A . n 
A 1 12  PRO 12  17  17  PRO PRO A . n 
A 1 13  THR 13  18  18  THR THR A . n 
A 1 14  GLY 14  19  19  GLY GLY A . n 
A 1 15  LEU 15  20  20  LEU LEU A . n 
A 1 16  LEU 16  21  21  LEU LEU A . n 
A 1 17  CYS 17  22  22  CYS CYS A . n 
A 1 18  LYS 18  23  23  LYS LYS A . n 
A 1 19  ALA 19  24  24  ALA ALA A . n 
A 1 20  ASN 20  25  25  ASN ASN A . n 
A 1 21  GLN 21  26  26  GLN GLN A . n 
A 1 22  MET 22  27  27  MET MET A . n 
A 1 23  ARG 23  28  28  ARG ARG A . n 
A 1 24  LEU 24  29  29  LEU LEU A . n 
A 1 25  ALA 25  30  30  ALA ALA A . n 
A 1 26  GLY 26  31  31  GLY GLY A . n 
A 1 27  THR 27  32  32  THR THR A . n 
A 1 28  LEU 28  33  33  LEU LEU A . n 
A 1 29  CYS 29  34  34  CYS CYS A . n 
A 1 30  ASP 30  35  35  ASP ASP A . n 
A 1 31  VAL 31  36  36  VAL VAL A . n 
A 1 32  VAL 32  37  37  VAL VAL A . n 
A 1 33  ILE 33  38  38  ILE ILE A . n 
A 1 34  MET 34  39  39  MET MET A . n 
A 1 35  VAL 35  40  40  VAL VAL A . n 
A 1 36  ASP 36  41  41  ASP ASP A . n 
A 1 37  SER 37  42  42  SER SER A . n 
A 1 38  GLN 38  43  43  GLN GLN A . n 
A 1 39  GLU 39  44  44  GLU GLU A . n 
A 1 40  PHE 40  45  45  PHE PHE A . n 
A 1 41  HIS 41  46  46  HIS HIS A . n 
A 1 42  ALA 42  47  47  ALA ALA A . n 
A 1 43  HIS 43  48  48  HIS HIS A . n 
A 1 44  ARG 44  49  49  ARG ARG A . n 
A 1 45  THR 45  50  50  THR THR A . n 
A 1 46  VAL 46  51  51  VAL VAL A . n 
A 1 47  LEU 47  52  52  LEU LEU A . n 
A 1 48  ALA 48  53  53  ALA ALA A . n 
A 1 49  CYS 49  54  54  CYS CYS A . n 
A 1 50  THR 50  55  55  THR THR A . n 
A 1 51  SER 51  56  56  SER SER A . n 
A 1 52  LYS 52  57  57  LYS LYS A . n 
A 1 53  MET 53  58  58  MET MET A . n 
A 1 54  PHE 54  59  59  PHE PHE A . n 
A 1 55  GLU 55  60  60  GLU GLU A . n 
A 1 56  ILE 56  61  61  ILE ILE A . n 
A 1 57  LEU 57  62  62  LEU LEU A . n 
A 1 58  PHE 58  63  63  PHE PHE A . n 
A 1 59  HIS 59  64  64  HIS HIS A . n 
A 1 60  ARG 60  65  65  ARG ARG A . n 
A 1 61  ASN 61  66  66  ASN ASN A . n 
A 1 62  SER 62  67  67  SER SER A . n 
A 1 63  GLN 63  68  68  GLN GLN A . n 
A 1 64  HIS 64  69  69  HIS HIS A . n 
A 1 65  TYR 65  70  70  TYR TYR A . n 
A 1 66  THR 66  71  71  THR THR A . n 
A 1 67  LEU 67  72  72  LEU LEU A . n 
A 1 68  ASP 68  73  73  ASP ASP A . n 
A 1 69  PHE 69  74  74  PHE PHE A . n 
A 1 70  LEU 70  75  75  LEU LEU A . n 
A 1 71  SER 71  76  76  SER SER A . n 
A 1 72  PRO 72  77  77  PRO PRO A . n 
A 1 73  LYS 73  78  78  LYS LYS A . n 
A 1 74  THR 74  79  79  THR THR A . n 
A 1 75  PHE 75  80  80  PHE PHE A . n 
A 1 76  GLN 76  81  81  GLN GLN A . n 
A 1 77  GLN 77  82  82  GLN GLN A . n 
A 1 78  ILE 78  83  83  ILE ILE A . n 
A 1 79  LEU 79  84  84  LEU LEU A . n 
A 1 80  GLU 80  85  85  GLU GLU A . n 
A 1 81  TYR 81  86  86  TYR TYR A . n 
A 1 82  ALA 82  87  87  ALA ALA A . n 
A 1 83  TYR 83  88  88  TYR TYR A . n 
A 1 84  THR 84  89  89  THR THR A . n 
A 1 85  ALA 85  90  90  ALA ALA A . n 
A 1 86  THR 86  91  91  THR THR A . n 
A 1 87  LEU 87  92  92  LEU LEU A . n 
A 1 88  GLN 88  93  93  GLN GLN A . n 
A 1 89  ALA 89  94  94  ALA ALA A . n 
A 1 90  LYS 90  95  95  LYS LYS A . n 
A 1 91  ALA 91  96  96  ALA ALA A . n 
A 1 92  GLU 92  97  97  GLU GLU A . n 
A 1 93  ASP 93  98  98  ASP ASP A . n 
A 1 94  LEU 94  99  99  LEU LEU A . n 
A 1 95  ASP 95  100 100 ASP ASP A . n 
A 1 96  ASP 96  101 101 ASP ASP A . n 
A 1 97  LEU 97  102 102 LEU LEU A . n 
A 1 98  LEU 98  103 103 LEU LEU A . n 
A 1 99  TYR 99  104 104 TYR TYR A . n 
A 1 100 ALA 100 105 105 ALA ALA A . n 
A 1 101 ALA 101 106 106 ALA ALA A . n 
A 1 102 GLU 102 107 107 GLU GLU A . n 
A 1 103 ILE 103 108 108 ILE ILE A . n 
A 1 104 LEU 104 109 109 LEU LEU A . n 
A 1 105 GLU 105 110 110 GLU GLU A . n 
A 1 106 ILE 106 111 111 ILE ILE A . n 
A 1 107 GLU 107 112 112 GLU GLU A . n 
A 1 108 TYR 108 113 113 TYR TYR A . n 
A 1 109 LEU 109 114 114 LEU LEU A . n 
A 1 110 GLU 110 115 115 GLU GLU A . n 
A 1 111 GLU 111 116 116 GLU GLU A . n 
A 1 112 GLN 112 117 117 GLN GLN A . n 
A 1 113 CYS 113 118 118 CYS CYS A . n 
A 1 114 LEU 114 119 119 LEU LEU A . n 
A 1 115 LYS 115 120 120 LYS LYS A . n 
A 1 116 MET 116 121 121 MET MET A . n 
A 1 117 LEU 117 122 122 LEU LEU A . n 
A 1 118 GLU 118 123 123 GLU GLU A . n 
A 1 119 THR 119 124 124 THR THR A . n 
A 1 120 ILE 120 125 125 ILE ILE A . n 
A 1 121 GLN 121 126 126 GLN GLN A . n 
# 
loop_
_pdbx_nonpoly_scheme.asym_id 
_pdbx_nonpoly_scheme.entity_id 
_pdbx_nonpoly_scheme.mon_id 
_pdbx_nonpoly_scheme.ndb_seq_num 
_pdbx_nonpoly_scheme.pdb_seq_num 
_pdbx_nonpoly_scheme.auth_seq_num 
_pdbx_nonpoly_scheme.pdb_mon_id 
_pdbx_nonpoly_scheme.auth_mon_id 
_pdbx_nonpoly_scheme.pdb_strand_id 
_pdbx_nonpoly_scheme.pdb_ins_code 
B 2 HOH 1   501 501 HOH HOH A . 
B 2 HOH 2   502 502 HOH HOH A . 
B 2 HOH 3   503 503 HOH HOH A . 
B 2 HOH 4   504 504 HOH HOH A . 
B 2 HOH 5   505 505 HOH HOH A . 
B 2 HOH 6   506 506 HOH HOH A . 
B 2 HOH 7   507 507 HOH HOH A . 
B 2 HOH 8   508 508 HOH HOH A . 
B 2 HOH 9   509 509 HOH HOH A . 
B 2 HOH 10  510 510 HOH HOH A . 
B 2 HOH 11  511 511 HOH HOH A . 
B 2 HOH 12  512 512 HOH HOH A . 
B 2 HOH 13  513 513 HOH HOH A . 
B 2 HOH 14  514 514 HOH HOH A . 
B 2 HOH 15  515 515 HOH HOH A . 
B 2 HOH 16  516 516 HOH HOH A . 
B 2 HOH 17  517 517 HOH HOH A . 
B 2 HOH 18  518 518 HOH HOH A . 
B 2 HOH 19  519 519 HOH HOH A . 
B 2 HOH 20  520 520 HOH HOH A . 
B 2 HOH 21  521 521 HOH HOH A . 
B 2 HOH 22  522 522 HOH HOH A . 
B 2 HOH 23  523 523 HOH HOH A . 
B 2 HOH 24  524 524 HOH HOH A . 
B 2 HOH 25  525 525 HOH HOH A . 
B 2 HOH 26  526 526 HOH HOH A . 
B 2 HOH 27  527 527 HOH HOH A . 
B 2 HOH 28  528 528 HOH HOH A . 
B 2 HOH 29  529 529 HOH HOH A . 
B 2 HOH 30  530 530 HOH HOH A . 
B 2 HOH 31  531 531 HOH HOH A . 
B 2 HOH 32  532 532 HOH HOH A . 
B 2 HOH 33  533 533 HOH HOH A . 
B 2 HOH 34  534 534 HOH HOH A . 
B 2 HOH 35  535 535 HOH HOH A . 
B 2 HOH 36  536 536 HOH HOH A . 
B 2 HOH 37  537 537 HOH HOH A . 
B 2 HOH 38  538 538 HOH HOH A . 
B 2 HOH 39  539 539 HOH HOH A . 
B 2 HOH 40  540 540 HOH HOH A . 
B 2 HOH 41  541 541 HOH HOH A . 
B 2 HOH 42  542 542 HOH HOH A . 
B 2 HOH 43  543 543 HOH HOH A . 
B 2 HOH 44  544 544 HOH HOH A . 
B 2 HOH 45  545 545 HOH HOH A . 
B 2 HOH 46  546 546 HOH HOH A . 
B 2 HOH 47  547 547 HOH HOH A . 
B 2 HOH 48  548 548 HOH HOH A . 
B 2 HOH 49  549 549 HOH HOH A . 
B 2 HOH 50  550 550 HOH HOH A . 
B 2 HOH 51  551 551 HOH HOH A . 
B 2 HOH 52  552 552 HOH HOH A . 
B 2 HOH 53  553 553 HOH HOH A . 
B 2 HOH 54  554 554 HOH HOH A . 
B 2 HOH 55  555 555 HOH HOH A . 
B 2 HOH 56  556 556 HOH HOH A . 
B 2 HOH 57  557 557 HOH HOH A . 
B 2 HOH 58  558 558 HOH HOH A . 
B 2 HOH 59  559 559 HOH HOH A . 
B 2 HOH 60  560 560 HOH HOH A . 
B 2 HOH 61  561 561 HOH HOH A . 
B 2 HOH 62  562 562 HOH HOH A . 
B 2 HOH 63  563 563 HOH HOH A . 
B 2 HOH 64  564 564 HOH HOH A . 
B 2 HOH 65  565 565 HOH HOH A . 
B 2 HOH 66  566 566 HOH HOH A . 
B 2 HOH 67  567 567 HOH HOH A . 
B 2 HOH 68  568 568 HOH HOH A . 
B 2 HOH 69  569 569 HOH HOH A . 
B 2 HOH 70  570 570 HOH HOH A . 
B 2 HOH 71  571 571 HOH HOH A . 
B 2 HOH 72  572 572 HOH HOH A . 
B 2 HOH 73  573 573 HOH HOH A . 
B 2 HOH 74  574 574 HOH HOH A . 
B 2 HOH 75  575 575 HOH HOH A . 
B 2 HOH 76  576 576 HOH HOH A . 
B 2 HOH 77  577 577 HOH HOH A . 
B 2 HOH 78  578 578 HOH HOH A . 
B 2 HOH 79  579 579 HOH HOH A . 
B 2 HOH 80  580 580 HOH HOH A . 
B 2 HOH 81  581 581 HOH HOH A . 
B 2 HOH 82  582 582 HOH HOH A . 
B 2 HOH 83  583 583 HOH HOH A . 
B 2 HOH 84  584 584 HOH HOH A . 
B 2 HOH 85  585 585 HOH HOH A . 
B 2 HOH 86  586 586 HOH HOH A . 
B 2 HOH 87  587 587 HOH HOH A . 
B 2 HOH 88  588 588 HOH HOH A . 
B 2 HOH 89  589 589 HOH HOH A . 
B 2 HOH 90  590 590 HOH HOH A . 
B 2 HOH 91  591 591 HOH HOH A . 
B 2 HOH 92  592 592 HOH HOH A . 
B 2 HOH 93  593 593 HOH HOH A . 
B 2 HOH 94  594 594 HOH HOH A . 
B 2 HOH 95  595 595 HOH HOH A . 
B 2 HOH 96  596 596 HOH HOH A . 
B 2 HOH 97  597 597 HOH HOH A . 
B 2 HOH 98  598 598 HOH HOH A . 
B 2 HOH 99  599 599 HOH HOH A . 
B 2 HOH 100 600 600 HOH HOH A . 
B 2 HOH 101 601 601 HOH HOH A . 
B 2 HOH 102 602 602 HOH HOH A . 
B 2 HOH 103 603 603 HOH HOH A . 
B 2 HOH 104 604 604 HOH HOH A . 
B 2 HOH 105 605 605 HOH HOH A . 
B 2 HOH 106 606 606 HOH HOH A . 
B 2 HOH 107 607 607 HOH HOH A . 
B 2 HOH 108 608 608 HOH HOH A . 
B 2 HOH 109 609 609 HOH HOH A . 
B 2 HOH 110 610 610 HOH HOH A . 
B 2 HOH 111 611 611 HOH HOH A . 
B 2 HOH 112 612 612 HOH HOH A . 
B 2 HOH 113 613 613 HOH HOH A . 
B 2 HOH 114 614 614 HOH HOH A . 
B 2 HOH 115 615 615 HOH HOH A . 
B 2 HOH 116 616 616 HOH HOH A . 
B 2 HOH 117 617 617 HOH HOH A . 
B 2 HOH 118 618 618 HOH HOH A . 
B 2 HOH 119 619 619 HOH HOH A . 
B 2 HOH 120 620 620 HOH HOH A . 
B 2 HOH 121 621 621 HOH HOH A . 
B 2 HOH 122 622 622 HOH HOH A . 
B 2 HOH 123 623 623 HOH HOH A . 
B 2 HOH 124 624 624 HOH HOH A . 
B 2 HOH 125 625 625 HOH HOH A . 
B 2 HOH 126 626 626 HOH HOH A . 
B 2 HOH 127 627 627 HOH HOH A . 
B 2 HOH 128 628 628 HOH HOH A . 
B 2 HOH 129 629 629 HOH HOH A . 
# 
loop_
_software.name 
_software.classification 
_software.version 
_software.citation_id 
_software.pdbx_ordinal 
SHELXL-97 'model building' .         ? 1 
SHARP     phasing          .         ? 2 
REFMAC    refinement       .         ? 3 
MOSFLM    'data reduction' .         ? 4 
CCP4      'data scaling'   '(SCALA)' ? 5 
SHELXL-97 phasing          .         ? 6 
# 
_cell.entry_id           1BUO 
_cell.length_a           72.630 
_cell.length_b           72.630 
_cell.length_c           168.980 
_cell.angle_alpha        90.00 
_cell.angle_beta         90.00 
_cell.angle_gamma        90.00 
_cell.Z_PDB              16 
_cell.pdbx_unique_axis   ? 
# 
_symmetry.entry_id                         1BUO 
_symmetry.space_group_name_H-M             'I 41 2 2' 
_symmetry.pdbx_full_space_group_name_H-M   ? 
_symmetry.cell_setting                     ? 
_symmetry.Int_Tables_number                98 
# 
_exptl.entry_id          1BUO 
_exptl.method            'X-RAY DIFFRACTION' 
_exptl.crystals_number   1 
# 
_exptl_crystal.id                    1 
_exptl_crystal.density_meas          ? 
_exptl_crystal.density_Matthews      4.00 
_exptl_crystal.density_percent_sol   60 
_exptl_crystal.description           ? 
# 
_exptl_crystal_grow.crystal_id      1 
_exptl_crystal_grow.method          ? 
_exptl_crystal_grow.temp            ? 
_exptl_crystal_grow.temp_details    ? 
_exptl_crystal_grow.pH              7.5 
_exptl_crystal_grow.pdbx_details    '0.15 M CACL2, 0.1 M HEPES (PH 7.5), 4% ISOPROPANOL,' 
_exptl_crystal_grow.pdbx_pH_range   ? 
# 
_diffrn.id                     1 
_diffrn.ambient_temp           100 
_diffrn.ambient_temp_details   ? 
_diffrn.crystal_id             1 
# 
_diffrn_detector.diffrn_id              1 
_diffrn_detector.detector               CCD 
_diffrn_detector.type                   ? 
_diffrn_detector.pdbx_collection_date   ? 
_diffrn_detector.details                ? 
# 
_diffrn_radiation.diffrn_id                        1 
_diffrn_radiation.wavelength_id                    1 
_diffrn_radiation.pdbx_monochromatic_or_laue_m_l   M 
_diffrn_radiation.monochromator                    ? 
_diffrn_radiation.pdbx_diffrn_protocol             MAD 
_diffrn_radiation.pdbx_scattering_type             x-ray 
# 
loop_
_diffrn_radiation_wavelength.id 
_diffrn_radiation_wavelength.wavelength 
_diffrn_radiation_wavelength.wt 
1 0.9638 1.0 
2 0.9790 1.0 
3 0.9793 1.0 
# 
_diffrn_source.diffrn_id                   1 
_diffrn_source.source                      SYNCHROTRON 
_diffrn_source.type                        'CHESS BEAMLINE F2' 
_diffrn_source.pdbx_synchrotron_site       CHESS 
_diffrn_source.pdbx_synchrotron_beamline   F2 
_diffrn_source.pdbx_wavelength             ? 
_diffrn_source.pdbx_wavelength_list        '0.9638, 0.9790, 0.9793' 
# 
_reflns.entry_id                     1BUO 
_reflns.observed_criterion_sigma_I   ? 
_reflns.observed_criterion_sigma_F   ? 
_reflns.d_resolution_low             20.0 
_reflns.d_resolution_high            1.90 
_reflns.number_obs                   18253 
_reflns.number_all                   ? 
_reflns.percent_possible_obs         99.3 
_reflns.pdbx_Rmerge_I_obs            ? 
_reflns.pdbx_Rsym_value              0.044 
_reflns.pdbx_netI_over_sigmaI        11.2 
_reflns.B_iso_Wilson_estimate        ? 
_reflns.pdbx_redundancy              11.2 
_reflns.R_free_details               ? 
_reflns.pdbx_ordinal                 1 
_reflns.pdbx_diffrn_id               1 
# 
_reflns_shell.d_res_high             1.9 
_reflns_shell.d_res_low              2.0 
_reflns_shell.percent_possible_all   96.7 
_reflns_shell.Rmerge_I_obs           ? 
_reflns_shell.pdbx_Rsym_value        0.248 
_reflns_shell.meanI_over_sigI_obs    3.0 
_reflns_shell.pdbx_redundancy        ? 
_reflns_shell.percent_possible_obs   ? 
_reflns_shell.number_unique_all      ? 
_reflns_shell.pdbx_ordinal           1 
_reflns_shell.pdbx_diffrn_id         1 
# 
_refine.entry_id                                 1BUO 
_refine.ls_number_reflns_obs                     17266 
_refine.ls_number_reflns_all                     ? 
_refine.pdbx_ls_sigma_I                          ? 
_refine.pdbx_ls_sigma_F                          0.0 
_refine.pdbx_data_cutoff_high_absF               ? 
_refine.pdbx_data_cutoff_low_absF                ? 
_refine.pdbx_data_cutoff_high_rms_absF           ? 
_refine.ls_d_res_low                             20.0 
_refine.ls_d_res_high                            1.9 
_refine.ls_percent_reflns_obs                    94.0 
_refine.ls_R_factor_obs                          ? 
_refine.ls_R_factor_all                          ? 
_refine.ls_R_factor_R_work                       0.2120000 
_refine.ls_R_factor_R_free                       0.2520000 
_refine.ls_R_factor_R_free_error                 ? 
_refine.ls_R_factor_R_free_error_details         ? 
_refine.ls_percent_reflns_R_free                 5.0 
_refine.ls_number_reflns_R_free                  909 
_refine.ls_number_parameters                     ? 
_refine.ls_number_restraints                     ? 
_refine.occupancy_min                            ? 
_refine.occupancy_max                            ? 
_refine.B_iso_mean                               ? 
_refine.aniso_B[1][1]                            ? 
_refine.aniso_B[2][2]                            ? 
_refine.aniso_B[3][3]                            ? 
_refine.aniso_B[1][2]                            ? 
_refine.aniso_B[1][3]                            ? 
_refine.aniso_B[2][3]                            ? 
_refine.solvent_model_details                    ? 
_refine.solvent_model_param_ksol                 ? 
_refine.solvent_model_param_bsol                 ? 
_refine.pdbx_ls_cross_valid_method               THROUGHOUT 
_refine.details                                  ? 
_refine.pdbx_starting_model                      ? 
_refine.pdbx_method_to_determine_struct          MAD 
_refine.pdbx_isotropic_thermal_model             ? 
_refine.pdbx_stereochemistry_target_values       ? 
_refine.pdbx_stereochem_target_val_spec_case     ? 
_refine.pdbx_R_Free_selection_details            RANDOM 
_refine.pdbx_overall_ESU_R                       ? 
_refine.pdbx_overall_ESU_R_Free                  ? 
_refine.overall_SU_ML                            ? 
_refine.overall_SU_B                             ? 
_refine.ls_redundancy_reflns_obs                 ? 
_refine.pdbx_refine_id                           'X-RAY DIFFRACTION' 
_refine.pdbx_diffrn_id                           1 
_refine.pdbx_TLS_residual_ADP_flag               ? 
_refine.correlation_coeff_Fo_to_Fc               ? 
_refine.correlation_coeff_Fo_to_Fc_free          ? 
_refine.pdbx_solvent_vdw_probe_radii             ? 
_refine.pdbx_solvent_ion_probe_radii             ? 
_refine.pdbx_solvent_shrinkage_radii             ? 
_refine.pdbx_overall_phase_error                 ? 
_refine.overall_SU_R_Cruickshank_DPI             ? 
_refine.pdbx_overall_SU_R_free_Cruickshank_DPI   ? 
_refine.pdbx_overall_SU_R_Blow_DPI               ? 
_refine.pdbx_overall_SU_R_free_Blow_DPI          ? 
# 
_refine_hist.pdbx_refine_id                   'X-RAY DIFFRACTION' 
_refine_hist.cycle_id                         LAST 
_refine_hist.pdbx_number_atoms_protein        972 
_refine_hist.pdbx_number_atoms_nucleic_acid   0 
_refine_hist.pdbx_number_atoms_ligand         0 
_refine_hist.number_atoms_solvent             129 
_refine_hist.number_atoms_total               1101 
_refine_hist.d_res_high                       1.9 
_refine_hist.d_res_low                        20.0 
# 
loop_
_refine_ls_restr.type 
_refine_ls_restr.dev_ideal 
_refine_ls_restr.dev_ideal_target 
_refine_ls_restr.weight 
_refine_ls_restr.number 
_refine_ls_restr.pdbx_refine_id 
_refine_ls_restr.pdbx_restraint_function 
p_bond_d            0.021 ? ? ? 'X-RAY DIFFRACTION' ? 
p_angle_d           0.042 ? ? ? 'X-RAY DIFFRACTION' ? 
p_angle_deg         ?     ? ? ? 'X-RAY DIFFRACTION' ? 
p_planar_d          ?     ? ? ? 'X-RAY DIFFRACTION' ? 
p_hb_or_metal_coord ?     ? ? ? 'X-RAY DIFFRACTION' ? 
p_mcbond_it         ?     ? ? ? 'X-RAY DIFFRACTION' ? 
p_mcangle_it        ?     ? ? ? 'X-RAY DIFFRACTION' ? 
p_scbond_it         ?     ? ? ? 'X-RAY DIFFRACTION' ? 
p_scangle_it        ?     ? ? ? 'X-RAY DIFFRACTION' ? 
p_plane_restr       ?     ? ? ? 'X-RAY DIFFRACTION' ? 
p_chiral_restr      ?     ? ? ? 'X-RAY DIFFRACTION' ? 
p_singtor_nbd       ?     ? ? ? 'X-RAY DIFFRACTION' ? 
p_multtor_nbd       ?     ? ? ? 'X-RAY DIFFRACTION' ? 
p_xhyhbond_nbd      ?     ? ? ? 'X-RAY DIFFRACTION' ? 
p_xyhbond_nbd       ?     ? ? ? 'X-RAY DIFFRACTION' ? 
p_planar_tor        ?     ? ? ? 'X-RAY DIFFRACTION' ? 
p_staggered_tor     ?     ? ? ? 'X-RAY DIFFRACTION' ? 
p_orthonormal_tor   ?     ? ? ? 'X-RAY DIFFRACTION' ? 
p_transverse_tor    ?     ? ? ? 'X-RAY DIFFRACTION' ? 
p_special_tor       ?     ? ? ? 'X-RAY DIFFRACTION' ? 
# 
_struct.entry_id                  1BUO 
_struct.title                     'BTB DOMAIN FROM PLZF' 
_struct.pdbx_model_details        ? 
_struct.pdbx_CASP_flag            ? 
_struct.pdbx_model_type_details   ? 
# 
_struct_keywords.entry_id        1BUO 
_struct_keywords.pdbx_keywords   'GENE REGULATION' 
_struct_keywords.text            
;PROTEIN-PROTEIN INTERACTION DOMAIN, TRANSCRIPTIONAL REPRESSOR, ZINC-FINGER PROTEIN, PROTEIN STRUCTURE, PROMYELOCYTIC LEUKEMIA, GENE REGULATION
;
# 
loop_
_struct_asym.id 
_struct_asym.pdbx_blank_PDB_chainid_flag 
_struct_asym.pdbx_modified 
_struct_asym.entity_id 
_struct_asym.details 
A N N 1 ? 
B N N 2 ? 
# 
_struct_ref.id                         1 
_struct_ref.db_name                    UNP 
_struct_ref.db_code                    ZBT16_HUMAN 
_struct_ref.entity_id                  1 
_struct_ref.pdbx_db_accession          Q05516 
_struct_ref.pdbx_db_isoform            ? 
_struct_ref.pdbx_seq_one_letter_code   ? 
_struct_ref.pdbx_align_begin           ? 
# 
_struct_ref_seq.align_id                      1 
_struct_ref_seq.ref_id                        1 
_struct_ref_seq.pdbx_PDB_id_code              1BUO 
_struct_ref_seq.pdbx_strand_id                A 
_struct_ref_seq.seq_align_beg                 1 
_struct_ref_seq.pdbx_seq_align_beg_ins_code   ? 
_struct_ref_seq.seq_align_end                 121 
_struct_ref_seq.pdbx_seq_align_end_ins_code   ? 
_struct_ref_seq.pdbx_db_accession             Q05516 
_struct_ref_seq.db_align_beg                  6 
_struct_ref_seq.pdbx_db_align_beg_ins_code    ? 
_struct_ref_seq.db_align_end                  126 
_struct_ref_seq.pdbx_db_align_end_ins_code    ? 
_struct_ref_seq.pdbx_auth_seq_align_beg       6 
_struct_ref_seq.pdbx_auth_seq_align_end       126 
# 
_pdbx_struct_assembly.id                   1 
_pdbx_struct_assembly.details              author_and_software_defined_assembly 
_pdbx_struct_assembly.method_details       PISA,PQS 
_pdbx_struct_assembly.oligomeric_details   dimeric 
_pdbx_struct_assembly.oligomeric_count     2 
# 
loop_
_pdbx_struct_assembly_prop.biol_id 
_pdbx_struct_assembly_prop.type 
_pdbx_struct_assembly_prop.value 
_pdbx_struct_assembly_prop.details 
1 'ABSA (A^2)' 3860  ? 
1 MORE         -37   ? 
1 'SSA (A^2)'  12520 ? 
# 
_pdbx_struct_assembly_gen.assembly_id       1 
_pdbx_struct_assembly_gen.oper_expression   1,2 
_pdbx_struct_assembly_gen.asym_id_list      A,B 
# 
loop_
_pdbx_struct_oper_list.id 
_pdbx_struct_oper_list.type 
_pdbx_struct_oper_list.name 
_pdbx_struct_oper_list.symmetry_operation 
_pdbx_struct_oper_list.matrix[1][1] 
_pdbx_struct_oper_list.matrix[1][2] 
_pdbx_struct_oper_list.matrix[1][3] 
_pdbx_struct_oper_list.vector[1] 
_pdbx_struct_oper_list.matrix[2][1] 
_pdbx_struct_oper_list.matrix[2][2] 
_pdbx_struct_oper_list.matrix[2][3] 
_pdbx_struct_oper_list.vector[2] 
_pdbx_struct_oper_list.matrix[3][1] 
_pdbx_struct_oper_list.matrix[3][2] 
_pdbx_struct_oper_list.matrix[3][3] 
_pdbx_struct_oper_list.vector[3] 
1 'identity operation'         1_555 x,y,z           1.0000000000  0.0000000000 0.0000000000 0.0000000000 0.0000000000 1.0000000000  0.0000000000 0.0000000000   0.0000000000 0.0000000000 1.0000000000 0.0000000000  
2 'crystal symmetry operation' 6_555 x,-y+1/2,-z+1/4 -0.9959244000 0.0612730491 0.0661831016 7.4833749567 0.0612730491 -0.0788137832 0.9950045231 -15.6315220118 0.0661831016 0.9950045231 0.0747381832 14.0110050764 
# 
_struct_biol.id   1 
# 
loop_
_struct_conf.conf_type_id 
_struct_conf.id 
_struct_conf.pdbx_PDB_helix_id 
_struct_conf.beg_label_comp_id 
_struct_conf.beg_label_asym_id 
_struct_conf.beg_label_seq_id 
_struct_conf.pdbx_beg_PDB_ins_code 
_struct_conf.end_label_comp_id 
_struct_conf.end_label_asym_id 
_struct_conf.end_label_seq_id 
_struct_conf.pdbx_end_PDB_ins_code 
_struct_conf.beg_auth_comp_id 
_struct_conf.beg_auth_asym_id 
_struct_conf.beg_auth_seq_id 
_struct_conf.end_auth_comp_id 
_struct_conf.end_auth_asym_id 
_struct_conf.end_auth_seq_id 
_struct_conf.pdbx_PDB_helix_class 
_struct_conf.details 
_struct_conf.pdbx_PDB_helix_length 
HELX_P HELX_P1 1 HIS A 11  ? ALA A 25  ? HIS A 16  ALA A 30  1 ? 15 
HELX_P HELX_P2 2 ARG A 44  ? THR A 50  ? ARG A 49  THR A 55  1 ? 7  
HELX_P HELX_P3 3 LYS A 52  ? PHE A 58  ? LYS A 57  PHE A 63  7 ? 7  
HELX_P HELX_P4 4 PRO A 72  ? THR A 84  ? PRO A 77  THR A 89  1 ? 13 
HELX_P HELX_P5 5 ALA A 91  ? LEU A 104 ? ALA A 96  LEU A 109 5 ? 14 
HELX_P HELX_P6 6 GLU A 107 ? GLN A 121 ? GLU A 112 GLN A 126 1 ? 15 
# 
_struct_conf_type.id          HELX_P 
_struct_conf_type.criteria    ? 
_struct_conf_type.reference   ? 
# 
_struct_sheet.id               A 
_struct_sheet.type             ? 
_struct_sheet.number_strands   3 
_struct_sheet.details          ? 
# 
loop_
_struct_sheet_order.sheet_id 
_struct_sheet_order.range_id_1 
_struct_sheet_order.range_id_2 
_struct_sheet_order.offset 
_struct_sheet_order.sense 
A 1 2 ? anti-parallel 
A 2 3 ? parallel      
# 
loop_
_struct_sheet_range.sheet_id 
_struct_sheet_range.id 
_struct_sheet_range.beg_label_comp_id 
_struct_sheet_range.beg_label_asym_id 
_struct_sheet_range.beg_label_seq_id 
_struct_sheet_range.pdbx_beg_PDB_ins_code 
_struct_sheet_range.end_label_comp_id 
_struct_sheet_range.end_label_asym_id 
_struct_sheet_range.end_label_seq_id 
_struct_sheet_range.pdbx_end_PDB_ins_code 
_struct_sheet_range.beg_auth_comp_id 
_struct_sheet_range.beg_auth_asym_id 
_struct_sheet_range.beg_auth_seq_id 
_struct_sheet_range.end_auth_comp_id 
_struct_sheet_range.end_auth_asym_id 
_struct_sheet_range.end_auth_seq_id 
A 1 GLN A 38 ? ALA A 42 ? GLN A 43 ALA A 47 
A 2 VAL A 31 ? VAL A 35 ? VAL A 36 VAL A 40 
A 3 HIS A 64 ? LEU A 67 ? HIS A 69 LEU A 72 
# 
loop_
_pdbx_struct_sheet_hbond.sheet_id 
_pdbx_struct_sheet_hbond.range_id_1 
_pdbx_struct_sheet_hbond.range_id_2 
_pdbx_struct_sheet_hbond.range_1_label_atom_id 
_pdbx_struct_sheet_hbond.range_1_label_comp_id 
_pdbx_struct_sheet_hbond.range_1_label_asym_id 
_pdbx_struct_sheet_hbond.range_1_label_seq_id 
_pdbx_struct_sheet_hbond.range_1_PDB_ins_code 
_pdbx_struct_sheet_hbond.range_1_auth_atom_id 
_pdbx_struct_sheet_hbond.range_1_auth_comp_id 
_pdbx_struct_sheet_hbond.range_1_auth_asym_id 
_pdbx_struct_sheet_hbond.range_1_auth_seq_id 
_pdbx_struct_sheet_hbond.range_2_label_atom_id 
_pdbx_struct_sheet_hbond.range_2_label_comp_id 
_pdbx_struct_sheet_hbond.range_2_label_asym_id 
_pdbx_struct_sheet_hbond.range_2_label_seq_id 
_pdbx_struct_sheet_hbond.range_2_PDB_ins_code 
_pdbx_struct_sheet_hbond.range_2_auth_atom_id 
_pdbx_struct_sheet_hbond.range_2_auth_comp_id 
_pdbx_struct_sheet_hbond.range_2_auth_asym_id 
_pdbx_struct_sheet_hbond.range_2_auth_seq_id 
A 1 2 O GLN A 38 ? O GLN A 43 N VAL A 35 ? N VAL A 40 
A 2 3 O VAL A 32 ? O VAL A 37 N TYR A 65 ? N TYR A 70 
# 
loop_
_pdbx_validate_rmsd_angle.id 
_pdbx_validate_rmsd_angle.PDB_model_num 
_pdbx_validate_rmsd_angle.auth_atom_id_1 
_pdbx_validate_rmsd_angle.auth_asym_id_1 
_pdbx_validate_rmsd_angle.auth_comp_id_1 
_pdbx_validate_rmsd_angle.auth_seq_id_1 
_pdbx_validate_rmsd_angle.PDB_ins_code_1 
_pdbx_validate_rmsd_angle.label_alt_id_1 
_pdbx_validate_rmsd_angle.auth_atom_id_2 
_pdbx_validate_rmsd_angle.auth_asym_id_2 
_pdbx_validate_rmsd_angle.auth_comp_id_2 
_pdbx_validate_rmsd_angle.auth_seq_id_2 
_pdbx_validate_rmsd_angle.PDB_ins_code_2 
_pdbx_validate_rmsd_angle.label_alt_id_2 
_pdbx_validate_rmsd_angle.auth_atom_id_3 
_pdbx_validate_rmsd_angle.auth_asym_id_3 
_pdbx_validate_rmsd_angle.auth_comp_id_3 
_pdbx_validate_rmsd_angle.auth_seq_id_3 
_pdbx_validate_rmsd_angle.PDB_ins_code_3 
_pdbx_validate_rmsd_angle.label_alt_id_3 
_pdbx_validate_rmsd_angle.angle_value 
_pdbx_validate_rmsd_angle.angle_target_value 
_pdbx_validate_rmsd_angle.angle_deviation 
_pdbx_validate_rmsd_angle.angle_standard_deviation 
_pdbx_validate_rmsd_angle.linker_flag 
1  1 O  A GLN 26  ? ? C  A GLN 26  ? ? N   A MET 27  ? ? 112.78 122.70 -9.92  1.60 Y 
2  1 NE A ARG 28  ? ? CZ A ARG 28  ? ? NH2 A ARG 28  ? ? 116.63 120.30 -3.67  0.50 N 
3  1 NE A ARG 49  ? ? CZ A ARG 49  ? ? NH1 A ARG 49  ? ? 124.45 120.30 4.15   0.50 N 
4  1 NE A ARG 49  ? ? CZ A ARG 49  ? ? NH2 A ARG 49  ? ? 112.71 120.30 -7.59  0.50 N 
5  1 CA A MET 58  ? ? CB A MET 58  ? ? CG  A MET 58  ? A 125.04 113.30 11.74  1.70 N 
6  1 CG A MET 58  ? A SD A MET 58  ? A CE  A MET 58  ? A 82.14  100.20 -18.06 1.60 N 
7  1 CB A LEU 62  ? ? CA A LEU 62  ? ? C   A LEU 62  ? ? 97.82  110.20 -12.38 1.90 N 
8  1 N  A LEU 62  ? ? CA A LEU 62  ? ? CB  A LEU 62  ? ? 125.61 110.40 15.21  2.00 N 
9  1 CB A TYR 86  ? ? CG A TYR 86  ? ? CD2 A TYR 86  ? ? 115.29 121.00 -5.71  0.60 N 
10 1 CB A TYR 86  ? ? CG A TYR 86  ? ? CD1 A TYR 86  ? ? 126.63 121.00 5.63   0.60 N 
11 1 O  A LEU 92  ? ? C  A LEU 92  ? ? N   A GLN 93  ? ? 136.27 122.70 13.57  1.60 Y 
12 1 CB A ASP 100 ? ? CG A ASP 100 ? ? OD1 A ASP 100 ? ? 126.46 118.30 8.16   0.90 N 
13 1 N  A ALA 106 ? ? CA A ALA 106 ? ? CB  A ALA 106 ? ? 122.67 110.10 12.57  1.40 N 
14 1 CB A TYR 113 ? ? CG A TYR 113 ? ? CD2 A TYR 113 ? ? 114.68 121.00 -6.32  0.60 N 
# 
loop_
_pdbx_validate_torsion.id 
_pdbx_validate_torsion.PDB_model_num 
_pdbx_validate_torsion.auth_comp_id 
_pdbx_validate_torsion.auth_asym_id 
_pdbx_validate_torsion.auth_seq_id 
_pdbx_validate_torsion.PDB_ins_code 
_pdbx_validate_torsion.label_alt_id 
_pdbx_validate_torsion.phi 
_pdbx_validate_torsion.psi 
1 1 LEU A 33 ? ? 58.17 18.83   
2 1 ASP A 41 ? ? 51.59 -121.62 
3 1 ALA A 90 ? ? 80.69 7.90    
# 
_pdbx_validate_main_chain_plane.id                       1 
_pdbx_validate_main_chain_plane.PDB_model_num            1 
_pdbx_validate_main_chain_plane.auth_comp_id             LEU 
_pdbx_validate_main_chain_plane.auth_asym_id             A 
_pdbx_validate_main_chain_plane.auth_seq_id              62 
_pdbx_validate_main_chain_plane.PDB_ins_code             ? 
_pdbx_validate_main_chain_plane.label_alt_id             ? 
_pdbx_validate_main_chain_plane.improper_torsion_angle   12.42 
# 
loop_
_pdbx_struct_special_symmetry.id 
_pdbx_struct_special_symmetry.PDB_model_num 
_pdbx_struct_special_symmetry.auth_asym_id 
_pdbx_struct_special_symmetry.auth_comp_id 
_pdbx_struct_special_symmetry.auth_seq_id 
_pdbx_struct_special_symmetry.PDB_ins_code 
_pdbx_struct_special_symmetry.label_asym_id 
_pdbx_struct_special_symmetry.label_comp_id 
_pdbx_struct_special_symmetry.label_seq_id 
1 1 A HOH 627 ? B HOH . 
2 1 A HOH 628 ? B HOH . 
3 1 A HOH 629 ? B HOH . 
# 
loop_
_chem_comp_atom.comp_id 
_chem_comp_atom.atom_id 
_chem_comp_atom.type_symbol 
_chem_comp_atom.pdbx_aromatic_flag 
_chem_comp_atom.pdbx_stereo_config 
_chem_comp_atom.pdbx_ordinal 
ALA N    N N N 1   
ALA CA   C N S 2   
ALA C    C N N 3   
ALA O    O N N 4   
ALA CB   C N N 5   
ALA OXT  O N N 6   
ALA H    H N N 7   
ALA H2   H N N 8   
ALA HA   H N N 9   
ALA HB1  H N N 10  
ALA HB2  H N N 11  
ALA HB3  H N N 12  
ALA HXT  H N N 13  
ARG N    N N N 14  
ARG CA   C N S 15  
ARG C    C N N 16  
ARG O    O N N 17  
ARG CB   C N N 18  
ARG CG   C N N 19  
ARG CD   C N N 20  
ARG NE   N N N 21  
ARG CZ   C N N 22  
ARG NH1  N N N 23  
ARG NH2  N N N 24  
ARG OXT  O N N 25  
ARG H    H N N 26  
ARG H2   H N N 27  
ARG HA   H N N 28  
ARG HB2  H N N 29  
ARG HB3  H N N 30  
ARG HG2  H N N 31  
ARG HG3  H N N 32  
ARG HD2  H N N 33  
ARG HD3  H N N 34  
ARG HE   H N N 35  
ARG HH11 H N N 36  
ARG HH12 H N N 37  
ARG HH21 H N N 38  
ARG HH22 H N N 39  
ARG HXT  H N N 40  
ASN N    N N N 41  
ASN CA   C N S 42  
ASN C    C N N 43  
ASN O    O N N 44  
ASN CB   C N N 45  
ASN CG   C N N 46  
ASN OD1  O N N 47  
ASN ND2  N N N 48  
ASN OXT  O N N 49  
ASN H    H N N 50  
ASN H2   H N N 51  
ASN HA   H N N 52  
ASN HB2  H N N 53  
ASN HB3  H N N 54  
ASN HD21 H N N 55  
ASN HD22 H N N 56  
ASN HXT  H N N 57  
ASP N    N N N 58  
ASP CA   C N S 59  
ASP C    C N N 60  
ASP O    O N N 61  
ASP CB   C N N 62  
ASP CG   C N N 63  
ASP OD1  O N N 64  
ASP OD2  O N N 65  
ASP OXT  O N N 66  
ASP H    H N N 67  
ASP H2   H N N 68  
ASP HA   H N N 69  
ASP HB2  H N N 70  
ASP HB3  H N N 71  
ASP HD2  H N N 72  
ASP HXT  H N N 73  
CYS N    N N N 74  
CYS CA   C N R 75  
CYS C    C N N 76  
CYS O    O N N 77  
CYS CB   C N N 78  
CYS SG   S N N 79  
CYS OXT  O N N 80  
CYS H    H N N 81  
CYS H2   H N N 82  
CYS HA   H N N 83  
CYS HB2  H N N 84  
CYS HB3  H N N 85  
CYS HG   H N N 86  
CYS HXT  H N N 87  
GLN N    N N N 88  
GLN CA   C N S 89  
GLN C    C N N 90  
GLN O    O N N 91  
GLN CB   C N N 92  
GLN CG   C N N 93  
GLN CD   C N N 94  
GLN OE1  O N N 95  
GLN NE2  N N N 96  
GLN OXT  O N N 97  
GLN H    H N N 98  
GLN H2   H N N 99  
GLN HA   H N N 100 
GLN HB2  H N N 101 
GLN HB3  H N N 102 
GLN HG2  H N N 103 
GLN HG3  H N N 104 
GLN HE21 H N N 105 
GLN HE22 H N N 106 
GLN HXT  H N N 107 
GLU N    N N N 108 
GLU CA   C N S 109 
GLU C    C N N 110 
GLU O    O N N 111 
GLU CB   C N N 112 
GLU CG   C N N 113 
GLU CD   C N N 114 
GLU OE1  O N N 115 
GLU OE2  O N N 116 
GLU OXT  O N N 117 
GLU H    H N N 118 
GLU H2   H N N 119 
GLU HA   H N N 120 
GLU HB2  H N N 121 
GLU HB3  H N N 122 
GLU HG2  H N N 123 
GLU HG3  H N N 124 
GLU HE2  H N N 125 
GLU HXT  H N N 126 
GLY N    N N N 127 
GLY CA   C N N 128 
GLY C    C N N 129 
GLY O    O N N 130 
GLY OXT  O N N 131 
GLY H    H N N 132 
GLY H2   H N N 133 
GLY HA2  H N N 134 
GLY HA3  H N N 135 
GLY HXT  H N N 136 
HIS N    N N N 137 
HIS CA   C N S 138 
HIS C    C N N 139 
HIS O    O N N 140 
HIS CB   C N N 141 
HIS CG   C Y N 142 
HIS ND1  N Y N 143 
HIS CD2  C Y N 144 
HIS CE1  C Y N 145 
HIS NE2  N Y N 146 
HIS OXT  O N N 147 
HIS H    H N N 148 
HIS H2   H N N 149 
HIS HA   H N N 150 
HIS HB2  H N N 151 
HIS HB3  H N N 152 
HIS HD1  H N N 153 
HIS HD2  H N N 154 
HIS HE1  H N N 155 
HIS HE2  H N N 156 
HIS HXT  H N N 157 
HOH O    O N N 158 
HOH H1   H N N 159 
HOH H2   H N N 160 
ILE N    N N N 161 
ILE CA   C N S 162 
ILE C    C N N 163 
ILE O    O N N 164 
ILE CB   C N S 165 
ILE CG1  C N N 166 
ILE CG2  C N N 167 
ILE CD1  C N N 168 
ILE OXT  O N N 169 
ILE H    H N N 170 
ILE H2   H N N 171 
ILE HA   H N N 172 
ILE HB   H N N 173 
ILE HG12 H N N 174 
ILE HG13 H N N 175 
ILE HG21 H N N 176 
ILE HG22 H N N 177 
ILE HG23 H N N 178 
ILE HD11 H N N 179 
ILE HD12 H N N 180 
ILE HD13 H N N 181 
ILE HXT  H N N 182 
LEU N    N N N 183 
LEU CA   C N S 184 
LEU C    C N N 185 
LEU O    O N N 186 
LEU CB   C N N 187 
LEU CG   C N N 188 
LEU CD1  C N N 189 
LEU CD2  C N N 190 
LEU OXT  O N N 191 
LEU H    H N N 192 
LEU H2   H N N 193 
LEU HA   H N N 194 
LEU HB2  H N N 195 
LEU HB3  H N N 196 
LEU HG   H N N 197 
LEU HD11 H N N 198 
LEU HD12 H N N 199 
LEU HD13 H N N 200 
LEU HD21 H N N 201 
LEU HD22 H N N 202 
LEU HD23 H N N 203 
LEU HXT  H N N 204 
LYS N    N N N 205 
LYS CA   C N S 206 
LYS C    C N N 207 
LYS O    O N N 208 
LYS CB   C N N 209 
LYS CG   C N N 210 
LYS CD   C N N 211 
LYS CE   C N N 212 
LYS NZ   N N N 213 
LYS OXT  O N N 214 
LYS H    H N N 215 
LYS H2   H N N 216 
LYS HA   H N N 217 
LYS HB2  H N N 218 
LYS HB3  H N N 219 
LYS HG2  H N N 220 
LYS HG3  H N N 221 
LYS HD2  H N N 222 
LYS HD3  H N N 223 
LYS HE2  H N N 224 
LYS HE3  H N N 225 
LYS HZ1  H N N 226 
LYS HZ2  H N N 227 
LYS HZ3  H N N 228 
LYS HXT  H N N 229 
MET N    N N N 230 
MET CA   C N S 231 
MET C    C N N 232 
MET O    O N N 233 
MET CB   C N N 234 
MET CG   C N N 235 
MET SD   S N N 236 
MET CE   C N N 237 
MET OXT  O N N 238 
MET H    H N N 239 
MET H2   H N N 240 
MET HA   H N N 241 
MET HB2  H N N 242 
MET HB3  H N N 243 
MET HG2  H N N 244 
MET HG3  H N N 245 
MET HE1  H N N 246 
MET HE2  H N N 247 
MET HE3  H N N 248 
MET HXT  H N N 249 
PHE N    N N N 250 
PHE CA   C N S 251 
PHE C    C N N 252 
PHE O    O N N 253 
PHE CB   C N N 254 
PHE CG   C Y N 255 
PHE CD1  C Y N 256 
PHE CD2  C Y N 257 
PHE CE1  C Y N 258 
PHE CE2  C Y N 259 
PHE CZ   C Y N 260 
PHE OXT  O N N 261 
PHE H    H N N 262 
PHE H2   H N N 263 
PHE HA   H N N 264 
PHE HB2  H N N 265 
PHE HB3  H N N 266 
PHE HD1  H N N 267 
PHE HD2  H N N 268 
PHE HE1  H N N 269 
PHE HE2  H N N 270 
PHE HZ   H N N 271 
PHE HXT  H N N 272 
PRO N    N N N 273 
PRO CA   C N S 274 
PRO C    C N N 275 
PRO O    O N N 276 
PRO CB   C N N 277 
PRO CG   C N N 278 
PRO CD   C N N 279 
PRO OXT  O N N 280 
PRO H    H N N 281 
PRO HA   H N N 282 
PRO HB2  H N N 283 
PRO HB3  H N N 284 
PRO HG2  H N N 285 
PRO HG3  H N N 286 
PRO HD2  H N N 287 
PRO HD3  H N N 288 
PRO HXT  H N N 289 
SER N    N N N 290 
SER CA   C N S 291 
SER C    C N N 292 
SER O    O N N 293 
SER CB   C N N 294 
SER OG   O N N 295 
SER OXT  O N N 296 
SER H    H N N 297 
SER H2   H N N 298 
SER HA   H N N 299 
SER HB2  H N N 300 
SER HB3  H N N 301 
SER HG   H N N 302 
SER HXT  H N N 303 
THR N    N N N 304 
THR CA   C N S 305 
THR C    C N N 306 
THR O    O N N 307 
THR CB   C N R 308 
THR OG1  O N N 309 
THR CG2  C N N 310 
THR OXT  O N N 311 
THR H    H N N 312 
THR H2   H N N 313 
THR HA   H N N 314 
THR HB   H N N 315 
THR HG1  H N N 316 
THR HG21 H N N 317 
THR HG22 H N N 318 
THR HG23 H N N 319 
THR HXT  H N N 320 
TYR N    N N N 321 
TYR CA   C N S 322 
TYR C    C N N 323 
TYR O    O N N 324 
TYR CB   C N N 325 
TYR CG   C Y N 326 
TYR CD1  C Y N 327 
TYR CD2  C Y N 328 
TYR CE1  C Y N 329 
TYR CE2  C Y N 330 
TYR CZ   C Y N 331 
TYR OH   O N N 332 
TYR OXT  O N N 333 
TYR H    H N N 334 
TYR H2   H N N 335 
TYR HA   H N N 336 
TYR HB2  H N N 337 
TYR HB3  H N N 338 
TYR HD1  H N N 339 
TYR HD2  H N N 340 
TYR HE1  H N N 341 
TYR HE2  H N N 342 
TYR HH   H N N 343 
TYR HXT  H N N 344 
VAL N    N N N 345 
VAL CA   C N S 346 
VAL C    C N N 347 
VAL O    O N N 348 
VAL CB   C N N 349 
VAL CG1  C N N 350 
VAL CG2  C N N 351 
VAL OXT  O N N 352 
VAL H    H N N 353 
VAL H2   H N N 354 
VAL HA   H N N 355 
VAL HB   H N N 356 
VAL HG11 H N N 357 
VAL HG12 H N N 358 
VAL HG13 H N N 359 
VAL HG21 H N N 360 
VAL HG22 H N N 361 
VAL HG23 H N N 362 
VAL HXT  H N N 363 
# 
loop_
_chem_comp_bond.comp_id 
_chem_comp_bond.atom_id_1 
_chem_comp_bond.atom_id_2 
_chem_comp_bond.value_order 
_chem_comp_bond.pdbx_aromatic_flag 
_chem_comp_bond.pdbx_stereo_config 
_chem_comp_bond.pdbx_ordinal 
ALA N   CA   sing N N 1   
ALA N   H    sing N N 2   
ALA N   H2   sing N N 3   
ALA CA  C    sing N N 4   
ALA CA  CB   sing N N 5   
ALA CA  HA   sing N N 6   
ALA C   O    doub N N 7   
ALA C   OXT  sing N N 8   
ALA CB  HB1  sing N N 9   
ALA CB  HB2  sing N N 10  
ALA CB  HB3  sing N N 11  
ALA OXT HXT  sing N N 12  
ARG N   CA   sing N N 13  
ARG N   H    sing N N 14  
ARG N   H2   sing N N 15  
ARG CA  C    sing N N 16  
ARG CA  CB   sing N N 17  
ARG CA  HA   sing N N 18  
ARG C   O    doub N N 19  
ARG C   OXT  sing N N 20  
ARG CB  CG   sing N N 21  
ARG CB  HB2  sing N N 22  
ARG CB  HB3  sing N N 23  
ARG CG  CD   sing N N 24  
ARG CG  HG2  sing N N 25  
ARG CG  HG3  sing N N 26  
ARG CD  NE   sing N N 27  
ARG CD  HD2  sing N N 28  
ARG CD  HD3  sing N N 29  
ARG NE  CZ   sing N N 30  
ARG NE  HE   sing N N 31  
ARG CZ  NH1  sing N N 32  
ARG CZ  NH2  doub N N 33  
ARG NH1 HH11 sing N N 34  
ARG NH1 HH12 sing N N 35  
ARG NH2 HH21 sing N N 36  
ARG NH2 HH22 sing N N 37  
ARG OXT HXT  sing N N 38  
ASN N   CA   sing N N 39  
ASN N   H    sing N N 40  
ASN N   H2   sing N N 41  
ASN CA  C    sing N N 42  
ASN CA  CB   sing N N 43  
ASN CA  HA   sing N N 44  
ASN C   O    doub N N 45  
ASN C   OXT  sing N N 46  
ASN CB  CG   sing N N 47  
ASN CB  HB2  sing N N 48  
ASN CB  HB3  sing N N 49  
ASN CG  OD1  doub N N 50  
ASN CG  ND2  sing N N 51  
ASN ND2 HD21 sing N N 52  
ASN ND2 HD22 sing N N 53  
ASN OXT HXT  sing N N 54  
ASP N   CA   sing N N 55  
ASP N   H    sing N N 56  
ASP N   H2   sing N N 57  
ASP CA  C    sing N N 58  
ASP CA  CB   sing N N 59  
ASP CA  HA   sing N N 60  
ASP C   O    doub N N 61  
ASP C   OXT  sing N N 62  
ASP CB  CG   sing N N 63  
ASP CB  HB2  sing N N 64  
ASP CB  HB3  sing N N 65  
ASP CG  OD1  doub N N 66  
ASP CG  OD2  sing N N 67  
ASP OD2 HD2  sing N N 68  
ASP OXT HXT  sing N N 69  
CYS N   CA   sing N N 70  
CYS N   H    sing N N 71  
CYS N   H2   sing N N 72  
CYS CA  C    sing N N 73  
CYS CA  CB   sing N N 74  
CYS CA  HA   sing N N 75  
CYS C   O    doub N N 76  
CYS C   OXT  sing N N 77  
CYS CB  SG   sing N N 78  
CYS CB  HB2  sing N N 79  
CYS CB  HB3  sing N N 80  
CYS SG  HG   sing N N 81  
CYS OXT HXT  sing N N 82  
GLN N   CA   sing N N 83  
GLN N   H    sing N N 84  
GLN N   H2   sing N N 85  
GLN CA  C    sing N N 86  
GLN CA  CB   sing N N 87  
GLN CA  HA   sing N N 88  
GLN C   O    doub N N 89  
GLN C   OXT  sing N N 90  
GLN CB  CG   sing N N 91  
GLN CB  HB2  sing N N 92  
GLN CB  HB3  sing N N 93  
GLN CG  CD   sing N N 94  
GLN CG  HG2  sing N N 95  
GLN CG  HG3  sing N N 96  
GLN CD  OE1  doub N N 97  
GLN CD  NE2  sing N N 98  
GLN NE2 HE21 sing N N 99  
GLN NE2 HE22 sing N N 100 
GLN OXT HXT  sing N N 101 
GLU N   CA   sing N N 102 
GLU N   H    sing N N 103 
GLU N   H2   sing N N 104 
GLU CA  C    sing N N 105 
GLU CA  CB   sing N N 106 
GLU CA  HA   sing N N 107 
GLU C   O    doub N N 108 
GLU C   OXT  sing N N 109 
GLU CB  CG   sing N N 110 
GLU CB  HB2  sing N N 111 
GLU CB  HB3  sing N N 112 
GLU CG  CD   sing N N 113 
GLU CG  HG2  sing N N 114 
GLU CG  HG3  sing N N 115 
GLU CD  OE1  doub N N 116 
GLU CD  OE2  sing N N 117 
GLU OE2 HE2  sing N N 118 
GLU OXT HXT  sing N N 119 
GLY N   CA   sing N N 120 
GLY N   H    sing N N 121 
GLY N   H2   sing N N 122 
GLY CA  C    sing N N 123 
GLY CA  HA2  sing N N 124 
GLY CA  HA3  sing N N 125 
GLY C   O    doub N N 126 
GLY C   OXT  sing N N 127 
GLY OXT HXT  sing N N 128 
HIS N   CA   sing N N 129 
HIS N   H    sing N N 130 
HIS N   H2   sing N N 131 
HIS CA  C    sing N N 132 
HIS CA  CB   sing N N 133 
HIS CA  HA   sing N N 134 
HIS C   O    doub N N 135 
HIS C   OXT  sing N N 136 
HIS CB  CG   sing N N 137 
HIS CB  HB2  sing N N 138 
HIS CB  HB3  sing N N 139 
HIS CG  ND1  sing Y N 140 
HIS CG  CD2  doub Y N 141 
HIS ND1 CE1  doub Y N 142 
HIS ND1 HD1  sing N N 143 
HIS CD2 NE2  sing Y N 144 
HIS CD2 HD2  sing N N 145 
HIS CE1 NE2  sing Y N 146 
HIS CE1 HE1  sing N N 147 
HIS NE2 HE2  sing N N 148 
HIS OXT HXT  sing N N 149 
HOH O   H1   sing N N 150 
HOH O   H2   sing N N 151 
ILE N   CA   sing N N 152 
ILE N   H    sing N N 153 
ILE N   H2   sing N N 154 
ILE CA  C    sing N N 155 
ILE CA  CB   sing N N 156 
ILE CA  HA   sing N N 157 
ILE C   O    doub N N 158 
ILE C   OXT  sing N N 159 
ILE CB  CG1  sing N N 160 
ILE CB  CG2  sing N N 161 
ILE CB  HB   sing N N 162 
ILE CG1 CD1  sing N N 163 
ILE CG1 HG12 sing N N 164 
ILE CG1 HG13 sing N N 165 
ILE CG2 HG21 sing N N 166 
ILE CG2 HG22 sing N N 167 
ILE CG2 HG23 sing N N 168 
ILE CD1 HD11 sing N N 169 
ILE CD1 HD12 sing N N 170 
ILE CD1 HD13 sing N N 171 
ILE OXT HXT  sing N N 172 
LEU N   CA   sing N N 173 
LEU N   H    sing N N 174 
LEU N   H2   sing N N 175 
LEU CA  C    sing N N 176 
LEU CA  CB   sing N N 177 
LEU CA  HA   sing N N 178 
LEU C   O    doub N N 179 
LEU C   OXT  sing N N 180 
LEU CB  CG   sing N N 181 
LEU CB  HB2  sing N N 182 
LEU CB  HB3  sing N N 183 
LEU CG  CD1  sing N N 184 
LEU CG  CD2  sing N N 185 
LEU CG  HG   sing N N 186 
LEU CD1 HD11 sing N N 187 
LEU CD1 HD12 sing N N 188 
LEU CD1 HD13 sing N N 189 
LEU CD2 HD21 sing N N 190 
LEU CD2 HD22 sing N N 191 
LEU CD2 HD23 sing N N 192 
LEU OXT HXT  sing N N 193 
LYS N   CA   sing N N 194 
LYS N   H    sing N N 195 
LYS N   H2   sing N N 196 
LYS CA  C    sing N N 197 
LYS CA  CB   sing N N 198 
LYS CA  HA   sing N N 199 
LYS C   O    doub N N 200 
LYS C   OXT  sing N N 201 
LYS CB  CG   sing N N 202 
LYS CB  HB2  sing N N 203 
LYS CB  HB3  sing N N 204 
LYS CG  CD   sing N N 205 
LYS CG  HG2  sing N N 206 
LYS CG  HG3  sing N N 207 
LYS CD  CE   sing N N 208 
LYS CD  HD2  sing N N 209 
LYS CD  HD3  sing N N 210 
LYS CE  NZ   sing N N 211 
LYS CE  HE2  sing N N 212 
LYS CE  HE3  sing N N 213 
LYS NZ  HZ1  sing N N 214 
LYS NZ  HZ2  sing N N 215 
LYS NZ  HZ3  sing N N 216 
LYS OXT HXT  sing N N 217 
MET N   CA   sing N N 218 
MET N   H    sing N N 219 
MET N   H2   sing N N 220 
MET CA  C    sing N N 221 
MET CA  CB   sing N N 222 
MET CA  HA   sing N N 223 
MET C   O    doub N N 224 
MET C   OXT  sing N N 225 
MET CB  CG   sing N N 226 
MET CB  HB2  sing N N 227 
MET CB  HB3  sing N N 228 
MET CG  SD   sing N N 229 
MET CG  HG2  sing N N 230 
MET CG  HG3  sing N N 231 
MET SD  CE   sing N N 232 
MET CE  HE1  sing N N 233 
MET CE  HE2  sing N N 234 
MET CE  HE3  sing N N 235 
MET OXT HXT  sing N N 236 
PHE N   CA   sing N N 237 
PHE N   H    sing N N 238 
PHE N   H2   sing N N 239 
PHE CA  C    sing N N 240 
PHE CA  CB   sing N N 241 
PHE CA  HA   sing N N 242 
PHE C   O    doub N N 243 
PHE C   OXT  sing N N 244 
PHE CB  CG   sing N N 245 
PHE CB  HB2  sing N N 246 
PHE CB  HB3  sing N N 247 
PHE CG  CD1  doub Y N 248 
PHE CG  CD2  sing Y N 249 
PHE CD1 CE1  sing Y N 250 
PHE CD1 HD1  sing N N 251 
PHE CD2 CE2  doub Y N 252 
PHE CD2 HD2  sing N N 253 
PHE CE1 CZ   doub Y N 254 
PHE CE1 HE1  sing N N 255 
PHE CE2 CZ   sing Y N 256 
PHE CE2 HE2  sing N N 257 
PHE CZ  HZ   sing N N 258 
PHE OXT HXT  sing N N 259 
PRO N   CA   sing N N 260 
PRO N   CD   sing N N 261 
PRO N   H    sing N N 262 
PRO CA  C    sing N N 263 
PRO CA  CB   sing N N 264 
PRO CA  HA   sing N N 265 
PRO C   O    doub N N 266 
PRO C   OXT  sing N N 267 
PRO CB  CG   sing N N 268 
PRO CB  HB2  sing N N 269 
PRO CB  HB3  sing N N 270 
PRO CG  CD   sing N N 271 
PRO CG  HG2  sing N N 272 
PRO CG  HG3  sing N N 273 
PRO CD  HD2  sing N N 274 
PRO CD  HD3  sing N N 275 
PRO OXT HXT  sing N N 276 
SER N   CA   sing N N 277 
SER N   H    sing N N 278 
SER N   H2   sing N N 279 
SER CA  C    sing N N 280 
SER CA  CB   sing N N 281 
SER CA  HA   sing N N 282 
SER C   O    doub N N 283 
SER C   OXT  sing N N 284 
SER CB  OG   sing N N 285 
SER CB  HB2  sing N N 286 
SER CB  HB3  sing N N 287 
SER OG  HG   sing N N 288 
SER OXT HXT  sing N N 289 
THR N   CA   sing N N 290 
THR N   H    sing N N 291 
THR N   H2   sing N N 292 
THR CA  C    sing N N 293 
THR CA  CB   sing N N 294 
THR CA  HA   sing N N 295 
THR C   O    doub N N 296 
THR C   OXT  sing N N 297 
THR CB  OG1  sing N N 298 
THR CB  CG2  sing N N 299 
THR CB  HB   sing N N 300 
THR OG1 HG1  sing N N 301 
THR CG2 HG21 sing N N 302 
THR CG2 HG22 sing N N 303 
THR CG2 HG23 sing N N 304 
THR OXT HXT  sing N N 305 
TYR N   CA   sing N N 306 
TYR N   H    sing N N 307 
TYR N   H2   sing N N 308 
TYR CA  C    sing N N 309 
TYR CA  CB   sing N N 310 
TYR CA  HA   sing N N 311 
TYR C   O    doub N N 312 
TYR C   OXT  sing N N 313 
TYR CB  CG   sing N N 314 
TYR CB  HB2  sing N N 315 
TYR CB  HB3  sing N N 316 
TYR CG  CD1  doub Y N 317 
TYR CG  CD2  sing Y N 318 
TYR CD1 CE1  sing Y N 319 
TYR CD1 HD1  sing N N 320 
TYR CD2 CE2  doub Y N 321 
TYR CD2 HD2  sing N N 322 
TYR CE1 CZ   doub Y N 323 
TYR CE1 HE1  sing N N 324 
TYR CE2 CZ   sing Y N 325 
TYR CE2 HE2  sing N N 326 
TYR CZ  OH   sing N N 327 
TYR OH  HH   sing N N 328 
TYR OXT HXT  sing N N 329 
VAL N   CA   sing N N 330 
VAL N   H    sing N N 331 
VAL N   H2   sing N N 332 
VAL CA  C    sing N N 333 
VAL CA  CB   sing N N 334 
VAL CA  HA   sing N N 335 
VAL C   O    doub N N 336 
VAL C   OXT  sing N N 337 
VAL CB  CG1  sing N N 338 
VAL CB  CG2  sing N N 339 
VAL CB  HB   sing N N 340 
VAL CG1 HG11 sing N N 341 
VAL CG1 HG12 sing N N 342 
VAL CG1 HG13 sing N N 343 
VAL CG2 HG21 sing N N 344 
VAL CG2 HG22 sing N N 345 
VAL CG2 HG23 sing N N 346 
VAL OXT HXT  sing N N 347 
# 
_atom_sites.entry_id                    1BUO 
_atom_sites.fract_transf_matrix[1][1]   0.00062152 
_atom_sites.fract_transf_matrix[1][2]   0.00934393 
_atom_sites.fract_transf_matrix[1][3]   0.01009270 
_atom_sites.fract_transf_matrix[2][1]   -0.00709479 
_atom_sites.fract_transf_matrix[2][2]   -0.00843731 
_atom_sites.fract_transf_matrix[2][3]   0.00824825 
_atom_sites.fract_transf_matrix[3][1]   0.00506471 
_atom_sites.fract_transf_matrix[3][2]   -0.00239557 
_atom_sites.fract_transf_matrix[3][3]   0.00190596 
_atom_sites.fract_transf_vector[1]      0.294631 
_atom_sites.fract_transf_vector[2]      0.152812 
_atom_sites.fract_transf_vector[3]      0.073977 
# 
loop_
_atom_type.symbol 
C 
N 
O 
S 
# 
loop_
_atom_site.group_PDB 
_atom_site.id 
_atom_site.type_symbol 
_atom_site.label_atom_id 
_atom_site.label_alt_id 
_atom_site.label_comp_id 
_atom_site.label_asym_id 
_atom_site.label_entity_id 
_atom_site.label_seq_id 
_atom_site.pdbx_PDB_ins_code 
_atom_site.Cartn_x 
_atom_site.Cartn_y 
_atom_site.Cartn_z 
_atom_site.occupancy 
_atom_site.B_iso_or_equiv 
_atom_site.pdbx_formal_charge 
_atom_site.auth_seq_id 
_atom_site.auth_comp_id 
_atom_site.auth_asym_id 
_atom_site.auth_atom_id 
_atom_site.pdbx_PDB_model_num 
ATOM   1    N N   . MET A 1 1   ? -2.209  -20.253 37.036  1.00 51.93 ? 6   MET A N   1 
ATOM   2    C CA  . MET A 1 1   ? -0.756  -20.600 36.858  1.00 49.59 ? 6   MET A CA  1 
ATOM   3    C C   . MET A 1 1   ? 0.156   -19.363 36.733  1.00 47.08 ? 6   MET A C   1 
ATOM   4    O O   . MET A 1 1   ? -0.351  -18.235 36.817  1.00 41.25 ? 6   MET A O   1 
ATOM   5    C CB  . MET A 1 1   ? -0.545  -21.419 35.596  1.00 66.84 ? 6   MET A CB  1 
ATOM   6    C CG  . MET A 1 1   ? -0.089  -22.859 35.783  1.00 75.77 ? 6   MET A CG  1 
ATOM   7    S SD  . MET A 1 1   ? -1.369  -24.051 35.355  1.00 86.66 ? 6   MET A SD  1 
ATOM   8    C CE  . MET A 1 1   ? -2.126  -23.228 33.942  1.00 77.02 ? 6   MET A CE  1 
ATOM   9    N N   . GLY A 1 2   ? 1.445   -19.634 36.505  1.00 36.21 ? 7   GLY A N   1 
ATOM   10   C CA  . GLY A 1 2   ? 2.460   -18.619 36.284  1.00 36.90 ? 7   GLY A CA  1 
ATOM   11   C C   . GLY A 1 2   ? 2.703   -18.566 34.728  1.00 36.22 ? 7   GLY A C   1 
ATOM   12   O O   . GLY A 1 2   ? 2.428   -19.534 34.012  1.00 35.87 ? 7   GLY A O   1 
ATOM   13   N N   . MET A 1 3   ? 2.971   -17.381 34.187  1.00 29.84 ? 8   MET A N   1 
ATOM   14   C CA  . MET A 1 3   ? 3.141   -17.281 32.716  1.00 31.67 ? 8   MET A CA  1 
ATOM   15   C C   . MET A 1 3   ? 4.321   -16.349 32.584  1.00 31.80 ? 8   MET A C   1 
ATOM   16   O O   . MET A 1 3   ? 4.533   -15.556 33.492  1.00 28.13 ? 8   MET A O   1 
ATOM   17   C CB  . MET A 1 3   ? 1.916   -16.776 31.926  1.00 35.05 ? 8   MET A CB  1 
ATOM   18   C CG  . MET A 1 3   ? 2.027   -15.548 31.024  1.00 43.35 ? 8   MET A CG  1 
ATOM   19   S SD  . MET A 1 3   ? 0.570   -15.171 29.976  1.00 39.33 ? 8   MET A SD  1 
ATOM   20   C CE  . MET A 1 3   ? 0.408   -13.454 30.519  1.00 43.63 ? 8   MET A CE  1 
ATOM   21   N N   . ILE A 1 4   ? 5.031   -16.455 31.433  1.00 29.08 ? 9   ILE A N   1 
ATOM   22   C CA  . ILE A 1 4   ? 6.032   -15.422 31.146  1.00 22.92 ? 9   ILE A CA  1 
ATOM   23   C C   . ILE A 1 4   ? 5.537   -14.806 29.745  1.00 17.74 ? 9   ILE A C   1 
ATOM   24   O O   . ILE A 1 4   ? 4.843   -15.467 29.075  1.00 23.55 ? 9   ILE A O   1 
ATOM   25   C CB  . ILE A 1 4   ? 7.328   -16.190 30.921  1.00 34.44 ? 9   ILE A CB  1 
ATOM   26   C CG1 . ILE A 1 4   ? 8.161   -16.079 32.211  1.00 43.37 ? 9   ILE A CG1 1 
ATOM   27   C CG2 . ILE A 1 4   ? 8.128   -15.969 29.676  1.00 53.85 ? 9   ILE A CG2 1 
ATOM   28   C CD1 . ILE A 1 4   ? 7.797   -17.308 33.019  1.00 52.98 ? 9   ILE A CD1 1 
ATOM   29   N N   . GLN A 1 5   ? 5.730   -13.523 29.654  1.00 23.10 ? 10  GLN A N   1 
ATOM   30   C CA  . GLN A 1 5   ? 5.270   -12.774 28.486  1.00 27.94 ? 10  GLN A CA  1 
ATOM   31   C C   . GLN A 1 5   ? 6.429   -11.909 28.026  1.00 24.38 ? 10  GLN A C   1 
ATOM   32   O O   . GLN A 1 5   ? 7.148   -11.257 28.754  1.00 25.58 ? 10  GLN A O   1 
ATOM   33   C CB  . GLN A 1 5   ? 4.044   -11.890 28.786  1.00 31.60 ? 10  GLN A CB  1 
ATOM   34   C CG  . GLN A 1 5   ? 3.536   -11.265 27.446  1.00 24.62 ? 10  GLN A CG  1 
ATOM   35   C CD  . GLN A 1 5   ? 2.304   -10.382 27.739  1.00 28.28 ? 10  GLN A CD  1 
ATOM   36   O OE1 . GLN A 1 5   ? 1.287   -11.032 27.773  1.00 28.99 ? 10  GLN A OE1 1 
ATOM   37   N NE2 . GLN A 1 5   ? 2.591   -9.108  27.941  1.00 31.89 ? 10  GLN A NE2 1 
ATOM   38   N N   . LEU A 1 6   ? 6.619   -11.934 26.653  1.00 26.72 ? 11  LEU A N   1 
ATOM   39   C CA  . LEU A 1 6   ? 7.668   -11.001 26.158  1.00 22.13 ? 11  LEU A CA  1 
ATOM   40   C C   . LEU A 1 6   ? 6.949   -10.261 24.996  1.00 29.75 ? 11  LEU A C   1 
ATOM   41   O O   . LEU A 1 6   ? 6.212   -10.885 24.217  1.00 30.41 ? 11  LEU A O   1 
ATOM   42   C CB  . LEU A 1 6   ? 8.755   -11.884 25.543  1.00 29.80 ? 11  LEU A CB  1 
ATOM   43   C CG  . LEU A 1 6   ? 9.476   -12.973 26.306  1.00 37.57 ? 11  LEU A CG  1 
ATOM   44   C CD1 . LEU A 1 6   ? 10.491  -13.710 25.423  1.00 32.60 ? 11  LEU A CD1 1 
ATOM   45   C CD2 . LEU A 1 6   ? 10.175  -12.342 27.531  1.00 36.44 ? 11  LEU A CD2 1 
ATOM   46   N N   . GLN A 1 7   ? 7.000   -8.965  24.997  1.00 28.16 ? 12  GLN A N   1 
ATOM   47   C CA  . GLN A 1 7   ? 6.336   -8.137  24.021  1.00 29.36 ? 12  GLN A CA  1 
ATOM   48   C C   . GLN A 1 7   ? 7.321   -7.158  23.407  1.00 29.27 ? 12  GLN A C   1 
ATOM   49   O O   . GLN A 1 7   ? 8.057   -6.440  24.100  1.00 28.48 ? 12  GLN A O   1 
ATOM   50   C CB  . GLN A 1 7   ? 5.238   -7.347  24.739  1.00 34.16 ? 12  GLN A CB  1 
ATOM   51   C CG  . GLN A 1 7   ? 4.193   -6.729  23.849  1.00 39.38 ? 12  GLN A CG  1 
ATOM   52   C CD  . GLN A 1 7   ? 2.929   -6.646  24.727  1.00 51.86 ? 12  GLN A CD  1 
ATOM   53   O OE1 . GLN A 1 7   ? 1.818   -6.916  24.311  1.00 50.53 ? 12  GLN A OE1 1 
ATOM   54   N NE2 . GLN A 1 7   ? 3.114   -6.302  26.000  1.00 48.90 ? 12  GLN A NE2 1 
ATOM   55   N N   . ASN A 1 8   ? 7.408   -7.228  22.055  1.00 28.57 ? 13  ASN A N   1 
ATOM   56   C CA  . ASN A 1 8   ? 8.387   -6.347  21.446  1.00 22.48 ? 13  ASN A CA  1 
ATOM   57   C C   . ASN A 1 8   ? 7.585   -5.251  20.751  1.00 28.15 ? 13  ASN A C   1 
ATOM   58   O O   . ASN A 1 8   ? 6.963   -5.495  19.680  1.00 27.17 ? 13  ASN A O   1 
ATOM   59   C CB  . ASN A 1 8   ? 9.190   -7.182  20.440  1.00 21.75 ? 13  ASN A CB  1 
ATOM   60   C CG  . ASN A 1 8   ? 10.149  -6.298  19.696  1.00 23.18 ? 13  ASN A CG  1 
ATOM   61   O OD1 . ASN A 1 8   ? 10.299  -5.097  19.920  1.00 23.51 ? 13  ASN A OD1 1 
ATOM   62   N ND2 . ASN A 1 8   ? 10.833  -6.905  18.747  1.00 21.79 ? 13  ASN A ND2 1 
ATOM   63   N N   . PRO A 1 9   ? 7.649   -4.058  21.272  1.00 31.86 ? 14  PRO A N   1 
ATOM   64   C CA  . PRO A 1 9   ? 6.836   -2.992  20.674  1.00 36.68 ? 14  PRO A CA  1 
ATOM   65   C C   . PRO A 1 9   ? 7.403   -2.603  19.309  1.00 29.74 ? 14  PRO A C   1 
ATOM   66   O O   . PRO A 1 9   ? 6.654   -1.950  18.575  1.00 29.22 ? 14  PRO A O   1 
ATOM   67   C CB  . PRO A 1 9   ? 6.806   -1.878  21.713  1.00 38.89 ? 14  PRO A CB  1 
ATOM   68   C CG  . PRO A 1 9   ? 7.916   -2.165  22.667  1.00 40.82 ? 14  PRO A CG  1 
ATOM   69   C CD  . PRO A 1 9   ? 8.343   -3.612  22.499  1.00 38.80 ? 14  PRO A CD  1 
ATOM   70   N N   . SER A 1 10  ? 8.641   -2.843  18.985  1.00 31.84 ? 15  SER A N   1 
ATOM   71   C CA  . SER A 1 10  ? 9.255   -2.507  17.706  1.00 30.22 ? 15  SER A CA  1 
ATOM   72   C C   . SER A 1 10  ? 8.936   -3.516  16.578  1.00 29.62 ? 15  SER A C   1 
ATOM   73   O O   . SER A 1 10  ? 9.330   -3.219  15.456  1.00 25.11 ? 15  SER A O   1 
ATOM   74   C CB  . SER A 1 10  ? 10.766  -2.445  17.858  1.00 30.26 ? 15  SER A CB  1 
ATOM   75   O OG  . SER A 1 10  ? 11.054  -1.341  18.699  1.00 44.81 ? 15  SER A OG  1 
ATOM   76   N N   . HIS A 1 11  ? 8.490   -4.722  16.904  1.00 23.58 ? 16  HIS A N   1 
ATOM   77   C CA  . HIS A 1 11  ? 8.246   -5.773  15.938  1.00 21.11 ? 16  HIS A CA  1 
ATOM   78   C C   . HIS A 1 11  ? 7.405   -5.396  14.714  1.00 19.86 ? 16  HIS A C   1 
ATOM   79   O O   . HIS A 1 11  ? 7.933   -5.645  13.595  1.00 17.57 ? 16  HIS A O   1 
ATOM   80   C CB  . HIS A 1 11  ? 7.697   -7.015  16.705  1.00 17.75 ? 16  HIS A CB  1 
ATOM   81   C CG  . HIS A 1 11  ? 7.495   -8.136  15.729  1.00 23.97 ? 16  HIS A CG  1 
ATOM   82   N ND1 . HIS A 1 11  ? 8.499   -8.633  14.931  1.00 20.57 ? 16  HIS A ND1 1 
ATOM   83   C CD2 . HIS A 1 11  ? 6.371   -8.766  15.383  1.00 19.49 ? 16  HIS A CD2 1 
ATOM   84   C CE1 . HIS A 1 11  ? 8.049   -9.602  14.182  1.00 22.56 ? 16  HIS A CE1 1 
ATOM   85   N NE2 . HIS A 1 11  ? 6.715   -9.678  14.412  1.00 17.57 ? 16  HIS A NE2 1 
ATOM   86   N N   . PRO A 1 12  ? 6.278   -4.764  14.827  1.00 23.69 ? 17  PRO A N   1 
ATOM   87   C CA  . PRO A 1 12  ? 5.494   -4.368  13.658  1.00 21.10 ? 17  PRO A CA  1 
ATOM   88   C C   . PRO A 1 12  ? 6.337   -3.504  12.736  1.00 19.63 ? 17  PRO A C   1 
ATOM   89   O O   . PRO A 1 12  ? 6.258   -3.741  11.507  1.00 19.81 ? 17  PRO A O   1 
ATOM   90   C CB  . PRO A 1 12  ? 4.207   -3.775  14.203  1.00 23.80 ? 17  PRO A CB  1 
ATOM   91   C CG  . PRO A 1 12  ? 4.132   -4.317  15.593  1.00 26.98 ? 17  PRO A CG  1 
ATOM   92   C CD  . PRO A 1 12  ? 5.540   -4.462  16.097  1.00 21.16 ? 17  PRO A CD  1 
ATOM   93   N N   . THR A 1 13  ? 6.983   -2.504  13.265  1.00 20.33 ? 18  THR A N   1 
ATOM   94   C CA  . THR A 1 13  ? 7.774   -1.567  12.518  1.00 21.69 ? 18  THR A CA  1 
ATOM   95   C C   . THR A 1 13  ? 8.998   -2.244  11.910  1.00 21.52 ? 18  THR A C   1 
ATOM   96   O O   . THR A 1 13  ? 9.264   -2.036  10.729  1.00 19.40 ? 18  THR A O   1 
ATOM   97   C CB  . THR A 1 13  ? 8.185   -0.311  13.349  1.00 24.29 ? 18  THR A CB  1 
ATOM   98   O OG1 . THR A 1 13  ? 6.921   0.344   13.586  1.00 30.65 ? 18  THR A OG1 1 
ATOM   99   C CG2 . THR A 1 13  ? 9.054   0.585   12.528  1.00 31.23 ? 18  THR A CG2 1 
ATOM   100  N N   . GLY A 1 14  ? 9.648   -3.132  12.669  1.00 19.79 ? 19  GLY A N   1 
ATOM   101  C CA  . GLY A 1 14  ? 10.776  -3.884  12.161  1.00 19.49 ? 19  GLY A CA  1 
ATOM   102  C C   . GLY A 1 14  ? 10.442  -4.832  11.056  1.00 20.04 ? 19  GLY A C   1 
ATOM   103  O O   . GLY A 1 14  ? 11.106  -4.980  9.972   1.00 18.40 ? 19  GLY A O   1 
ATOM   104  N N   . LEU A 1 15  ? 9.297   -5.509  11.228  1.00 16.60 ? 20  LEU A N   1 
ATOM   105  C CA  . LEU A 1 15  ? 8.783   -6.397  10.173  1.00 18.70 ? 20  LEU A CA  1 
ATOM   106  C C   . LEU A 1 15  ? 8.463   -5.649  8.856   1.00 16.32 ? 20  LEU A C   1 
ATOM   107  O O   . LEU A 1 15  ? 8.986   -6.053  7.785   1.00 17.25 ? 20  LEU A O   1 
ATOM   108  C CB  . LEU A 1 15  ? 7.527   -6.984  10.780  1.00 17.27 ? 20  LEU A CB  1 
ATOM   109  C CG  . LEU A 1 15  ? 6.886   -8.225  10.142  1.00 38.04 ? 20  LEU A CG  1 
ATOM   110  C CD1 . LEU A 1 15  ? 7.703   -9.500  10.238  1.00 38.38 ? 20  LEU A CD1 1 
ATOM   111  C CD2 . LEU A 1 15  ? 5.642   -8.669  10.909  1.00 42.25 ? 20  LEU A CD2 1 
ATOM   112  N N   . LEU A 1 16  ? 7.816   -4.481  8.973   1.00 17.77 ? 21  LEU A N   1 
ATOM   113  C CA  . LEU A 1 16  ? 7.508   -3.734  7.730   1.00 19.40 ? 21  LEU A CA  1 
ATOM   114  C C   . LEU A 1 16  ? 8.757   -3.160  7.030   1.00 17.90 ? 21  LEU A C   1 
ATOM   115  O O   . LEU A 1 16  ? 8.965   -3.286  5.809   1.00 19.14 ? 21  LEU A O   1 
ATOM   116  C CB  . LEU A 1 16  ? 6.512   -2.631  8.146   1.00 19.52 ? 21  LEU A CB  1 
ATOM   117  C CG  . LEU A 1 16  ? 5.935   -1.950  6.857   1.00 23.14 ? 21  LEU A CG  1 
ATOM   118  C CD1 . LEU A 1 16  ? 5.197   -2.900  5.943   1.00 24.89 ? 21  LEU A CD1 1 
ATOM   119  C CD2 . LEU A 1 16  ? 5.080   -0.743  7.320   1.00 22.47 ? 21  LEU A CD2 1 
ATOM   120  N N   . CYS A 1 17  ? 9.719   -2.769  7.874   1.00 18.25 ? 22  CYS A N   1 
ATOM   121  C CA  . CYS A 1 17  ? 11.026  -2.268  7.370   1.00 15.87 ? 22  CYS A CA  1 
ATOM   122  C C   . CYS A 1 17  ? 11.712  -3.325  6.586   1.00 19.42 ? 22  CYS A C   1 
ATOM   123  O O   . CYS A 1 17  ? 12.217  -3.048  5.471   1.00 20.69 ? 22  CYS A O   1 
ATOM   124  C CB  . CYS A 1 17  ? 11.830  -1.676  8.548   1.00 27.38 ? 22  CYS A CB  1 
ATOM   125  S SG  . CYS A 1 17  ? 13.482  -1.080  7.988   1.00 32.82 ? 22  CYS A SG  1 
ATOM   126  N N   . LYS A 1 18  ? 11.774  -4.573  7.075   1.00 16.43 ? 23  LYS A N   1 
ATOM   127  C CA  . LYS A 1 18  ? 12.377  -5.657  6.347   1.00 18.02 ? 23  LYS A CA  1 
ATOM   128  C C   . LYS A 1 18  ? 11.594  -5.996  5.073   1.00 23.42 ? 23  LYS A C   1 
ATOM   129  O O   . LYS A 1 18  ? 12.141  -6.442  4.045   1.00 17.76 ? 23  LYS A O   1 
ATOM   130  C CB  . LYS A 1 18  ? 12.384  -6.926  7.261   1.00 22.11 ? 23  LYS A CB  1 
ATOM   131  C CG  . LYS A 1 18  ? 12.990  -8.116  6.556   1.00 41.14 ? 23  LYS A CG  1 
ATOM   132  C CD  . LYS A 1 18  ? 14.470  -7.855  6.119   1.00 44.50 ? 23  LYS A CD  1 
ATOM   133  C CE  . LYS A 1 18  ? 15.060  -9.243  5.829   1.00 53.02 ? 23  LYS A CE  1 
ATOM   134  N NZ  . LYS A 1 18  ? 16.246  -9.225  4.936   1.00 52.54 ? 23  LYS A NZ  1 
ATOM   135  N N   . ALA A 1 19  ? 10.255  -5.996  5.206   1.00 17.80 ? 24  ALA A N   1 
ATOM   136  C CA  . ALA A 1 19  ? 9.470   -6.266  3.941   1.00 18.83 ? 24  ALA A CA  1 
ATOM   137  C C   . ALA A 1 19  ? 9.820   -5.233  2.878   1.00 16.73 ? 24  ALA A C   1 
ATOM   138  O O   . ALA A 1 19  ? 9.856   -5.587  1.677   1.00 18.01 ? 24  ALA A O   1 
ATOM   139  C CB  . ALA A 1 19  ? 7.939   -6.169  4.249   1.00 15.32 ? 24  ALA A CB  1 
ATOM   140  N N   . ASN A 1 20  ? 9.967   -3.960  3.289   1.00 17.78 ? 25  ASN A N   1 
ATOM   141  C CA  . ASN A 1 20  ? 10.316  -2.928  2.312   1.00 20.45 ? 25  ASN A CA  1 
ATOM   142  C C   . ASN A 1 20  ? 11.701  -3.199  1.721   1.00 26.83 ? 25  ASN A C   1 
ATOM   143  O O   . ASN A 1 20  ? 11.841  -3.126  0.476   1.00 22.84 ? 25  ASN A O   1 
ATOM   144  C CB  . ASN A 1 20  ? 10.151  -1.558  2.887   1.00 19.96 ? 25  ASN A CB  1 
ATOM   145  C CG  . ASN A 1 20  ? 10.304  -0.419  1.887   1.00 27.70 ? 25  ASN A CG  1 
ATOM   146  O OD1 . ASN A 1 20  ? 11.058  0.523   2.180   1.00 34.08 ? 25  ASN A OD1 1 
ATOM   147  N ND2 . ASN A 1 20  ? 9.707   -0.610  0.755   1.00 17.52 ? 25  ASN A ND2 1 
ATOM   148  N N   . GLN A 1 21  ? 12.690  -3.461  2.572   1.00 23.75 ? 26  GLN A N   1 
ATOM   149  C CA  . GLN A 1 21  ? 13.989  -3.900  1.987   1.00 22.54 ? 26  GLN A CA  1 
ATOM   150  C C   . GLN A 1 21  ? 13.820  -5.108  1.085   1.00 26.94 ? 26  GLN A C   1 
ATOM   151  O O   . GLN A 1 21  ? 14.420  -5.176  -0.017  1.00 24.50 ? 26  GLN A O   1 
ATOM   152  C CB  . GLN A 1 21  ? 14.986  -4.232  3.123   1.00 24.81 ? 26  GLN A CB  1 
ATOM   153  C CG  . GLN A 1 21  ? 15.279  -3.246  4.252   1.00 37.03 ? 26  GLN A CG  1 
ATOM   154  C CD  . GLN A 1 21  ? 15.893  -4.019  5.434   1.00 48.47 ? 26  GLN A CD  1 
ATOM   155  O OE1 . GLN A 1 21  ? 16.630  -5.016  5.216   1.00 53.28 ? 26  GLN A OE1 1 
ATOM   156  N NE2 . GLN A 1 21  ? 15.643  -3.725  6.719   1.00 44.33 ? 26  GLN A NE2 1 
ATOM   157  N N   . MET A 1 22  ? 13.036  -6.170  1.315   1.00 21.65 ? 27  MET A N   1 
ATOM   158  C CA  . MET A 1 22  ? 12.819  -7.285  0.455   1.00 19.91 ? 27  MET A CA  1 
ATOM   159  C C   . MET A 1 22  ? 12.176  -6.814  -0.863  1.00 23.96 ? 27  MET A C   1 
ATOM   160  O O   . MET A 1 22  ? 12.616  -7.219  -1.946  1.00 23.91 ? 27  MET A O   1 
ATOM   161  C CB  . MET A 1 22  ? 11.924  -8.398  1.047   1.00 18.94 ? 27  MET A CB  1 
ATOM   162  C CG  . MET A 1 22  ? 12.633  -9.060  2.297   1.00 23.11 ? 27  MET A CG  1 
ATOM   163  S SD  . MET A 1 22  ? 11.625  -10.549 2.775   1.00 23.48 ? 27  MET A SD  1 
ATOM   164  C CE  . MET A 1 22  ? 12.875  -11.692 3.176   1.00 46.92 ? 27  MET A CE  1 
ATOM   165  N N   . ARG A 1 23  ? 11.152  -5.967  -0.764  1.00 21.87 ? 28  ARG A N   1 
ATOM   166  C CA  . ARG A 1 23  ? 10.527  -5.499  -2.030  1.00 23.88 ? 28  ARG A CA  1 
ATOM   167  C C   . ARG A 1 23  ? 11.563  -4.787  -2.921  1.00 26.52 ? 28  ARG A C   1 
ATOM   168  O O   . ARG A 1 23  ? 11.603  -5.072  -4.140  1.00 28.06 ? 28  ARG A O   1 
ATOM   169  C CB  . ARG A 1 23  ? 9.439   -4.495  -1.660  1.00 25.60 ? 28  ARG A CB  1 
ATOM   170  C CG  . ARG A 1 23  ? 8.849   -3.707  -2.851  1.00 23.83 ? 28  ARG A CG  1 
ATOM   171  C CD  . ARG A 1 23  ? 7.909   -2.619  -2.384  1.00 22.72 ? 28  ARG A CD  1 
ATOM   172  N NE  . ARG A 1 23  ? 8.529   -1.443  -1.752  1.00 21.52 ? 28  ARG A NE  1 
ATOM   173  C CZ  . ARG A 1 23  ? 8.897   -0.365  -2.439  1.00 31.72 ? 28  ARG A CZ  1 
ATOM   174  N NH1 . ARG A 1 23  ? 8.788   -0.315  -3.766  1.00 23.92 ? 28  ARG A NH1 1 
ATOM   175  N NH2 . ARG A 1 23  ? 9.375   0.653   -1.736  1.00 24.33 ? 28  ARG A NH2 1 
ATOM   176  N N   . LEU A 1 24  ? 12.369  -3.904  -2.332  1.00 24.97 ? 29  LEU A N   1 
ATOM   177  C CA  . LEU A 1 24  ? 13.354  -3.208  -3.175  1.00 30.09 ? 29  LEU A CA  1 
ATOM   178  C C   . LEU A 1 24  ? 14.354  -4.151  -3.763  1.00 34.60 ? 29  LEU A C   1 
ATOM   179  O O   . LEU A 1 24  ? 14.864  -3.921  -4.888  1.00 34.92 ? 29  LEU A O   1 
ATOM   180  C CB  . LEU A 1 24  ? 13.993  -2.072  -2.405  1.00 28.27 ? 29  LEU A CB  1 
ATOM   181  C CG  . LEU A 1 24  ? 13.064  -0.875  -2.130  1.00 38.76 ? 29  LEU A CG  1 
ATOM   182  C CD1 . LEU A 1 24  ? 13.728  -0.041  -1.051  1.00 31.82 ? 29  LEU A CD1 1 
ATOM   183  C CD2 . LEU A 1 24  ? 12.772  -0.200  -3.455  1.00 31.29 ? 29  LEU A CD2 1 
ATOM   184  N N   . ALA A 1 25  ? 14.676  -5.287  -3.135  1.00 28.62 ? 30  ALA A N   1 
ATOM   185  C CA  . ALA A 1 25  ? 15.622  -6.208  -3.748  1.00 34.54 ? 30  ALA A CA  1 
ATOM   186  C C   . ALA A 1 25  ? 14.901  -7.244  -4.589  1.00 35.66 ? 30  ALA A C   1 
ATOM   187  O O   . ALA A 1 25  ? 15.536  -8.155  -5.150  1.00 37.49 ? 30  ALA A O   1 
ATOM   188  C CB  . ALA A 1 25  ? 16.418  -6.898  -2.614  1.00 29.25 ? 30  ALA A CB  1 
ATOM   189  N N   . GLY A 1 26  ? 13.572  -7.245  -4.647  1.00 26.46 ? 31  GLY A N   1 
ATOM   190  C CA  . GLY A 1 26  ? 12.804  -8.291  -5.298  1.00 28.50 ? 31  GLY A CA  1 
ATOM   191  C C   . GLY A 1 26  ? 12.684  -9.587  -4.491  1.00 34.60 ? 31  GLY A C   1 
ATOM   192  O O   . GLY A 1 26  ? 12.083  -10.560 -4.992  1.00 38.30 ? 31  GLY A O   1 
ATOM   193  N N   . THR A 1 27  ? 13.084  -9.632  -3.217  1.00 31.76 ? 32  THR A N   1 
ATOM   194  C CA  . THR A 1 27  ? 13.066  -10.951 -2.524  1.00 26.61 ? 32  THR A CA  1 
ATOM   195  C C   . THR A 1 27  ? 11.698  -11.412 -2.137  1.00 24.98 ? 32  THR A C   1 
ATOM   196  O O   . THR A 1 27  ? 11.017  -10.544 -1.573  1.00 24.74 ? 32  THR A O   1 
ATOM   197  C CB  . THR A 1 27  ? 13.925  -10.786 -1.251  1.00 27.94 ? 32  THR A CB  1 
ATOM   198  O OG1 . THR A 1 27  ? 15.149  -10.189 -1.675  1.00 34.74 ? 32  THR A OG1 1 
ATOM   199  C CG2 . THR A 1 27  ? 14.077  -12.130 -0.540  1.00 27.06 ? 32  THR A CG2 1 
ATOM   200  N N   . LEU A 1 28  ? 11.237  -12.584 -2.417  1.00 23.26 ? 33  LEU A N   1 
ATOM   201  C CA  . LEU A 1 28  ? 9.955   -13.166 -2.163  1.00 26.56 ? 33  LEU A CA  1 
ATOM   202  C C   . LEU A 1 28  ? 8.751   -12.474 -2.727  1.00 27.06 ? 33  LEU A C   1 
ATOM   203  O O   . LEU A 1 28  ? 7.573   -12.708 -2.379  1.00 29.68 ? 33  LEU A O   1 
ATOM   204  C CB  . LEU A 1 28  ? 9.689   -13.376 -0.643  1.00 30.35 ? 33  LEU A CB  1 
ATOM   205  C CG  . LEU A 1 28  ? 10.666  -14.313 0.032   1.00 34.36 ? 33  LEU A CG  1 
ATOM   206  C CD1 . LEU A 1 28  ? 10.429  -14.244 1.574   1.00 39.89 ? 33  LEU A CD1 1 
ATOM   207  C CD2 . LEU A 1 28  ? 10.490  -15.722 -0.472  1.00 36.82 ? 33  LEU A CD2 1 
ATOM   208  N N   . CYS A 1 29  ? 8.962   -11.621 -3.714  1.00 26.37 ? 34  CYS A N   1 
ATOM   209  C CA  . CYS A 1 29  ? 7.831   -10.875 -4.318  1.00 30.29 ? 34  CYS A CA  1 
ATOM   210  C C   . CYS A 1 29  ? 6.998   -11.892 -5.073  1.00 31.52 ? 34  CYS A C   1 
ATOM   211  O O   . CYS A 1 29  ? 7.594   -12.790 -5.692  1.00 29.68 ? 34  CYS A O   1 
ATOM   212  C CB  . CYS A 1 29  ? 8.329   -9.762  -5.216  1.00 25.31 ? 34  CYS A CB  1 
ATOM   213  S SG  . CYS A 1 29  ? 9.031   -8.377  -4.316  1.00 30.11 ? 34  CYS A SG  1 
ATOM   214  N N   . ASP A 1 30  ? 5.693   -11.917 -4.893  1.00 29.43 ? 35  ASP A N   1 
ATOM   215  C CA  . ASP A 1 30  ? 4.913   -12.961 -5.558  1.00 31.64 ? 35  ASP A CA  1 
ATOM   216  C C   . ASP A 1 30  ? 3.782   -12.356 -6.376  1.00 29.07 ? 35  ASP A C   1 
ATOM   217  O O   . ASP A 1 30  ? 2.800   -13.046 -6.585  1.00 33.49 ? 35  ASP A O   1 
ATOM   218  C CB  . ASP A 1 30  ? 4.327   -13.902 -4.490  1.00 32.96 ? 35  ASP A CB  1 
ATOM   219  C CG  . ASP A 1 30  ? 3.593   -13.073 -3.430  1.00 36.54 ? 35  ASP A CG  1 
ATOM   220  O OD1 . ASP A 1 30  ? 3.360   -11.842 -3.597  1.00 27.37 ? 35  ASP A OD1 1 
ATOM   221  O OD2 . ASP A 1 30  ? 3.316   -13.629 -2.351  1.00 35.63 ? 35  ASP A OD2 1 
ATOM   222  N N   . VAL A 1 31  ? 3.847   -11.075 -6.679  1.00 27.29 ? 36  VAL A N   1 
ATOM   223  C CA  . VAL A 1 31  ? 2.751   -10.493 -7.473  1.00 27.86 ? 36  VAL A CA  1 
ATOM   224  C C   . VAL A 1 31  ? 3.369   -9.334  -8.226  1.00 29.44 ? 36  VAL A C   1 
ATOM   225  O O   . VAL A 1 31  ? 4.297   -8.668  -7.758  1.00 25.72 ? 36  VAL A O   1 
ATOM   226  C CB  . VAL A 1 31  ? 1.545   -10.092 -6.631  1.00 25.10 ? 36  VAL A CB  1 
ATOM   227  C CG1 . VAL A 1 31  ? 1.881   -8.933  -5.685  1.00 22.56 ? 36  VAL A CG1 1 
ATOM   228  C CG2 . VAL A 1 31  ? 0.356   -9.672  -7.548  1.00 25.19 ? 36  VAL A CG2 1 
ATOM   229  N N   . VAL A 1 32  ? 2.835   -9.088  -9.433  1.00 32.16 ? 37  VAL A N   1 
ATOM   230  C CA  . VAL A 1 32  ? 3.231   -7.927  -10.210 1.00 29.76 ? 37  VAL A CA  1 
ATOM   231  C C   . VAL A 1 32  ? 1.955   -7.115  -10.458 1.00 28.95 ? 37  VAL A C   1 
ATOM   232  O O   . VAL A 1 32  ? 0.910   -7.673  -10.877 1.00 31.60 ? 37  VAL A O   1 
ATOM   233  C CB  . VAL A 1 32  ? 3.830   -8.244  -11.602 1.00 37.90 ? 37  VAL A CB  1 
ATOM   234  C CG1 . VAL A 1 32  ? 4.362   -6.984  -12.257 1.00 33.09 ? 37  VAL A CG1 1 
ATOM   235  C CG2 . VAL A 1 32  ? 4.926   -9.286  -11.482 1.00 36.47 ? 37  VAL A CG2 1 
ATOM   236  N N   . ILE A 1 33  ? 2.050   -5.826  -10.156 1.00 27.84 ? 38  ILE A N   1 
ATOM   237  C CA  . ILE A 1 33  ? 0.910   -4.945  -10.382 1.00 26.98 ? 38  ILE A CA  1 
ATOM   238  C C   . ILE A 1 33  ? 1.331   -4.144  -11.635 1.00 35.16 ? 38  ILE A C   1 
ATOM   239  O O   . ILE A 1 33  ? 2.416   -3.587  -11.625 1.00 34.86 ? 38  ILE A O   1 
ATOM   240  C CB  . ILE A 1 33  ? 0.626   -4.006  -9.240  1.00 31.69 ? 38  ILE A CB  1 
ATOM   241  C CG1 . ILE A 1 33  ? 0.351   -4.764  -7.913  1.00 27.64 ? 38  ILE A CG1 1 
ATOM   242  C CG2 . ILE A 1 33  ? -0.575  -3.077  -9.493  1.00 25.90 ? 38  ILE A CG2 1 
ATOM   243  C CD1 . ILE A 1 33  ? -0.761  -5.816  -8.128  1.00 27.11 ? 38  ILE A CD1 1 
ATOM   244  N N   . MET A 1 34  ? 0.424   -4.067  -12.595 1.00 33.74 ? 39  MET A N   1 
ATOM   245  C CA  . MET A 1 34  ? 0.661   -3.399  -13.870 1.00 31.57 ? 39  MET A CA  1 
ATOM   246  C C   . MET A 1 34  ? -0.165  -2.154  -13.983 1.00 21.05 ? 39  MET A C   1 
ATOM   247  O O   . MET A 1 34  ? -1.379  -2.181  -13.784 1.00 28.69 ? 39  MET A O   1 
ATOM   248  C CB  . MET A 1 34  ? 0.210   -4.250  -15.078 1.00 36.70 ? 39  MET A CB  1 
ATOM   249  C CG  . MET A 1 34  ? 0.760   -5.672  -14.988 1.00 49.52 ? 39  MET A CG  1 
ATOM   250  S SD  . MET A 1 34  ? 2.411   -5.667  -15.726 1.00 67.89 ? 39  MET A SD  1 
ATOM   251  C CE  . MET A 1 34  ? 1.935   -5.122  -17.401 1.00 55.62 ? 39  MET A CE  1 
ATOM   252  N N   . VAL A 1 35  ? 0.523   -1.009  -14.141 1.00 29.33 ? 40  VAL A N   1 
ATOM   253  C CA  . VAL A 1 35  ? -0.177  0.278   -14.274 1.00 32.75 ? 40  VAL A CA  1 
ATOM   254  C C   . VAL A 1 35  ? 0.382   0.977   -15.521 1.00 34.33 ? 40  VAL A C   1 
ATOM   255  O O   . VAL A 1 35  ? 1.586   1.247   -15.622 1.00 30.99 ? 40  VAL A O   1 
ATOM   256  C CB  . VAL A 1 35  ? 0.011   1.170   -13.045 1.00 34.80 ? 40  VAL A CB  1 
ATOM   257  C CG1 . VAL A 1 35  ? -0.840  2.426   -13.167 1.00 33.86 ? 40  VAL A CG1 1 
ATOM   258  C CG2 . VAL A 1 35  ? -0.341  0.455   -11.735 1.00 34.44 ? 40  VAL A CG2 1 
ATOM   259  N N   . ASP A 1 36  ? -0.477  1.220   -16.500 1.00 39.72 ? 41  ASP A N   1 
ATOM   260  C CA  . ASP A 1 36  ? 0.028   1.771   -17.787 1.00 41.17 ? 41  ASP A CA  1 
ATOM   261  C C   . ASP A 1 36  ? 1.161   0.941   -18.304 1.00 39.12 ? 41  ASP A C   1 
ATOM   262  O O   . ASP A 1 36  ? 0.981   -0.299  -18.385 1.00 42.46 ? 41  ASP A O   1 
ATOM   263  C CB  . ASP A 1 36  ? 0.435   3.240   -17.666 1.00 44.66 ? 41  ASP A CB  1 
ATOM   264  C CG  . ASP A 1 36  ? -0.841  4.042   -17.450 1.00 39.09 ? 41  ASP A CG  1 
ATOM   265  O OD1 . ASP A 1 36  ? -1.953  3.485   -17.504 1.00 45.27 ? 41  ASP A OD1 1 
ATOM   266  O OD2 . ASP A 1 36  ? -0.753  5.268   -17.232 1.00 52.94 ? 41  ASP A OD2 1 
ATOM   267  N N   . SER A 1 37  ? 2.373   1.427   -18.546 1.00 43.62 ? 42  SER A N   1 
ATOM   268  C CA  . SER A 1 37  ? 3.333   0.381   -19.007 1.00 52.76 ? 42  SER A CA  1 
ATOM   269  C C   . SER A 1 37  ? 3.942   -0.421  -17.855 1.00 56.95 ? 42  SER A C   1 
ATOM   270  O O   . SER A 1 37  ? 4.043   -1.657  -17.836 1.00 58.17 ? 42  SER A O   1 
ATOM   271  C CB  . SER A 1 37  ? 4.384   1.023   -19.913 1.00 65.87 ? 42  SER A CB  1 
ATOM   272  O OG  . SER A 1 37  ? 4.612   2.361   -19.479 1.00 77.14 ? 42  SER A OG  1 
ATOM   273  N N   . GLN A 1 38  ? 4.304   0.284   -16.798 1.00 52.00 ? 43  GLN A N   1 
ATOM   274  C CA  . GLN A 1 38  ? 5.061   -0.076  -15.650 1.00 42.43 ? 43  GLN A CA  1 
ATOM   275  C C   . GLN A 1 38  ? 4.567   -1.238  -14.790 1.00 40.45 ? 43  GLN A C   1 
ATOM   276  O O   . GLN A 1 38  ? 3.392   -1.414  -14.528 1.00 34.79 ? 43  GLN A O   1 
ATOM   277  C CB  . GLN A 1 38  ? 5.184   1.145   -14.749 1.00 43.26 ? 43  GLN A CB  1 
ATOM   278  C CG  . GLN A 1 38  ? 6.414   1.996   -15.014 1.00 61.71 ? 43  GLN A CG  1 
ATOM   279  C CD  . GLN A 1 38  ? 6.025   3.447   -14.718 1.00 61.86 ? 43  GLN A CD  1 
ATOM   280  O OE1 . GLN A 1 38  ? 6.235   3.877   -13.582 1.00 67.77 ? 43  GLN A OE1 1 
ATOM   281  N NE2 . GLN A 1 38  ? 5.443   4.112   -15.715 1.00 67.03 ? 43  GLN A NE2 1 
ATOM   282  N N   . GLU A 1 39  ? 5.571   -1.990  -14.356 1.00 39.25 ? 44  GLU A N   1 
ATOM   283  C CA  . GLU A 1 39  ? 5.369   -3.194  -13.552 1.00 39.50 ? 44  GLU A CA  1 
ATOM   284  C C   . GLU A 1 39  ? 5.871   -2.889  -12.129 1.00 37.60 ? 44  GLU A C   1 
ATOM   285  O O   . GLU A 1 39  ? 6.891   -2.203  -12.048 1.00 36.88 ? 44  GLU A O   1 
ATOM   286  C CB  . GLU A 1 39  ? 6.208   -4.319  -14.123 1.00 38.41 ? 44  GLU A CB  1 
ATOM   287  C CG  . GLU A 1 39  ? 5.721   -5.058  -15.338 1.00 51.19 ? 44  GLU A CG  1 
ATOM   288  C CD  . GLU A 1 39  ? 6.683   -6.173  -15.748 1.00 59.57 ? 44  GLU A CD  1 
ATOM   289  O OE1 . GLU A 1 39  ? 7.762   -6.388  -15.130 1.00 62.09 ? 44  GLU A OE1 1 
ATOM   290  O OE2 . GLU A 1 39  ? 6.336   -6.876  -16.726 1.00 66.09 ? 44  GLU A OE2 1 
ATOM   291  N N   . PHE A 1 40  ? 5.128   -3.311  -11.111 1.00 34.04 ? 45  PHE A N   1 
ATOM   292  C CA  . PHE A 1 40  ? 5.574   -3.022  -9.721  1.00 29.01 ? 45  PHE A CA  1 
ATOM   293  C C   . PHE A 1 40  ? 5.636   -4.382  -9.011  1.00 28.79 ? 45  PHE A C   1 
ATOM   294  O O   . PHE A 1 40  ? 4.559   -4.985  -8.995  1.00 31.95 ? 45  PHE A O   1 
ATOM   295  C CB  . PHE A 1 40  ? 4.523   -2.144  -9.056  1.00 25.61 ? 45  PHE A CB  1 
ATOM   296  C CG  . PHE A 1 40  ? 4.481   -0.735  -9.597  1.00 31.76 ? 45  PHE A CG  1 
ATOM   297  C CD1 . PHE A 1 40  ? 5.267   0.264   -9.059  1.00 30.48 ? 45  PHE A CD1 1 
ATOM   298  C CD2 . PHE A 1 40  ? 3.636   -0.408  -10.665 1.00 27.87 ? 45  PHE A CD2 1 
ATOM   299  C CE1 . PHE A 1 40  ? 5.217   1.561   -9.528  1.00 31.40 ? 45  PHE A CE1 1 
ATOM   300  C CE2 . PHE A 1 40  ? 3.573   0.883   -11.159 1.00 32.40 ? 45  PHE A CE2 1 
ATOM   301  C CZ  . PHE A 1 40  ? 4.378   1.866   -10.597 1.00 35.56 ? 45  PHE A CZ  1 
ATOM   302  N N   . HIS A 1 41  ? 6.786   -4.847  -8.565  1.00 25.37 ? 46  HIS A N   1 
ATOM   303  C CA  . HIS A 1 41  ? 6.830   -6.153  -7.900  1.00 28.56 ? 46  HIS A CA  1 
ATOM   304  C C   . HIS A 1 41  ? 6.497   -5.994  -6.385  1.00 27.44 ? 46  HIS A C   1 
ATOM   305  O O   . HIS A 1 41  ? 6.933   -5.006  -5.793  1.00 25.00 ? 46  HIS A O   1 
ATOM   306  C CB  . HIS A 1 41  ? 8.247   -6.701  -8.057  1.00 35.72 ? 46  HIS A CB  1 
ATOM   307  C CG  . HIS A 1 41  ? 8.460   -7.144  -9.487  1.00 48.47 ? 46  HIS A CG  1 
ATOM   308  N ND1 . HIS A 1 41  ? 8.514   -8.470  -9.864  1.00 52.18 ? 46  HIS A ND1 1 
ATOM   309  C CD2 . HIS A 1 41  ? 8.603   -6.421  -10.631 1.00 54.17 ? 46  HIS A CD2 1 
ATOM   310  C CE1 . HIS A 1 41  ? 8.689   -8.537  -11.175 1.00 57.35 ? 46  HIS A CE1 1 
ATOM   311  N NE2 . HIS A 1 41  ? 8.741   -7.310  -11.672 1.00 49.15 ? 46  HIS A NE2 1 
ATOM   312  N N   . ALA A 1 42  ? 5.726   -6.863  -5.769  1.00 25.62 ? 47  ALA A N   1 
ATOM   313  C CA  . ALA A 1 42  ? 5.400   -6.643  -4.384  1.00 22.12 ? 47  ALA A CA  1 
ATOM   314  C C   . ALA A 1 42  ? 4.982   -7.971  -3.738  1.00 23.25 ? 47  ALA A C   1 
ATOM   315  O O   . ALA A 1 42  ? 5.078   -8.981  -4.413  1.00 25.58 ? 47  ALA A O   1 
ATOM   316  C CB  . ALA A 1 42  ? 4.155   -5.750  -4.195  1.00 19.06 ? 47  ALA A CB  1 
ATOM   317  N N   . HIS A 1 43  ? 4.515   -7.854  -2.479  1.00 17.34 ? 48  HIS A N   1 
ATOM   318  C CA  . HIS A 1 43  ? 4.113   -9.102  -1.819  1.00 16.83 ? 48  HIS A CA  1 
ATOM   319  C C   . HIS A 1 43  ? 2.635   -9.114  -1.636  1.00 18.38 ? 48  HIS A C   1 
ATOM   320  O O   . HIS A 1 43  ? 2.116   -8.088  -1.099  1.00 22.22 ? 48  HIS A O   1 
ATOM   321  C CB  . HIS A 1 43  ? 4.753   -9.154  -0.353  1.00 17.03 ? 48  HIS A CB  1 
ATOM   322  C CG  . HIS A 1 43  ? 6.245   -9.035  -0.466  1.00 23.24 ? 48  HIS A CG  1 
ATOM   323  N ND1 . HIS A 1 43  ? 7.146   -10.072 -0.600  1.00 24.89 ? 48  HIS A ND1 1 
ATOM   324  C CD2 . HIS A 1 43  ? 6.981   -7.914  -0.342  1.00 16.77 ? 48  HIS A CD2 1 
ATOM   325  C CE1 . HIS A 1 43  ? 8.392   -9.550  -0.673  1.00 20.73 ? 48  HIS A CE1 1 
ATOM   326  N NE2 . HIS A 1 43  ? 8.269   -8.236  -0.541  1.00 24.78 ? 48  HIS A NE2 1 
ATOM   327  N N   . ARG A 1 44  ? 1.927   -10.182 -2.003  1.00 20.64 ? 49  ARG A N   1 
ATOM   328  C CA  . ARG A 1 44  ? 0.492   -10.155 -1.783  1.00 22.88 ? 49  ARG A CA  1 
ATOM   329  C C   . ARG A 1 44  ? 0.057   -9.838  -0.393  1.00 23.39 ? 49  ARG A C   1 
ATOM   330  O O   . ARG A 1 44  ? -0.944  -9.120  -0.212  1.00 19.85 ? 49  ARG A O   1 
ATOM   331  C CB  . ARG A 1 44  ? -0.136  -11.524 -2.142  1.00 24.52 ? 49  ARG A CB  1 
ATOM   332  C CG  . ARG A 1 44  ? -0.383  -11.670 -3.634  1.00 29.81 ? 49  ARG A CG  1 
ATOM   333  C CD  . ARG A 1 44  ? -0.638  -13.260 -3.791  1.00 31.96 ? 49  ARG A CD  1 
ATOM   334  N NE  . ARG A 1 44  ? -0.018  -13.469 -5.093  1.00 34.88 ? 49  ARG A NE  1 
ATOM   335  C CZ  . ARG A 1 44  ? -0.734  -13.390 -6.233  1.00 40.50 ? 49  ARG A CZ  1 
ATOM   336  N NH1 . ARG A 1 44  ? -2.056  -13.193 -6.283  1.00 42.89 ? 49  ARG A NH1 1 
ATOM   337  N NH2 . ARG A 1 44  ? 0.025   -13.479 -7.325  1.00 34.27 ? 49  ARG A NH2 1 
ATOM   338  N N   . THR A 1 45  ? 0.712   -10.440 0.604   1.00 18.70 ? 50  THR A N   1 
ATOM   339  C CA  . THR A 1 45  ? 0.263   -10.155 1.973   1.00 20.15 ? 50  THR A CA  1 
ATOM   340  C C   . THR A 1 45  ? 0.329   -8.636  2.250   1.00 20.44 ? 50  THR A C   1 
ATOM   341  O O   . THR A 1 45  ? -0.548  -8.226  3.001   1.00 18.81 ? 50  THR A O   1 
ATOM   342  C CB  . THR A 1 45  ? 1.055   -10.912 3.064   1.00 25.68 ? 50  THR A CB  1 
ATOM   343  O OG1 . THR A 1 45  ? 2.398   -10.508 2.893   1.00 41.08 ? 50  THR A OG1 1 
ATOM   344  C CG2 . THR A 1 45  ? 1.001   -12.386 2.658   1.00 23.84 ? 50  THR A CG2 1 
ATOM   345  N N   . VAL A 1 46  ? 1.437   -7.999  1.925   1.00 15.77 ? 51  VAL A N   1 
ATOM   346  C CA  . VAL A 1 46  ? 1.455   -6.546  2.324   1.00 13.42 ? 51  VAL A CA  1 
ATOM   347  C C   . VAL A 1 46  ? 0.311   -5.809  1.575   1.00 15.97 ? 51  VAL A C   1 
ATOM   348  O O   . VAL A 1 46  ? -0.321  -4.970  2.161   1.00 16.76 ? 51  VAL A O   1 
ATOM   349  C CB  . VAL A 1 46  ? 2.827   -5.948  2.005   1.00 14.84 ? 51  VAL A CB  1 
ATOM   350  C CG1 . VAL A 1 46  ? 2.834   -4.405  2.168   1.00 16.74 ? 51  VAL A CG1 1 
ATOM   351  C CG2 . VAL A 1 46  ? 3.918   -6.544  2.926   1.00 20.44 ? 51  VAL A CG2 1 
ATOM   352  N N   . LEU A 1 47  ? 0.185   -6.001  0.285   1.00 14.64 ? 52  LEU A N   1 
ATOM   353  C CA  . LEU A 1 47  ? -0.917  -5.260  -0.367  1.00 15.74 ? 52  LEU A CA  1 
ATOM   354  C C   . LEU A 1 47  ? -2.288  -5.636  0.146   1.00 20.99 ? 52  LEU A C   1 
ATOM   355  O O   . LEU A 1 47  ? -3.129  -4.757  0.343   1.00 21.37 ? 52  LEU A O   1 
ATOM   356  C CB  . LEU A 1 47  ? -0.836  -5.507  -1.871  1.00 17.24 ? 52  LEU A CB  1 
ATOM   357  C CG  . LEU A 1 47  ? 0.420   -5.014  -2.597  1.00 20.76 ? 52  LEU A CG  1 
ATOM   358  C CD1 . LEU A 1 47  ? 0.223   -5.313  -4.106  1.00 18.85 ? 52  LEU A CD1 1 
ATOM   359  C CD2 . LEU A 1 47  ? 0.651   -3.518  -2.426  1.00 23.25 ? 52  LEU A CD2 1 
ATOM   360  N N   . ALA A 1 48  ? -2.538  -6.926  0.402   1.00 23.15 ? 53  ALA A N   1 
ATOM   361  C CA  . ALA A 1 48  ? -3.885  -7.284  0.928   1.00 24.80 ? 53  ALA A CA  1 
ATOM   362  C C   . ALA A 1 48  ? -4.130  -6.828  2.305   1.00 22.55 ? 53  ALA A C   1 
ATOM   363  O O   . ALA A 1 48  ? -5.260  -6.531  2.734   1.00 21.13 ? 53  ALA A O   1 
ATOM   364  C CB  . ALA A 1 48  ? -4.035  -8.819  0.733   1.00 26.55 ? 53  ALA A CB  1 
ATOM   365  N N   . CYS A 1 49  ? -3.126  -6.636  3.191   1.00 18.25 ? 54  CYS A N   1 
ATOM   366  C CA  . CYS A 1 49  ? -3.301  -6.170  4.534   1.00 14.59 ? 54  CYS A CA  1 
ATOM   367  C C   . CYS A 1 49  ? -3.459  -4.626  4.501   1.00 18.70 ? 54  CYS A C   1 
ATOM   368  O O   . CYS A 1 49  ? -4.005  -4.134  5.439   1.00 17.87 ? 54  CYS A O   1 
ATOM   369  C CB  . CYS A 1 49  ? -2.153  -6.501  5.498   1.00 22.38 ? 54  CYS A CB  1 
ATOM   370  S SG  . CYS A 1 49  ? -2.336  -8.317  5.861   1.00 26.39 ? 54  CYS A SG  1 
ATOM   371  N N   . THR A 1 50  ? -3.057  -3.977  3.465   1.00 16.84 ? 55  THR A N   1 
ATOM   372  C CA  . THR A 1 50  ? -3.215  -2.509  3.358   1.00 13.72 ? 55  THR A CA  1 
ATOM   373  C C   . THR A 1 50  ? -4.524  -2.139  2.636   1.00 20.15 ? 55  THR A C   1 
ATOM   374  O O   . THR A 1 50  ? -5.124  -1.140  3.081   1.00 22.83 ? 55  THR A O   1 
ATOM   375  C CB  . THR A 1 50  ? -2.035  -1.982  2.488   1.00 19.38 ? 55  THR A CB  1 
ATOM   376  O OG1 . THR A 1 50  ? -0.830  -2.238  3.341   1.00 20.17 ? 55  THR A OG1 1 
ATOM   377  C CG2 . THR A 1 50  ? -2.171  -0.431  2.346   1.00 20.10 ? 55  THR A CG2 1 
ATOM   378  N N   . SER A 1 51  ? -4.845  -2.852  1.576   1.00 23.95 ? 56  SER A N   1 
ATOM   379  C CA  . SER A 1 51  ? -6.046  -2.484  0.781   1.00 25.19 ? 56  SER A CA  1 
ATOM   380  C C   . SER A 1 51  ? -7.091  -3.625  0.840   1.00 26.02 ? 56  SER A C   1 
ATOM   381  O O   . SER A 1 51  ? -6.803  -4.687  0.297   1.00 22.22 ? 56  SER A O   1 
ATOM   382  C CB  . SER A 1 51  ? -5.542  -2.309  -0.651  1.00 19.76 ? 56  SER A CB  1 
ATOM   383  O OG  . SER A 1 51  ? -6.548  -2.377  -1.634  1.00 20.58 ? 56  SER A OG  1 
ATOM   384  N N   . LYS A 1 52  ? -8.307  -3.267  1.236   1.00 30.21 ? 57  LYS A N   1 
ATOM   385  C CA  . LYS A 1 52  ? -9.392  -4.273  1.241   1.00 32.24 ? 57  LYS A CA  1 
ATOM   386  C C   . LYS A 1 52  ? -9.646  -4.680  -0.185  1.00 28.75 ? 57  LYS A C   1 
ATOM   387  O O   . LYS A 1 52  ? -9.896  -5.843  -0.468  1.00 29.48 ? 57  LYS A O   1 
ATOM   388  C CB  . LYS A 1 52  ? -10.686 -3.776  1.918   1.00 28.91 ? 57  LYS A CB  1 
ATOM   389  C CG  . LYS A 1 52  ? -10.328 -3.596  3.413   1.00 43.77 ? 57  LYS A CG  1 
ATOM   390  C CD  . LYS A 1 52  ? -11.293 -2.706  4.143   1.00 38.07 ? 57  LYS A CD  1 
ATOM   391  C CE  . LYS A 1 52  ? -11.686 -3.194  5.520   1.00 49.19 ? 57  LYS A CE  1 
ATOM   392  N NZ  . LYS A 1 52  ? -10.639 -2.929  6.538   1.00 55.40 ? 57  LYS A NZ  1 
ATOM   393  N N   . MET A 1 53  ? -9.472  -3.736  -1.131  1.00 25.63 ? 58  MET A N   1 
ATOM   394  C CA  . MET A 1 53  ? -9.612  -4.119  -2.536  1.00 23.99 ? 58  MET A CA  1 
ATOM   395  C C   . MET A 1 53  ? -8.676  -5.116  -3.018  1.00 26.65 ? 58  MET A C   1 
ATOM   396  O O   . MET A 1 53  ? -9.012  -6.084  -3.754  1.00 26.80 ? 58  MET A O   1 
ATOM   397  C CB  . MET A 1 53  ? -9.700  -2.880  -3.419  1.00 26.22 ? 58  MET A CB  1 
ATOM   398  C CG  A MET A 1 53  ? -10.120 -2.875  -4.790  0.70 25.55 ? 58  MET A CG  1 
ATOM   399  S SD  A MET A 1 53  ? -11.632 -3.973  -5.193  0.70 25.26 ? 58  MET A SD  1 
ATOM   400  C CE  A MET A 1 53  ? -10.629 -4.471  -6.489  0.70 11.03 ? 58  MET A CE  1 
ATOM   401  N N   . PHE A 1 54  ? -7.324  -5.003  -2.679  1.00 23.54 ? 59  PHE A N   1 
ATOM   402  C CA  . PHE A 1 54  ? -6.427  -6.038  -3.117  1.00 20.97 ? 59  PHE A CA  1 
ATOM   403  C C   . PHE A 1 54  ? -6.792  -7.350  -2.402  1.00 20.02 ? 59  PHE A C   1 
ATOM   404  O O   . PHE A 1 54  ? -6.477  -8.328  -3.070  1.00 22.78 ? 59  PHE A O   1 
ATOM   405  C CB  . PHE A 1 54  ? -4.886  -5.718  -2.796  1.00 21.47 ? 59  PHE A CB  1 
ATOM   406  C CG  . PHE A 1 54  ? -4.203  -4.793  -3.773  1.00 20.93 ? 59  PHE A CG  1 
ATOM   407  C CD1 . PHE A 1 54  ? -4.082  -5.139  -5.107  1.00 24.60 ? 59  PHE A CD1 1 
ATOM   408  C CD2 . PHE A 1 54  ? -3.571  -3.576  -3.359  1.00 24.60 ? 59  PHE A CD2 1 
ATOM   409  C CE1 . PHE A 1 54  ? -3.452  -4.357  -6.072  1.00 21.27 ? 59  PHE A CE1 1 
ATOM   410  C CE2 . PHE A 1 54  ? -2.972  -2.786  -4.316  1.00 25.98 ? 59  PHE A CE2 1 
ATOM   411  C CZ  . PHE A 1 54  ? -2.871  -3.177  -5.646  1.00 19.42 ? 59  PHE A CZ  1 
ATOM   412  N N   . GLU A 1 55  ? -7.220  -7.333  -1.166  1.00 24.33 ? 60  GLU A N   1 
ATOM   413  C CA  . GLU A 1 55  ? -7.533  -8.610  -0.448  1.00 27.13 ? 60  GLU A CA  1 
ATOM   414  C C   . GLU A 1 55  ? -8.665  -9.335  -1.224  1.00 31.25 ? 60  GLU A C   1 
ATOM   415  O O   . GLU A 1 55  ? -8.507  -10.503 -1.625  1.00 28.66 ? 60  GLU A O   1 
ATOM   416  C CB  . GLU A 1 55  ? -8.038  -8.255  0.923   1.00 29.76 ? 60  GLU A CB  1 
ATOM   417  C CG  . GLU A 1 55  ? -8.367  -9.217  2.029   1.00 30.80 ? 60  GLU A CG  1 
ATOM   418  C CD  . GLU A 1 55  ? -9.488  -10.159 1.768   1.00 45.56 ? 60  GLU A CD  1 
ATOM   419  O OE1 . GLU A 1 55  ? -10.559 -9.609  1.354   1.00 52.03 ? 60  GLU A OE1 1 
ATOM   420  O OE2 . GLU A 1 55  ? -9.361  -11.384 1.948   1.00 43.80 ? 60  GLU A OE2 1 
ATOM   421  N N   . ILE A 1 56  ? -9.659  -8.494  -1.604  1.00 29.47 ? 61  ILE A N   1 
ATOM   422  C CA  . ILE A 1 56  ? -10.735 -9.003  -2.488  1.00 31.76 ? 61  ILE A CA  1 
ATOM   423  C C   . ILE A 1 56  ? -10.146 -9.369  -3.840  1.00 30.04 ? 61  ILE A C   1 
ATOM   424  O O   . ILE A 1 56  ? -10.381 -10.571 -4.202  1.00 28.07 ? 61  ILE A O   1 
ATOM   425  C CB  . ILE A 1 56  ? -11.930 -8.055  -2.676  1.00 24.14 ? 61  ILE A CB  1 
ATOM   426  C CG1 . ILE A 1 56  ? -12.662 -7.744  -1.393  1.00 26.14 ? 61  ILE A CG1 1 
ATOM   427  C CG2 . ILE A 1 56  ? -12.862 -8.593  -3.786  1.00 32.39 ? 61  ILE A CG2 1 
ATOM   428  C CD1 . ILE A 1 56  ? -13.527 -6.479  -1.413  1.00 38.66 ? 61  ILE A CD1 1 
ATOM   429  N N   . LEU A 1 57  ? -9.319  -8.637  -4.562  1.00 28.68 ? 62  LEU A N   1 
ATOM   430  C CA  . LEU A 1 57  ? -8.844  -8.960  -5.851  1.00 24.64 ? 62  LEU A CA  1 
ATOM   431  C C   . LEU A 1 57  ? -8.152  -10.311 -5.901  1.00 33.31 ? 62  LEU A C   1 
ATOM   432  O O   . LEU A 1 57  ? -7.983  -10.910 -6.987  1.00 37.86 ? 62  LEU A O   1 
ATOM   433  C CB  . LEU A 1 57  ? -7.799  -8.160  -6.646  1.00 30.60 ? 62  LEU A CB  1 
ATOM   434  C CG  . LEU A 1 57  ? -8.177  -6.921  -7.426  1.00 40.20 ? 62  LEU A CG  1 
ATOM   435  C CD1 . LEU A 1 57  ? -6.956  -6.175  -7.958  1.00 33.86 ? 62  LEU A CD1 1 
ATOM   436  C CD2 . LEU A 1 57  ? -9.142  -7.199  -8.554  1.00 35.28 ? 62  LEU A CD2 1 
ATOM   437  N N   . PHE A 1 58  ? -7.326  -10.573 -4.855  1.00 25.49 ? 63  PHE A N   1 
ATOM   438  C CA  . PHE A 1 58  ? -6.445  -11.749 -4.907  1.00 30.60 ? 63  PHE A CA  1 
ATOM   439  C C   . PHE A 1 58  ? -7.270  -13.017 -4.655  1.00 33.04 ? 63  PHE A C   1 
ATOM   440  O O   . PHE A 1 58  ? -6.761  -14.107 -4.887  1.00 34.37 ? 63  PHE A O   1 
ATOM   441  C CB  . PHE A 1 58  ? -5.347  -11.661 -3.816  1.00 31.85 ? 63  PHE A CB  1 
ATOM   442  C CG  . PHE A 1 58  ? -4.356  -10.543 -4.032  1.00 32.79 ? 63  PHE A CG  1 
ATOM   443  C CD1 . PHE A 1 58  ? -4.020  -10.053 -5.292  1.00 28.42 ? 63  PHE A CD1 1 
ATOM   444  C CD2 . PHE A 1 58  ? -3.746  -9.973  -2.928  1.00 37.28 ? 63  PHE A CD2 1 
ATOM   445  C CE1 . PHE A 1 58  ? -3.107  -9.021  -5.465  1.00 33.74 ? 63  PHE A CE1 1 
ATOM   446  C CE2 . PHE A 1 58  ? -2.835  -8.959  -3.087  1.00 22.22 ? 63  PHE A CE2 1 
ATOM   447  C CZ  . PHE A 1 58  ? -2.491  -8.451  -4.331  1.00 28.52 ? 63  PHE A CZ  1 
ATOM   448  N N   . HIS A 1 59  ? -8.571  -12.870 -4.409  1.00 39.40 ? 64  HIS A N   1 
ATOM   449  C CA  . HIS A 1 59  ? -9.528  -13.980 -4.294  1.00 44.43 ? 64  HIS A CA  1 
ATOM   450  C C   . HIS A 1 59  ? -9.427  -14.829 -5.566  1.00 45.67 ? 64  HIS A C   1 
ATOM   451  O O   . HIS A 1 59  ? -9.594  -16.044 -5.540  1.00 51.40 ? 64  HIS A O   1 
ATOM   452  C CB  . HIS A 1 59  ? -10.991 -13.554 -4.165  1.00 33.46 ? 64  HIS A CB  1 
ATOM   453  C CG  . HIS A 1 59  ? -11.337 -13.098 -2.796  1.00 34.10 ? 64  HIS A CG  1 
ATOM   454  N ND1 . HIS A 1 59  ? -10.450 -13.043 -1.754  1.00 36.91 ? 64  HIS A ND1 1 
ATOM   455  C CD2 . HIS A 1 59  ? -12.469 -12.609 -2.280  1.00 29.56 ? 64  HIS A CD2 1 
ATOM   456  C CE1 . HIS A 1 59  ? -11.049 -12.612 -0.655  1.00 34.80 ? 64  HIS A CE1 1 
ATOM   457  N NE2 . HIS A 1 59  ? -12.313 -12.328 -0.965  1.00 39.07 ? 64  HIS A NE2 1 
ATOM   458  N N   . ARG A 1 60  ? -9.123  -14.199 -6.667  1.00 42.21 ? 65  ARG A N   1 
ATOM   459  C CA  . ARG A 1 60  ? -8.942  -14.773 -7.974  1.00 47.59 ? 65  ARG A CA  1 
ATOM   460  C C   . ARG A 1 60  ? -7.459  -14.833 -8.248  1.00 49.95 ? 65  ARG A C   1 
ATOM   461  O O   . ARG A 1 60  ? -6.841  -13.863 -8.670  1.00 50.08 ? 65  ARG A O   1 
ATOM   462  C CB  . ARG A 1 60  ? -9.632  -13.886 -9.011  1.00 60.69 ? 65  ARG A CB  1 
ATOM   463  C CG  . ARG A 1 60  ? -10.458 -14.532 -10.096 1.00 68.69 ? 65  ARG A CG  1 
ATOM   464  C CD  . ARG A 1 60  ? -10.068 -13.996 -11.465 1.00 74.57 ? 65  ARG A CD  1 
ATOM   465  N NE  . ARG A 1 60  ? -10.650 -12.695 -11.780 1.00 83.53 ? 65  ARG A NE  1 
ATOM   466  C CZ  . ARG A 1 60  ? -10.520 -12.055 -12.945 1.00 86.43 ? 65  ARG A CZ  1 
ATOM   467  N NH1 . ARG A 1 60  ? -9.814  -12.639 -13.910 1.00 86.56 ? 65  ARG A NH1 1 
ATOM   468  N NH2 . ARG A 1 60  ? -11.063 -10.860 -13.168 1.00 77.15 ? 65  ARG A NH2 1 
ATOM   469  N N   . ASN A 1 61  ? -6.845  -15.998 -8.088  1.00 53.21 ? 66  ASN A N   1 
ATOM   470  C CA  . ASN A 1 61  ? -5.417  -16.097 -8.317  1.00 55.94 ? 66  ASN A CA  1 
ATOM   471  C C   . ASN A 1 61  ? -4.893  -15.918 -9.723  1.00 55.85 ? 66  ASN A C   1 
ATOM   472  O O   . ASN A 1 61  ? -5.269  -16.569 -10.688 1.00 56.26 ? 66  ASN A O   1 
ATOM   473  C CB  . ASN A 1 61  ? -4.971  -17.481 -7.789  1.00 72.44 ? 66  ASN A CB  1 
ATOM   474  C CG  . ASN A 1 61  ? -3.620  -17.317 -7.112  1.00 83.98 ? 66  ASN A CG  1 
ATOM   475  O OD1 . ASN A 1 61  ? -2.655  -16.818 -7.706  1.00 85.99 ? 66  ASN A OD1 1 
ATOM   476  N ND2 . ASN A 1 61  ? -3.594  -17.740 -5.852  1.00 91.26 ? 66  ASN A ND2 1 
ATOM   477  N N   . SER A 1 62  ? -3.862  -15.086 -9.840  1.00 52.48 ? 67  SER A N   1 
ATOM   478  C CA  . SER A 1 62  ? -3.078  -14.841 -11.042 1.00 46.50 ? 67  SER A CA  1 
ATOM   479  C C   . SER A 1 62  ? -1.747  -14.198 -10.646 1.00 48.40 ? 67  SER A C   1 
ATOM   480  O O   . SER A 1 62  ? -1.644  -13.641 -9.546  1.00 45.75 ? 67  SER A O   1 
ATOM   481  C CB  . SER A 1 62  ? -3.892  -13.948 -11.968 1.00 47.34 ? 67  SER A CB  1 
ATOM   482  O OG  . SER A 1 62  ? -3.091  -12.938 -12.518 1.00 49.65 ? 67  SER A OG  1 
ATOM   483  N N   . GLN A 1 63  ? -0.747  -14.208 -11.499 1.00 47.70 ? 68  GLN A N   1 
ATOM   484  C CA  . GLN A 1 63  ? 0.565   -13.663 -11.197 1.00 51.89 ? 68  GLN A CA  1 
ATOM   485  C C   . GLN A 1 63  ? 0.657   -12.141 -11.387 1.00 48.07 ? 68  GLN A C   1 
ATOM   486  O O   . GLN A 1 63  ? 1.522   -11.515 -10.810 1.00 47.58 ? 68  GLN A O   1 
ATOM   487  C CB  . GLN A 1 63  ? 1.622   -14.304 -12.105 1.00 55.12 ? 68  GLN A CB  1 
ATOM   488  C CG  . GLN A 1 63  ? 1.671   -15.820 -11.952 1.00 69.80 ? 68  GLN A CG  1 
ATOM   489  C CD  . GLN A 1 63  ? 3.026   -16.285 -11.468 1.00 78.65 ? 68  GLN A CD  1 
ATOM   490  O OE1 . GLN A 1 63  ? 3.972   -15.495 -11.355 1.00 83.53 ? 68  GLN A OE1 1 
ATOM   491  N NE2 . GLN A 1 63  ? 3.118   -17.582 -11.188 1.00 82.51 ? 68  GLN A NE2 1 
ATOM   492  N N   . HIS A 1 64  ? -0.167  -11.618 -12.267 1.00 47.47 ? 69  HIS A N   1 
ATOM   493  C CA  . HIS A 1 64  ? -0.263  -10.248 -12.692 1.00 46.24 ? 69  HIS A CA  1 
ATOM   494  C C   . HIS A 1 64  ? -1.664  -9.701  -12.483 1.00 40.43 ? 69  HIS A C   1 
ATOM   495  O O   . HIS A 1 64  ? -2.690  -10.369 -12.625 1.00 37.14 ? 69  HIS A O   1 
ATOM   496  C CB  . HIS A 1 64  ? -0.006  -10.151 -14.204 1.00 66.39 ? 69  HIS A CB  1 
ATOM   497  C CG  . HIS A 1 64  ? 1.412   -9.960  -14.619 1.00 83.45 ? 69  HIS A CG  1 
ATOM   498  N ND1 . HIS A 1 64  ? 1.947   -8.735  -14.972 1.00 90.13 ? 69  HIS A ND1 1 
ATOM   499  C CD2 . HIS A 1 64  ? 2.427   -10.859 -14.742 1.00 93.03 ? 69  HIS A CD2 1 
ATOM   500  C CE1 . HIS A 1 64  ? 3.224   -8.886  -15.292 1.00 93.39 ? 69  HIS A CE1 1 
ATOM   501  N NE2 . HIS A 1 64  ? 3.542   -10.166 -15.159 1.00 96.88 ? 69  HIS A NE2 1 
ATOM   502  N N   . TYR A 1 65  ? -1.786  -8.455  -12.048 1.00 39.37 ? 70  TYR A N   1 
ATOM   503  C CA  . TYR A 1 65  ? -2.998  -7.707  -11.873 1.00 35.40 ? 70  TYR A CA  1 
ATOM   504  C C   . TYR A 1 65  ? -2.770  -6.307  -12.490 1.00 37.94 ? 70  TYR A C   1 
ATOM   505  O O   . TYR A 1 65  ? -1.713  -5.653  -12.432 1.00 35.99 ? 70  TYR A O   1 
ATOM   506  C CB  . TYR A 1 65  ? -3.641  -7.617  -10.504 1.00 38.81 ? 70  TYR A CB  1 
ATOM   507  C CG  . TYR A 1 65  ? -3.902  -8.935  -9.821  1.00 39.06 ? 70  TYR A CG  1 
ATOM   508  C CD1 . TYR A 1 65  ? -2.854  -9.599  -9.184  1.00 38.06 ? 70  TYR A CD1 1 
ATOM   509  C CD2 . TYR A 1 65  ? -5.157  -9.546  -9.873  1.00 39.82 ? 70  TYR A CD2 1 
ATOM   510  C CE1 . TYR A 1 65  ? -3.068  -10.816 -8.566  1.00 39.14 ? 70  TYR A CE1 1 
ATOM   511  C CE2 . TYR A 1 65  ? -5.370  -10.774 -9.245  1.00 41.88 ? 70  TYR A CE2 1 
ATOM   512  C CZ  . TYR A 1 65  ? -4.333  -11.406 -8.605  1.00 37.80 ? 70  TYR A CZ  1 
ATOM   513  O OH  . TYR A 1 65  ? -4.505  -12.621 -7.984  1.00 35.39 ? 70  TYR A OH  1 
ATOM   514  N N   . THR A 1 66  ? -3.773  -5.912  -13.309 1.00 36.67 ? 71  THR A N   1 
ATOM   515  C CA  . THR A 1 66  ? -3.695  -4.654  -14.052 1.00 36.38 ? 71  THR A CA  1 
ATOM   516  C C   . THR A 1 66  ? -4.608  -3.620  -13.445 1.00 31.18 ? 71  THR A C   1 
ATOM   517  O O   . THR A 1 66  ? -5.811  -3.845  -13.181 1.00 36.82 ? 71  THR A O   1 
ATOM   518  C CB  . THR A 1 66  ? -3.986  -4.806  -15.572 1.00 38.46 ? 71  THR A CB  1 
ATOM   519  O OG1 . THR A 1 66  ? -2.929  -5.581  -16.169 1.00 38.39 ? 71  THR A OG1 1 
ATOM   520  C CG2 . THR A 1 66  ? -3.987  -3.440  -16.251 1.00 38.65 ? 71  THR A CG2 1 
ATOM   521  N N   . LEU A 1 67  ? -4.019  -2.426  -13.136 1.00 29.97 ? 72  LEU A N   1 
ATOM   522  C CA  . LEU A 1 67  ? -4.904  -1.419  -12.570 1.00 25.65 ? 72  LEU A CA  1 
ATOM   523  C C   . LEU A 1 67  ? -4.988  -0.267  -13.596 1.00 36.03 ? 72  LEU A C   1 
ATOM   524  O O   . LEU A 1 67  ? -3.936  0.210   -13.997 1.00 32.40 ? 72  LEU A O   1 
ATOM   525  C CB  . LEU A 1 67  ? -4.524  -0.890  -11.196 1.00 28.72 ? 72  LEU A CB  1 
ATOM   526  C CG  . LEU A 1 67  ? -4.105  -1.893  -10.101 1.00 33.44 ? 72  LEU A CG  1 
ATOM   527  C CD1 . LEU A 1 67  ? -3.607  -1.160  -8.836  1.00 32.49 ? 72  LEU A CD1 1 
ATOM   528  C CD2 . LEU A 1 67  ? -5.289  -2.762  -9.709  1.00 40.61 ? 72  LEU A CD2 1 
ATOM   529  N N   . ASP A 1 68  ? -6.179  0.281   -13.886 1.00 33.93 ? 73  ASP A N   1 
ATOM   530  C CA  . ASP A 1 68  ? -6.103  1.401   -14.864 1.00 39.82 ? 73  ASP A CA  1 
ATOM   531  C C   . ASP A 1 68  ? -6.908  2.582   -14.411 1.00 38.77 ? 73  ASP A C   1 
ATOM   532  O O   . ASP A 1 68  ? -7.239  3.487   -15.166 1.00 42.64 ? 73  ASP A O   1 
ATOM   533  C CB  . ASP A 1 68  ? -6.532  0.959   -16.262 1.00 57.97 ? 73  ASP A CB  1 
ATOM   534  C CG  . ASP A 1 68  ? -5.386  0.361   -17.064 1.00 63.36 ? 73  ASP A CG  1 
ATOM   535  O OD1 . ASP A 1 68  ? -4.191  0.641   -16.775 1.00 73.33 ? 73  ASP A OD1 1 
ATOM   536  O OD2 . ASP A 1 68  ? -5.698  -0.443  -17.967 1.00 69.75 ? 73  ASP A OD2 1 
ATOM   537  N N   . PHE A 1 69  ? -7.220  2.635   -13.126 1.00 35.06 ? 74  PHE A N   1 
ATOM   538  C CA  . PHE A 1 69  ? -7.956  3.744   -12.581 1.00 34.49 ? 74  PHE A CA  1 
ATOM   539  C C   . PHE A 1 69  ? -6.942  4.756   -12.018 1.00 36.24 ? 74  PHE A C   1 
ATOM   540  O O   . PHE A 1 69  ? -7.410  5.723   -11.431 1.00 34.51 ? 74  PHE A O   1 
ATOM   541  C CB  . PHE A 1 69  ? -8.908  3.167   -11.550 1.00 31.64 ? 74  PHE A CB  1 
ATOM   542  C CG  . PHE A 1 69  ? -8.292  2.428   -10.402 1.00 27.32 ? 74  PHE A CG  1 
ATOM   543  C CD1 . PHE A 1 69  ? -7.945  3.145   -9.256  1.00 34.45 ? 74  PHE A CD1 1 
ATOM   544  C CD2 . PHE A 1 69  ? -8.077  1.050   -10.448 1.00 28.92 ? 74  PHE A CD2 1 
ATOM   545  C CE1 . PHE A 1 69  ? -7.371  2.507   -8.163  1.00 28.50 ? 74  PHE A CE1 1 
ATOM   546  C CE2 . PHE A 1 69  ? -7.485  0.394   -9.378  1.00 28.95 ? 74  PHE A CE2 1 
ATOM   547  C CZ  . PHE A 1 69  ? -7.147  1.124   -8.248  1.00 31.86 ? 74  PHE A CZ  1 
ATOM   548  N N   . LEU A 1 70  ? -5.647  4.483   -12.113 1.00 34.17 ? 75  LEU A N   1 
ATOM   549  C CA  . LEU A 1 70  ? -4.719  5.464   -11.520 1.00 31.86 ? 75  LEU A CA  1 
ATOM   550  C C   . LEU A 1 70  ? -3.453  5.516   -12.314 1.00 26.93 ? 75  LEU A C   1 
ATOM   551  O O   . LEU A 1 70  ? -3.119  4.659   -13.153 1.00 30.75 ? 75  LEU A O   1 
ATOM   552  C CB  . LEU A 1 70  ? -4.441  5.159   -10.020 1.00 29.66 ? 75  LEU A CB  1 
ATOM   553  C CG  . LEU A 1 70  ? -3.447  4.041   -9.718  1.00 25.25 ? 75  LEU A CG  1 
ATOM   554  C CD1 . LEU A 1 70  ? -3.206  3.866   -8.171  1.00 21.00 ? 75  LEU A CD1 1 
ATOM   555  C CD2 . LEU A 1 70  ? -3.937  2.712   -10.289 1.00 26.12 ? 75  LEU A CD2 1 
ATOM   556  N N   . SER A 1 71  ? -2.627  6.562   -12.143 1.00 30.60 ? 76  SER A N   1 
ATOM   557  C CA  . SER A 1 71  ? -1.350  6.554   -12.862 1.00 28.08 ? 76  SER A CA  1 
ATOM   558  C C   . SER A 1 71  ? -0.253  5.765   -12.119 1.00 27.05 ? 76  SER A C   1 
ATOM   559  O O   . SER A 1 71  ? -0.329  5.563   -10.906 1.00 27.03 ? 76  SER A O   1 
ATOM   560  C CB  . SER A 1 71  ? -0.781  7.990   -12.977 1.00 33.87 ? 76  SER A CB  1 
ATOM   561  O OG  . SER A 1 71  ? -0.608  8.486   -11.667 1.00 25.99 ? 76  SER A OG  1 
ATOM   562  N N   . PRO A 1 72  ? 0.840   5.473   -12.797 1.00 28.65 ? 77  PRO A N   1 
ATOM   563  C CA  . PRO A 1 72  ? 1.980   4.794   -12.223 1.00 30.54 ? 77  PRO A CA  1 
ATOM   564  C C   . PRO A 1 72  ? 2.482   5.591   -11.028 1.00 31.58 ? 77  PRO A C   1 
ATOM   565  O O   . PRO A 1 72  ? 2.867   5.055   -9.975  1.00 24.85 ? 77  PRO A O   1 
ATOM   566  C CB  . PRO A 1 72  ? 2.965   4.709   -13.383 1.00 33.39 ? 77  PRO A CB  1 
ATOM   567  C CG  . PRO A 1 72  ? 2.047   4.598   -14.577 1.00 34.05 ? 77  PRO A CG  1 
ATOM   568  C CD  . PRO A 1 72  ? 1.008   5.657   -14.285 1.00 33.53 ? 77  PRO A CD  1 
ATOM   569  N N   . LYS A 1 73  ? 2.501   6.928   -11.178 1.00 31.58 ? 78  LYS A N   1 
ATOM   570  C CA  . LYS A 1 73  ? 2.961   7.784   -10.110 1.00 32.49 ? 78  LYS A CA  1 
ATOM   571  C C   . LYS A 1 73  ? 2.135   7.650   -8.837  1.00 30.86 ? 78  LYS A C   1 
ATOM   572  O O   . LYS A 1 73  ? 2.713   7.683   -7.751  1.00 26.20 ? 78  LYS A O   1 
ATOM   573  C CB  . LYS A 1 73  ? 2.903   9.285   -10.496 1.00 38.16 ? 78  LYS A CB  1 
ATOM   574  C CG  . LYS A 1 73  ? 3.263   10.199  -9.344  1.00 40.69 ? 78  LYS A CG  1 
ATOM   575  C CD  . LYS A 1 73  ? 3.690   11.592  -9.790  1.00 54.56 ? 78  LYS A CD  1 
ATOM   576  C CE  . LYS A 1 73  ? 2.507   12.424  -10.214 1.00 56.45 ? 78  LYS A CE  1 
ATOM   577  N NZ  . LYS A 1 73  ? 2.534   13.814  -9.671  1.00 70.85 ? 78  LYS A NZ  1 
ATOM   578  N N   . THR A 1 74  ? 0.832   7.723   -8.911  1.00 22.92 ? 79  THR A N   1 
ATOM   579  C CA  . THR A 1 74  ? -0.074  7.583   -7.790  1.00 23.62 ? 79  THR A CA  1 
ATOM   580  C C   . THR A 1 74  ? 0.142   6.126   -7.214  1.00 20.71 ? 79  THR A C   1 
ATOM   581  O O   . THR A 1 74  ? 0.119   6.010   -5.965  1.00 23.53 ? 79  THR A O   1 
ATOM   582  C CB  . THR A 1 74  ? -1.525  7.784   -8.217  1.00 25.88 ? 79  THR A CB  1 
ATOM   583  O OG1 . THR A 1 74  ? -1.629  9.138   -8.785  1.00 26.99 ? 79  THR A OG1 1 
ATOM   584  C CG2 . THR A 1 74  ? -2.527  7.677   -7.033  1.00 18.03 ? 79  THR A CG2 1 
ATOM   585  N N   . PHE A 1 75  ? 0.155   5.150   -8.091  1.00 19.06 ? 80  PHE A N   1 
ATOM   586  C CA  . PHE A 1 75  ? 0.357   3.800   -7.542  1.00 23.70 ? 80  PHE A CA  1 
ATOM   587  C C   . PHE A 1 75  ? 1.665   3.719   -6.738  1.00 26.42 ? 80  PHE A C   1 
ATOM   588  O O   . PHE A 1 75  ? 1.714   3.194   -5.614  1.00 23.53 ? 80  PHE A O   1 
ATOM   589  C CB  . PHE A 1 75  ? 0.335   2.694   -8.608  1.00 24.44 ? 80  PHE A CB  1 
ATOM   590  C CG  . PHE A 1 75  ? 0.409   1.331   -7.900  1.00 27.90 ? 80  PHE A CG  1 
ATOM   591  C CD1 . PHE A 1 75  ? -0.613  0.935   -7.067  1.00 25.34 ? 80  PHE A CD1 1 
ATOM   592  C CD2 . PHE A 1 75  ? 1.543   0.562   -7.998  1.00 27.37 ? 80  PHE A CD2 1 
ATOM   593  C CE1 . PHE A 1 75  ? -0.490  -0.285  -6.357  1.00 23.32 ? 80  PHE A CE1 1 
ATOM   594  C CE2 . PHE A 1 75  ? 1.663   -0.677  -7.367  1.00 28.27 ? 80  PHE A CE2 1 
ATOM   595  C CZ  . PHE A 1 75  ? 0.619   -1.094  -6.527  1.00 19.60 ? 80  PHE A CZ  1 
ATOM   596  N N   . GLN A 1 76  ? 2.795   4.155   -7.276  1.00 25.65 ? 81  GLN A N   1 
ATOM   597  C CA  . GLN A 1 76  ? 4.074   4.186   -6.537  1.00 27.35 ? 81  GLN A CA  1 
ATOM   598  C C   . GLN A 1 76  ? 3.972   4.835   -5.178  1.00 19.14 ? 81  GLN A C   1 
ATOM   599  O O   . GLN A 1 76  ? 4.528   4.371   -4.165  1.00 22.58 ? 81  GLN A O   1 
ATOM   600  C CB  . GLN A 1 76  ? 5.098   4.962   -7.402  1.00 30.71 ? 81  GLN A CB  1 
ATOM   601  C CG  . GLN A 1 76  ? 6.365   5.259   -6.592  1.00 31.24 ? 81  GLN A CG  1 
ATOM   602  C CD  . GLN A 1 76  ? 7.203   4.001   -6.546  1.00 42.29 ? 81  GLN A CD  1 
ATOM   603  O OE1 . GLN A 1 76  ? 7.203   3.152   -7.458  1.00 48.04 ? 81  GLN A OE1 1 
ATOM   604  N NE2 . GLN A 1 76  ? 7.959   3.877   -5.450  1.00 49.17 ? 81  GLN A NE2 1 
ATOM   605  N N   . GLN A 1 77  ? 3.260   5.953   -5.056  1.00 22.89 ? 82  GLN A N   1 
ATOM   606  C CA  . GLN A 1 77  ? 2.997   6.676   -3.871  1.00 23.52 ? 82  GLN A CA  1 
ATOM   607  C C   . GLN A 1 77  ? 2.306   5.809   -2.827  1.00 25.14 ? 82  GLN A C   1 
ATOM   608  O O   . GLN A 1 77  ? 2.680   5.731   -1.673  1.00 20.94 ? 82  GLN A O   1 
ATOM   609  C CB  . GLN A 1 77  ? 2.247   7.974   -4.052  1.00 25.45 ? 82  GLN A CB  1 
ATOM   610  C CG  . GLN A 1 77  ? 3.123   9.036   -4.759  1.00 23.70 ? 82  GLN A CG  1 
ATOM   611  C CD  . GLN A 1 77  ? 2.322   10.181  -5.291  1.00 27.20 ? 82  GLN A CD  1 
ATOM   612  O OE1 . GLN A 1 77  ? 1.082   10.157  -5.425  1.00 24.67 ? 82  GLN A OE1 1 
ATOM   613  N NE2 . GLN A 1 77  ? 2.954   11.320  -5.585  1.00 24.58 ? 82  GLN A NE2 1 
ATOM   614  N N   . ILE A 1 78  ? 1.230   5.150   -3.319  1.00 22.50 ? 83  ILE A N   1 
ATOM   615  C CA  . ILE A 1 78  ? 0.512   4.268   -2.415  1.00 20.76 ? 83  ILE A CA  1 
ATOM   616  C C   . ILE A 1 78  ? 1.299   2.986   -2.103  1.00 15.26 ? 83  ILE A C   1 
ATOM   617  O O   . ILE A 1 78  ? 1.230   2.579   -0.920  1.00 18.18 ? 83  ILE A O   1 
ATOM   618  C CB  . ILE A 1 78  ? -0.810  3.874   -3.140  1.00 22.12 ? 83  ILE A CB  1 
ATOM   619  C CG1 . ILE A 1 78  ? -1.693  5.129   -3.077  1.00 22.49 ? 83  ILE A CG1 1 
ATOM   620  C CG2 . ILE A 1 78  ? -1.394  2.632   -2.471  1.00 20.61 ? 83  ILE A CG2 1 
ATOM   621  C CD1 . ILE A 1 78  ? -2.976  5.005   -3.867  1.00 25.93 ? 83  ILE A CD1 1 
ATOM   622  N N   . LEU A 1 79  ? 2.106   2.498   -3.019  1.00 15.26 ? 84  LEU A N   1 
ATOM   623  C CA  . LEU A 1 79  ? 2.943   1.345   -2.780  1.00 21.26 ? 84  LEU A CA  1 
ATOM   624  C C   . LEU A 1 79  ? 3.977   1.651   -1.692  1.00 22.92 ? 84  LEU A C   1 
ATOM   625  O O   . LEU A 1 79  ? 4.200   0.907   -0.725  1.00 19.64 ? 84  LEU A O   1 
ATOM   626  C CB  . LEU A 1 79  ? 3.675   0.954   -4.086  1.00 17.91 ? 84  LEU A CB  1 
ATOM   627  C CG  . LEU A 1 79  ? 4.593   -0.230  -3.913  1.00 20.94 ? 84  LEU A CG  1 
ATOM   628  C CD1 . LEU A 1 79  ? 3.762   -1.530  -3.662  1.00 23.52 ? 84  LEU A CD1 1 
ATOM   629  C CD2 . LEU A 1 79  ? 5.310   -0.441  -5.253  1.00 25.32 ? 84  LEU A CD2 1 
ATOM   630  N N   . GLU A 1 80  ? 4.597   2.860   -1.765  1.00 19.72 ? 85  GLU A N   1 
ATOM   631  C CA  . GLU A 1 80  ? 5.473   3.290   -0.697  1.00 19.43 ? 85  GLU A CA  1 
ATOM   632  C C   . GLU A 1 80  ? 4.813   3.440   0.628   1.00 18.82 ? 85  GLU A C   1 
ATOM   633  O O   . GLU A 1 80  ? 5.389   3.068   1.661   1.00 22.69 ? 85  GLU A O   1 
ATOM   634  C CB  . GLU A 1 80  ? 6.152   4.697   -0.993  1.00 23.86 ? 85  GLU A CB  1 
ATOM   635  C CG  . GLU A 1 80  ? 7.079   4.397   -2.124  1.00 31.31 ? 85  GLU A CG  1 
ATOM   636  C CD  . GLU A 1 80  ? 7.893   5.649   -2.472  1.00 56.21 ? 85  GLU A CD  1 
ATOM   637  O OE1 . GLU A 1 80  ? 7.868   6.607   -1.667  1.00 58.88 ? 85  GLU A OE1 1 
ATOM   638  O OE2 . GLU A 1 80  ? 8.513   5.582   -3.558  1.00 50.76 ? 85  GLU A OE2 1 
ATOM   639  N N   . TYR A 1 81  ? 3.610   3.992   0.714   1.00 17.09 ? 86  TYR A N   1 
ATOM   640  C CA  . TYR A 1 81  ? 2.875   4.121   1.942   1.00 17.51 ? 86  TYR A CA  1 
ATOM   641  C C   . TYR A 1 81  ? 2.638   2.694   2.527   1.00 20.84 ? 86  TYR A C   1 
ATOM   642  O O   . TYR A 1 81  ? 2.839   2.480   3.733   1.00 18.08 ? 86  TYR A O   1 
ATOM   643  C CB  . TYR A 1 81  ? 1.545   4.812   1.608   1.00 18.99 ? 86  TYR A CB  1 
ATOM   644  C CG  . TYR A 1 81  ? 0.674   4.732   2.839   1.00 18.60 ? 86  TYR A CG  1 
ATOM   645  C CD1 . TYR A 1 81  ? 0.837   5.443   4.010   1.00 18.50 ? 86  TYR A CD1 1 
ATOM   646  C CD2 . TYR A 1 81  ? -0.308  3.713   2.820   1.00 15.68 ? 86  TYR A CD2 1 
ATOM   647  C CE1 . TYR A 1 81  ? 0.070   5.258   5.149   1.00 19.29 ? 86  TYR A CE1 1 
ATOM   648  C CE2 . TYR A 1 81  ? -1.062  3.510   3.972   1.00 16.76 ? 86  TYR A CE2 1 
ATOM   649  C CZ  . TYR A 1 81  ? -0.905  4.212   5.106   1.00 20.46 ? 86  TYR A CZ  1 
ATOM   650  O OH  . TYR A 1 81  ? -1.700  4.004   6.183   1.00 24.06 ? 86  TYR A OH  1 
ATOM   651  N N   . ALA A 1 82  ? 2.208   1.790   1.692   1.00 18.41 ? 87  ALA A N   1 
ATOM   652  C CA  . ALA A 1 82  ? 1.894   0.422   2.181   1.00 15.98 ? 87  ALA A CA  1 
ATOM   653  C C   . ALA A 1 82  ? 3.150   -0.168  2.847   1.00 20.31 ? 87  ALA A C   1 
ATOM   654  O O   . ALA A 1 82  ? 3.028   -0.847  3.843   1.00 16.86 ? 87  ALA A O   1 
ATOM   655  C CB  . ALA A 1 82  ? 1.462   -0.475  1.054   1.00 15.79 ? 87  ALA A CB  1 
ATOM   656  N N   . TYR A 1 83  ? 4.311   -0.010  2.216   1.00 16.14 ? 88  TYR A N   1 
ATOM   657  C CA  . TYR A 1 83  ? 5.516   -0.580  2.736   1.00 19.43 ? 88  TYR A CA  1 
ATOM   658  C C   . TYR A 1 83  ? 6.246   0.277   3.780   1.00 22.45 ? 88  TYR A C   1 
ATOM   659  O O   . TYR A 1 83  ? 7.220   -0.236  4.314   1.00 20.66 ? 88  TYR A O   1 
ATOM   660  C CB  . TYR A 1 83  ? 6.416   -0.824  1.516   1.00 17.91 ? 88  TYR A CB  1 
ATOM   661  C CG  . TYR A 1 83  ? 6.120   -2.162  0.906   1.00 19.18 ? 88  TYR A CG  1 
ATOM   662  C CD1 . TYR A 1 83  ? 6.805   -3.295  1.373   1.00 15.51 ? 88  TYR A CD1 1 
ATOM   663  C CD2 . TYR A 1 83  ? 5.154   -2.259  -0.092  1.00 20.36 ? 88  TYR A CD2 1 
ATOM   664  C CE1 . TYR A 1 83  ? 6.519   -4.565  0.842   1.00 16.30 ? 88  TYR A CE1 1 
ATOM   665  C CE2 . TYR A 1 83  ? 4.909   -3.507  -0.643  1.00 18.54 ? 88  TYR A CE2 1 
ATOM   666  C CZ  . TYR A 1 83  ? 5.558   -4.620  -0.178  1.00 20.53 ? 88  TYR A CZ  1 
ATOM   667  O OH  . TYR A 1 83  ? 5.296   -5.803  -0.801  1.00 19.10 ? 88  TYR A OH  1 
ATOM   668  N N   . THR A 1 84  ? 5.884   1.535   4.064   1.00 22.28 ? 89  THR A N   1 
ATOM   669  C CA  . THR A 1 84  ? 6.644   2.329   5.031   1.00 19.74 ? 89  THR A CA  1 
ATOM   670  C C   . THR A 1 84  ? 5.775   3.042   6.021   1.00 22.57 ? 89  THR A C   1 
ATOM   671  O O   . THR A 1 84  ? 6.355   3.544   6.962   1.00 20.66 ? 89  THR A O   1 
ATOM   672  C CB  . THR A 1 84  ? 7.479   3.442   4.294   1.00 22.78 ? 89  THR A CB  1 
ATOM   673  O OG1 . THR A 1 84  ? 6.577   4.436   3.760   1.00 20.43 ? 89  THR A OG1 1 
ATOM   674  C CG2 . THR A 1 84  ? 8.369   2.738   3.315   1.00 19.18 ? 89  THR A CG2 1 
ATOM   675  N N   . ALA A 1 85  ? 4.471   3.223   5.827   1.00 18.06 ? 90  ALA A N   1 
ATOM   676  C CA  . ALA A 1 85  ? 3.516   3.933   6.648   1.00 16.78 ? 90  ALA A CA  1 
ATOM   677  C C   . ALA A 1 85  ? 3.587   5.495   6.395   1.00 17.22 ? 90  ALA A C   1 
ATOM   678  O O   . ALA A 1 85  ? 2.898   6.238   7.019   1.00 20.70 ? 90  ALA A O   1 
ATOM   679  C CB  . ALA A 1 85  ? 3.668   3.653   8.147   1.00 23.45 ? 90  ALA A CB  1 
ATOM   680  N N   . THR A 1 86  ? 4.354   5.884   5.396   1.00 19.31 ? 91  THR A N   1 
ATOM   681  C CA  . THR A 1 86  ? 4.458   7.311   5.017   1.00 18.84 ? 91  THR A CA  1 
ATOM   682  C C   . THR A 1 86  ? 4.232   7.449   3.534   1.00 16.70 ? 91  THR A C   1 
ATOM   683  O O   . THR A 1 86  ? 4.791   6.750   2.715   1.00 20.72 ? 91  THR A O   1 
ATOM   684  C CB  . THR A 1 86  ? 5.927   7.837   5.286   1.00 28.48 ? 91  THR A CB  1 
ATOM   685  O OG1 . THR A 1 86  ? 6.082   7.780   6.703   1.00 27.18 ? 91  THR A OG1 1 
ATOM   686  C CG2 . THR A 1 86  ? 5.995   9.313   4.830   1.00 25.43 ? 91  THR A CG2 1 
ATOM   687  N N   . LEU A 1 87  ? 3.488   8.538   3.240   1.00 22.68 ? 92  LEU A N   1 
ATOM   688  C CA  . LEU A 1 87  ? 3.346   8.791   1.774   1.00 23.05 ? 92  LEU A CA  1 
ATOM   689  C C   . LEU A 1 87  ? 3.776   10.317  1.531   1.00 17.56 ? 92  LEU A C   1 
ATOM   690  O O   . LEU A 1 87  ? 3.343   11.084  2.355   1.00 25.21 ? 92  LEU A O   1 
ATOM   691  C CB  . LEU A 1 87  ? 1.836   8.786   1.523   1.00 23.66 ? 92  LEU A CB  1 
ATOM   692  C CG  . LEU A 1 87  ? 1.387   9.071   0.073   1.00 31.01 ? 92  LEU A CG  1 
ATOM   693  C CD1 . LEU A 1 87  ? 0.192   8.182   -0.238  1.00 24.41 ? 92  LEU A CD1 1 
ATOM   694  C CD2 . LEU A 1 87  ? 1.022   10.551  -0.071  1.00 25.39 ? 92  LEU A CD2 1 
ATOM   695  N N   . GLN A 1 88  ? 4.531   10.404  0.442   1.00 22.81 ? 93  GLN A N   1 
ATOM   696  C CA  . GLN A 1 88  ? 4.894   11.787  0.127   1.00 23.43 ? 93  GLN A CA  1 
ATOM   697  C C   . GLN A 1 88  ? 4.342   12.121  -1.262  1.00 24.37 ? 93  GLN A C   1 
ATOM   698  O O   . GLN A 1 88  ? 4.494   11.282  -2.160  1.00 28.13 ? 93  GLN A O   1 
ATOM   699  C CB  . GLN A 1 88  ? 6.440   11.941  0.208   1.00 25.16 ? 93  GLN A CB  1 
ATOM   700  C CG  . GLN A 1 88  ? 6.896   11.561  1.627   1.00 30.47 ? 93  GLN A CG  1 
ATOM   701  C CD  . GLN A 1 88  ? 8.321   11.992  1.944   1.00 49.67 ? 93  GLN A CD  1 
ATOM   702  O OE1 . GLN A 1 88  ? 9.076   11.675  1.029   1.00 42.49 ? 93  GLN A OE1 1 
ATOM   703  N NE2 . GLN A 1 88  ? 8.592   12.637  3.084   1.00 36.64 ? 93  GLN A NE2 1 
ATOM   704  N N   . ALA A 1 89  ? 3.786   13.339  -1.369  1.00 23.47 ? 94  ALA A N   1 
ATOM   705  C CA  . ALA A 1 89  ? 3.267   13.691  -2.692  1.00 27.20 ? 94  ALA A CA  1 
ATOM   706  C C   . ALA A 1 89  ? 3.298   15.230  -2.862  1.00 29.39 ? 94  ALA A C   1 
ATOM   707  O O   . ALA A 1 89  ? 3.706   15.939  -1.940  1.00 28.65 ? 94  ALA A O   1 
ATOM   708  C CB  . ALA A 1 89  ? 1.813   13.175  -2.827  1.00 28.77 ? 94  ALA A CB  1 
ATOM   709  N N   . LYS A 1 90  ? 2.881   15.651  -4.038  1.00 30.08 ? 95  LYS A N   1 
ATOM   710  C CA  . LYS A 1 90  ? 2.709   17.094  -4.337  1.00 33.03 ? 95  LYS A CA  1 
ATOM   711  C C   . LYS A 1 90  ? 1.282   17.503  -4.057  1.00 38.01 ? 95  LYS A C   1 
ATOM   712  O O   . LYS A 1 90  ? 0.365   16.639  -4.112  1.00 28.30 ? 95  LYS A O   1 
ATOM   713  C CB  . LYS A 1 90  ? 3.085   17.437  -5.786  1.00 33.94 ? 95  LYS A CB  1 
ATOM   714  C CG  . LYS A 1 90  ? 4.614   17.507  -5.824  1.00 39.74 ? 95  LYS A CG  1 
ATOM   715  C CD  . LYS A 1 90  ? 5.126   17.570  -7.252  1.00 51.57 ? 95  LYS A CD  1 
ATOM   716  C CE  . LYS A 1 90  ? 6.485   18.286  -7.248  1.00 66.86 ? 95  LYS A CE  1 
ATOM   717  N NZ  . LYS A 1 90  ? 6.321   19.666  -6.687  1.00 71.72 ? 95  LYS A NZ  1 
ATOM   718  N N   . ALA A 1 91  ? 0.980   18.754  -3.708  1.00 27.94 ? 96  ALA A N   1 
ATOM   719  C CA  . ALA A 1 91  ? -0.426  19.119  -3.429  1.00 28.30 ? 96  ALA A CA  1 
ATOM   720  C C   . ALA A 1 91  ? -1.380  18.834  -4.572  1.00 32.76 ? 96  ALA A C   1 
ATOM   721  O O   . ALA A 1 91  ? -2.578  18.495  -4.388  1.00 33.87 ? 96  ALA A O   1 
ATOM   722  C CB  . ALA A 1 91  ? -0.569  20.637  -3.154  1.00 34.23 ? 96  ALA A CB  1 
ATOM   723  N N   . GLU A 1 92  ? -0.923  18.925  -5.801  1.00 30.72 ? 97  GLU A N   1 
ATOM   724  C CA  . GLU A 1 92  ? -1.710  18.637  -6.995  1.00 35.16 ? 97  GLU A CA  1 
ATOM   725  C C   . GLU A 1 92  ? -2.040  17.129  -7.173  1.00 37.34 ? 97  GLU A C   1 
ATOM   726  O O   . GLU A 1 92  ? -2.545  16.669  -8.209  1.00 35.88 ? 97  GLU A O   1 
ATOM   727  C CB  . GLU A 1 92  ? -0.840  18.985  -8.199  1.00 34.29 ? 97  GLU A CB  1 
ATOM   728  C CG  . GLU A 1 92  ? 0.299   18.029  -8.430  1.00 61.93 ? 97  GLU A CG  1 
ATOM   729  C CD  . GLU A 1 92  ? 1.396   18.492  -9.363  1.00 75.14 ? 97  GLU A CD  1 
ATOM   730  O OE1 . GLU A 1 92  ? 1.484   19.724  -9.571  1.00 84.21 ? 97  GLU A OE1 1 
ATOM   731  O OE2 . GLU A 1 92  ? 2.170   17.629  -9.851  1.00 80.94 ? 97  GLU A OE2 1 
ATOM   732  N N   . ASP A 1 93  ? -1.511  16.301  -6.259  1.00 33.03 ? 98  ASP A N   1 
ATOM   733  C CA  . ASP A 1 93  ? -1.715  14.842  -6.407  1.00 30.06 ? 98  ASP A CA  1 
ATOM   734  C C   . ASP A 1 93  ? -2.824  14.458  -5.462  1.00 25.44 ? 98  ASP A C   1 
ATOM   735  O O   . ASP A 1 93  ? -3.159  13.226  -5.488  1.00 28.37 ? 98  ASP A O   1 
ATOM   736  C CB  . ASP A 1 93  ? -0.453  14.097  -5.999  1.00 31.60 ? 98  ASP A CB  1 
ATOM   737  C CG  . ASP A 1 93  ? 0.798   14.225  -6.778  1.00 33.14 ? 98  ASP A CG  1 
ATOM   738  O OD1 . ASP A 1 93  ? 0.714   14.551  -7.981  1.00 36.46 ? 98  ASP A OD1 1 
ATOM   739  O OD2 . ASP A 1 93  ? 1.948   13.981  -6.294  1.00 26.73 ? 98  ASP A OD2 1 
ATOM   740  N N   . LEU A 1 94  ? -3.356  15.265  -4.583  1.00 24.08 ? 99  LEU A N   1 
ATOM   741  C CA  . LEU A 1 94  ? -4.296  14.980  -3.577  1.00 26.35 ? 99  LEU A CA  1 
ATOM   742  C C   . LEU A 1 94  ? -5.633  14.408  -4.110  1.00 31.66 ? 99  LEU A C   1 
ATOM   743  O O   . LEU A 1 94  ? -6.044  13.325  -3.620  1.00 25.93 ? 99  LEU A O   1 
ATOM   744  C CB  . LEU A 1 94  ? -4.569  16.095  -2.601  1.00 29.98 ? 99  LEU A CB  1 
ATOM   745  C CG  . LEU A 1 94  ? -3.523  16.285  -1.502  1.00 36.71 ? 99  LEU A CG  1 
ATOM   746  C CD1 . LEU A 1 94  ? -3.797  17.586  -0.748  1.00 30.72 ? 99  LEU A CD1 1 
ATOM   747  C CD2 . LEU A 1 94  ? -3.472  15.153  -0.463  1.00 32.47 ? 99  LEU A CD2 1 
ATOM   748  N N   . ASP A 1 95  ? -6.099  14.989  -5.210  1.00 25.76 ? 100 ASP A N   1 
ATOM   749  C CA  . ASP A 1 95  ? -7.374  14.469  -5.792  1.00 28.52 ? 100 ASP A CA  1 
ATOM   750  C C   . ASP A 1 95  ? -7.127  13.089  -6.386  1.00 22.69 ? 100 ASP A C   1 
ATOM   751  O O   . ASP A 1 95  ? -7.988  12.203  -6.214  1.00 26.10 ? 100 ASP A O   1 
ATOM   752  C CB  . ASP A 1 95  ? -7.805  15.551  -6.804  1.00 34.49 ? 100 ASP A CB  1 
ATOM   753  C CG  . ASP A 1 95  ? -6.808  15.727  -7.917  1.00 45.24 ? 100 ASP A CG  1 
ATOM   754  O OD1 . ASP A 1 95  ? -5.595  15.365  -7.904  1.00 48.00 ? 100 ASP A OD1 1 
ATOM   755  O OD2 . ASP A 1 95  ? -7.167  16.252  -9.001  1.00 57.61 ? 100 ASP A OD2 1 
ATOM   756  N N   . ASP A 1 96  ? -5.998  12.825  -7.060  1.00 23.23 ? 101 ASP A N   1 
ATOM   757  C CA  . ASP A 1 96  ? -5.633  11.558  -7.617  1.00 28.39 ? 101 ASP A CA  1 
ATOM   758  C C   . ASP A 1 96  ? -5.483  10.505  -6.511  1.00 29.32 ? 101 ASP A C   1 
ATOM   759  O O   . ASP A 1 96  ? -5.885  9.302   -6.714  1.00 25.95 ? 101 ASP A O   1 
ATOM   760  C CB  . ASP A 1 96  ? -4.384  11.500  -8.462  1.00 23.60 ? 101 ASP A CB  1 
ATOM   761  C CG  . ASP A 1 96  ? -4.217  12.666  -9.430  1.00 50.22 ? 101 ASP A CG  1 
ATOM   762  O OD1 . ASP A 1 96  ? -4.052  13.835  -8.995  1.00 46.21 ? 101 ASP A OD1 1 
ATOM   763  O OD2 . ASP A 1 96  ? -4.278  12.365  -10.634 1.00 45.92 ? 101 ASP A OD2 1 
ATOM   764  N N   . LEU A 1 97  ? -4.873  10.929  -5.419  1.00 24.82 ? 102 LEU A N   1 
ATOM   765  C CA  . LEU A 1 97  ? -4.610  9.988   -4.304  1.00 24.48 ? 102 LEU A CA  1 
ATOM   766  C C   . LEU A 1 97  ? -5.915  9.640   -3.595  1.00 27.44 ? 102 LEU A C   1 
ATOM   767  O O   . LEU A 1 97  ? -6.149  8.465   -3.295  1.00 25.28 ? 102 LEU A O   1 
ATOM   768  C CB  . LEU A 1 97  ? -3.678  10.601  -3.173  1.00 23.50 ? 102 LEU A CB  1 
ATOM   769  C CG  . LEU A 1 97  ? -2.262  10.531  -3.677  1.00 24.97 ? 102 LEU A CG  1 
ATOM   770  C CD1 . LEU A 1 97  ? -1.386  11.523  -2.837  1.00 26.97 ? 102 LEU A CD1 1 
ATOM   771  C CD2 . LEU A 1 97  ? -1.610  9.139   -3.601  1.00 29.47 ? 102 LEU A CD2 1 
ATOM   772  N N   . LEU A 1 98  ? -6.785  10.622  -3.363  1.00 23.15 ? 103 LEU A N   1 
ATOM   773  C CA  . LEU A 1 98  ? -8.054  10.356  -2.729  1.00 28.18 ? 103 LEU A CA  1 
ATOM   774  C C   . LEU A 1 98  ? -8.862  9.294   -3.551  1.00 23.56 ? 103 LEU A C   1 
ATOM   775  O O   . LEU A 1 98  ? -9.440  8.381   -2.949  1.00 23.81 ? 103 LEU A O   1 
ATOM   776  C CB  . LEU A 1 98  ? -8.919  11.615  -2.666  1.00 24.34 ? 103 LEU A CB  1 
ATOM   777  C CG  . LEU A 1 98  ? -10.328 11.461  -2.121  1.00 24.61 ? 103 LEU A CG  1 
ATOM   778  C CD1 . LEU A 1 98  ? -10.393 11.008  -0.679  1.00 24.01 ? 103 LEU A CD1 1 
ATOM   779  C CD2 . LEU A 1 98  ? -11.100 12.812  -2.222  1.00 33.83 ? 103 LEU A CD2 1 
ATOM   780  N N   . TYR A 1 99  ? -8.961  9.572   -4.839  1.00 24.21 ? 104 TYR A N   1 
ATOM   781  C CA  . TYR A 1 99  ? -9.734  8.663   -5.691  1.00 24.78 ? 104 TYR A CA  1 
ATOM   782  C C   . TYR A 1 99  ? -9.123  7.260   -5.638  1.00 26.91 ? 104 TYR A C   1 
ATOM   783  O O   . TYR A 1 99  ? -9.870  6.276   -5.582  1.00 23.54 ? 104 TYR A O   1 
ATOM   784  C CB  . TYR A 1 99  ? -9.709  9.137   -7.136  1.00 23.13 ? 104 TYR A CB  1 
ATOM   785  C CG  . TYR A 1 99  ? -10.663 8.419   -8.072  1.00 25.59 ? 104 TYR A CG  1 
ATOM   786  C CD1 . TYR A 1 99  ? -12.017 8.455   -7.844  1.00 31.65 ? 104 TYR A CD1 1 
ATOM   787  C CD2 . TYR A 1 99  ? -10.137 7.785   -9.179  1.00 28.94 ? 104 TYR A CD2 1 
ATOM   788  C CE1 . TYR A 1 99  ? -12.883 7.835   -8.751  1.00 30.70 ? 104 TYR A CE1 1 
ATOM   789  C CE2 . TYR A 1 99  ? -11.001 7.183   -10.102 1.00 35.02 ? 104 TYR A CE2 1 
ATOM   790  C CZ  . TYR A 1 99  ? -12.351 7.225   -9.831  1.00 34.43 ? 104 TYR A CZ  1 
ATOM   791  O OH  . TYR A 1 99  ? -13.259 6.629   -10.690 1.00 40.21 ? 104 TYR A OH  1 
ATOM   792  N N   . ALA A 1 100 ? -7.826  7.119   -5.799  1.00 21.98 ? 105 ALA A N   1 
ATOM   793  C CA  . ALA A 1 100 ? -7.189  5.782   -5.779  1.00 21.49 ? 105 ALA A CA  1 
ATOM   794  C C   . ALA A 1 100 ? -7.476  5.178   -4.417  1.00 20.63 ? 105 ALA A C   1 
ATOM   795  O O   . ALA A 1 100 ? -7.632  3.902   -4.411  1.00 21.73 ? 105 ALA A O   1 
ATOM   796  C CB  . ALA A 1 100 ? -5.723  5.940   -6.111  1.00 21.23 ? 105 ALA A CB  1 
ATOM   797  N N   . ALA A 1 101 ? -7.323  5.877   -3.323  1.00 19.00 ? 106 ALA A N   1 
ATOM   798  C CA  . ALA A 1 101 ? -7.470  5.501   -1.955  1.00 22.66 ? 106 ALA A CA  1 
ATOM   799  C C   . ALA A 1 101 ? -8.944  4.992   -1.706  1.00 26.94 ? 106 ALA A C   1 
ATOM   800  O O   . ALA A 1 101 ? -9.131  3.941   -1.054  1.00 20.98 ? 106 ALA A O   1 
ATOM   801  C CB  . ALA A 1 101 ? -7.216  6.458   -0.815  1.00 24.37 ? 106 ALA A CB  1 
ATOM   802  N N   . GLU A 1 102 ? -9.906  5.669   -2.286  1.00 21.16 ? 107 GLU A N   1 
ATOM   803  C CA  . GLU A 1 102 ? -11.304 5.204   -2.120  1.00 23.18 ? 107 GLU A CA  1 
ATOM   804  C C   . GLU A 1 102 ? -11.527 3.897   -2.879  1.00 16.96 ? 107 GLU A C   1 
ATOM   805  O O   . GLU A 1 102 ? -12.270 2.981   -2.385  1.00 24.55 ? 107 GLU A O   1 
ATOM   806  C CB  . GLU A 1 102 ? -12.163 6.312   -2.849  1.00 26.08 ? 107 GLU A CB  1 
ATOM   807  C CG  . GLU A 1 102 ? -12.275 7.522   -1.973  1.00 23.75 ? 107 GLU A CG  1 
ATOM   808  C CD  . GLU A 1 102 ? -13.123 8.676   -2.561  1.00 32.21 ? 107 GLU A CD  1 
ATOM   809  O OE1 . GLU A 1 102 ? -13.132 8.846   -3.812  1.00 28.76 ? 107 GLU A OE1 1 
ATOM   810  O OE2 . GLU A 1 102 ? -13.666 9.451   -1.752  1.00 37.25 ? 107 GLU A OE2 1 
ATOM   811  N N   . ILE A 1 103 ? -11.067 3.797   -4.096  1.00 19.81 ? 108 ILE A N   1 
ATOM   812  C CA  . ILE A 1 103 ? -11.258 2.553   -4.831  1.00 22.20 ? 108 ILE A CA  1 
ATOM   813  C C   . ILE A 1 103 ? -10.515 1.413   -4.165  1.00 30.48 ? 108 ILE A C   1 
ATOM   814  O O   . ILE A 1 103 ? -11.003 0.283   -4.094  1.00 24.41 ? 108 ILE A O   1 
ATOM   815  C CB  . ILE A 1 103 ? -10.707 2.763   -6.236  1.00 23.76 ? 108 ILE A CB  1 
ATOM   816  C CG1 . ILE A 1 103 ? -11.661 3.879   -6.849  1.00 21.26 ? 108 ILE A CG1 1 
ATOM   817  C CG2 . ILE A 1 103 ? -10.606 1.501   -7.048  1.00 23.57 ? 108 ILE A CG2 1 
ATOM   818  C CD1 . ILE A 1 103 ? -11.201 4.046   -8.297  1.00 21.85 ? 108 ILE A CD1 1 
ATOM   819  N N   . LEU A 1 104 ? -9.242  1.690   -3.745  1.00 19.60 ? 109 LEU A N   1 
ATOM   820  C CA  . LEU A 1 104 ? -8.473  0.612   -3.081  1.00 26.36 ? 109 LEU A CA  1 
ATOM   821  C C   . LEU A 1 104 ? -8.969  0.386   -1.677  1.00 17.18 ? 109 LEU A C   1 
ATOM   822  O O   . LEU A 1 104 ? -8.488  -0.576  -0.970  1.00 23.54 ? 109 LEU A O   1 
ATOM   823  C CB  . LEU A 1 104 ? -6.964  1.042   -3.054  1.00 18.92 ? 109 LEU A CB  1 
ATOM   824  C CG  . LEU A 1 104 ? -6.332  1.007   -4.443  1.00 20.42 ? 109 LEU A CG  1 
ATOM   825  C CD1 . LEU A 1 104 ? -4.888  1.612   -4.385  1.00 25.81 ? 109 LEU A CD1 1 
ATOM   826  C CD2 . LEU A 1 104 ? -6.235  -0.460  -4.871  1.00 25.22 ? 109 LEU A CD2 1 
ATOM   827  N N   . GLU A 1 105 ? -9.781  1.259   -1.083  1.00 17.36 ? 110 GLU A N   1 
ATOM   828  C CA  . GLU A 1 105 ? -10.309 1.192   0.232   1.00 17.14 ? 110 GLU A CA  1 
ATOM   829  C C   . GLU A 1 105 ? -9.288  1.116   1.340   1.00 27.16 ? 110 GLU A C   1 
ATOM   830  O O   . GLU A 1 105 ? -9.070  0.105   2.030   1.00 23.58 ? 110 GLU A O   1 
ATOM   831  C CB  . GLU A 1 105 ? -11.175 -0.180  0.334   1.00 27.19 ? 110 GLU A CB  1 
ATOM   832  C CG  . GLU A 1 105 ? -12.036 -0.096  1.579   1.00 26.68 ? 110 GLU A CG  1 
ATOM   833  C CD  . GLU A 1 105 ? -13.213 -1.085  1.594   1.00 41.76 ? 110 GLU A CD  1 
ATOM   834  O OE1 . GLU A 1 105 ? -13.414 -1.909  0.665   1.00 32.51 ? 110 GLU A OE1 1 
ATOM   835  O OE2 . GLU A 1 105 ? -13.970 -0.944  2.570   1.00 41.61 ? 110 GLU A OE2 1 
ATOM   836  N N   . ILE A 1 106 ? -8.386  2.163   1.308   1.00 20.99 ? 111 ILE A N   1 
ATOM   837  C CA  . ILE A 1 106 ? -7.322  2.277   2.295   1.00 19.12 ? 111 ILE A CA  1 
ATOM   838  C C   . ILE A 1 106 ? -7.780  3.440   3.146   1.00 24.93 ? 111 ILE A C   1 
ATOM   839  O O   . ILE A 1 106 ? -7.594  4.615   2.767   1.00 26.43 ? 111 ILE A O   1 
ATOM   840  C CB  . ILE A 1 106 ? -5.975  2.636   1.587   1.00 23.46 ? 111 ILE A CB  1 
ATOM   841  C CG1 . ILE A 1 106 ? -5.537  1.567   0.603   1.00 18.25 ? 111 ILE A CG1 1 
ATOM   842  C CG2 . ILE A 1 106 ? -4.875  2.850   2.653   1.00 22.19 ? 111 ILE A CG2 1 
ATOM   843  C CD1 . ILE A 1 106 ? -4.311  1.815   -0.318  1.00 17.07 ? 111 ILE A CD1 1 
ATOM   844  N N   . GLU A 1 107 ? -8.378  3.147   4.252   1.00 23.85 ? 112 GLU A N   1 
ATOM   845  C CA  . GLU A 1 107 ? -9.132  4.068   5.080   1.00 26.20 ? 112 GLU A CA  1 
ATOM   846  C C   . GLU A 1 107 ? -8.272  5.280   5.468   1.00 27.52 ? 112 GLU A C   1 
ATOM   847  O O   . GLU A 1 107 ? -8.705  6.411   5.417   1.00 22.83 ? 112 GLU A O   1 
ATOM   848  C CB  A GLU A 1 107 ? -9.547  3.341   6.364   0.50 22.33 ? 112 GLU A CB  1 
ATOM   849  C CG  A GLU A 1 107 ? -10.201 4.227   7.407   0.50 29.78 ? 112 GLU A CG  1 
ATOM   850  C CD  A GLU A 1 107 ? -11.405 5.043   7.036   0.50 44.51 ? 112 GLU A CD  1 
ATOM   851  O OE1 A GLU A 1 107 ? -12.031 4.835   5.976   0.50 40.68 ? 112 GLU A OE1 1 
ATOM   852  O OE2 A GLU A 1 107 ? -11.811 5.975   7.798   0.50 46.12 ? 112 GLU A OE2 1 
ATOM   853  N N   . TYR A 1 108 ? -7.096  4.972   6.020   1.00 27.98 ? 113 TYR A N   1 
ATOM   854  C CA  . TYR A 1 108 ? -6.242  6.095   6.472   1.00 26.77 ? 113 TYR A CA  1 
ATOM   855  C C   . TYR A 1 108 ? -6.064  7.045   5.284   1.00 22.10 ? 113 TYR A C   1 
ATOM   856  O O   . TYR A 1 108 ? -6.152  8.263   5.614   1.00 27.94 ? 113 TYR A O   1 
ATOM   857  C CB  . TYR A 1 108 ? -4.934  5.483   7.007   1.00 27.90 ? 113 TYR A CB  1 
ATOM   858  C CG  . TYR A 1 108 ? -3.979  6.670   7.335   1.00 24.32 ? 113 TYR A CG  1 
ATOM   859  C CD1 . TYR A 1 108 ? -4.069  7.407   8.484   1.00 28.03 ? 113 TYR A CD1 1 
ATOM   860  C CD2 . TYR A 1 108 ? -3.111  7.018   6.306   1.00 26.54 ? 113 TYR A CD2 1 
ATOM   861  C CE1 . TYR A 1 108 ? -3.207  8.522   8.686   1.00 28.83 ? 113 TYR A CE1 1 
ATOM   862  C CE2 . TYR A 1 108 ? -2.246  8.093   6.514   1.00 25.98 ? 113 TYR A CE2 1 
ATOM   863  C CZ  . TYR A 1 108 ? -2.304  8.808   7.688   1.00 23.79 ? 113 TYR A CZ  1 
ATOM   864  O OH  . TYR A 1 108 ? -1.425  9.891   7.734   1.00 28.42 ? 113 TYR A OH  1 
ATOM   865  N N   . LEU A 1 109 ? -5.601  6.580   4.122   1.00 23.26 ? 114 LEU A N   1 
ATOM   866  C CA  . LEU A 1 109 ? -5.342  7.557   3.057   1.00 21.54 ? 114 LEU A CA  1 
ATOM   867  C C   . LEU A 1 109 ? -6.607  8.303   2.639   1.00 29.17 ? 114 LEU A C   1 
ATOM   868  O O   . LEU A 1 109 ? -6.498  9.526   2.397   1.00 19.79 ? 114 LEU A O   1 
ATOM   869  C CB  . LEU A 1 109 ? -4.711  6.949   1.833   1.00 18.79 ? 114 LEU A CB  1 
ATOM   870  C CG  . LEU A 1 109 ? -3.335  6.267   2.150   1.00 20.08 ? 114 LEU A CG  1 
ATOM   871  C CD1 . LEU A 1 109 ? -2.781  5.645   0.892   1.00 20.07 ? 114 LEU A CD1 1 
ATOM   872  C CD2 . LEU A 1 109 ? -2.402  7.369   2.695   1.00 26.50 ? 114 LEU A CD2 1 
ATOM   873  N N   . GLU A 1 110 ? -7.741  7.581   2.538   1.00 24.03 ? 115 GLU A N   1 
ATOM   874  C CA  . GLU A 1 110 ? -8.943  8.363   2.184   1.00 25.88 ? 115 GLU A CA  1 
ATOM   875  C C   . GLU A 1 110 ? -9.272  9.404   3.241   1.00 24.79 ? 115 GLU A C   1 
ATOM   876  O O   . GLU A 1 110 ? -9.599  10.554  2.917   1.00 26.18 ? 115 GLU A O   1 
ATOM   877  C CB  . GLU A 1 110 ? -10.228 7.489   2.175   1.00 35.40 ? 115 GLU A CB  1 
ATOM   878  C CG  . GLU A 1 110 ? -10.077 6.165   1.516   1.00 34.22 ? 115 GLU A CG  1 
ATOM   879  C CD  . GLU A 1 110 ? -11.291 5.232   1.688   1.00 49.83 ? 115 GLU A CD  1 
ATOM   880  O OE1 . GLU A 1 110 ? -12.394 5.759   1.726   1.00 41.97 ? 115 GLU A OE1 1 
ATOM   881  O OE2 . GLU A 1 110 ? -11.191 3.996   1.826   1.00 32.13 ? 115 GLU A OE2 1 
ATOM   882  N N   . GLU A 1 111 ? -9.231  9.043   4.501   1.00 25.09 ? 116 GLU A N   1 
ATOM   883  C CA  . GLU A 1 111 ? -9.566  9.987   5.535   1.00 32.90 ? 116 GLU A CA  1 
ATOM   884  C C   . GLU A 1 111 ? -8.632  11.200  5.544   1.00 35.67 ? 116 GLU A C   1 
ATOM   885  O O   . GLU A 1 111 ? -9.062  12.388  5.653   1.00 31.05 ? 116 GLU A O   1 
ATOM   886  C CB  . GLU A 1 111 ? -9.552  9.187   6.820   1.00 32.85 ? 116 GLU A CB  1 
ATOM   887  C CG  . GLU A 1 111 ? -9.935  9.893   8.091   1.00 59.63 ? 116 GLU A CG  1 
ATOM   888  C CD  . GLU A 1 111 ? -10.400 8.920   9.172   1.00 76.58 ? 116 GLU A CD  1 
ATOM   889  O OE1 . GLU A 1 111 ? -10.534 7.693   8.917   1.00 71.14 ? 116 GLU A OE1 1 
ATOM   890  O OE2 . GLU A 1 111 ? -10.637 9.404   10.311  1.00 85.63 ? 116 GLU A OE2 1 
ATOM   891  N N   . GLN A 1 112 ? -7.334  10.934  5.385   1.00 27.69 ? 117 GLN A N   1 
ATOM   892  C CA  . GLN A 1 112 ? -6.361  12.036  5.469   1.00 28.20 ? 117 GLN A CA  1 
ATOM   893  C C   . GLN A 1 112 ? -6.346  12.888  4.247   1.00 27.97 ? 117 GLN A C   1 
ATOM   894  O O   . GLN A 1 112 ? -6.173  14.140  4.307   1.00 30.92 ? 117 GLN A O   1 
ATOM   895  C CB  . GLN A 1 112 ? -4.984  11.412  5.791   1.00 28.48 ? 117 GLN A CB  1 
ATOM   896  C CG  . GLN A 1 112 ? -4.968  10.945  7.248   1.00 34.30 ? 117 GLN A CG  1 
ATOM   897  C CD  . GLN A 1 112 ? -5.064  12.089  8.251   1.00 54.85 ? 117 GLN A CD  1 
ATOM   898  O OE1 . GLN A 1 112 ? -4.279  13.047  8.083   1.00 46.89 ? 117 GLN A OE1 1 
ATOM   899  N NE2 . GLN A 1 112 ? -5.984  11.915  9.197   1.00 42.35 ? 117 GLN A NE2 1 
ATOM   900  N N   . CYS A 1 113 ? -6.541  12.347  3.072   1.00 23.60 ? 118 CYS A N   1 
ATOM   901  C CA  . CYS A 1 113 ? -6.595  13.088  1.830   1.00 23.50 ? 118 CYS A CA  1 
ATOM   902  C C   . CYS A 1 113 ? -7.833  13.978  1.900   1.00 33.98 ? 118 CYS A C   1 
ATOM   903  O O   . CYS A 1 113 ? -7.751  15.208  1.687   1.00 30.96 ? 118 CYS A O   1 
ATOM   904  C CB  . CYS A 1 113 ? -6.586  12.252  0.540   1.00 20.32 ? 118 CYS A CB  1 
ATOM   905  S SG  . CYS A 1 113 ? -5.041  11.446  0.153   1.00 29.19 ? 118 CYS A SG  1 
ATOM   906  N N   . LEU A 1 114 ? -8.973  13.363  2.299   1.00 30.04 ? 119 LEU A N   1 
ATOM   907  C CA  . LEU A 1 114 ? -10.165 14.204  2.470   1.00 32.08 ? 119 LEU A CA  1 
ATOM   908  C C   . LEU A 1 114 ? -9.966  15.339  3.438   1.00 35.25 ? 119 LEU A C   1 
ATOM   909  O O   . LEU A 1 114 ? -10.402 16.487  3.135   1.00 35.34 ? 119 LEU A O   1 
ATOM   910  C CB  . LEU A 1 114 ? -11.350 13.336  2.961   1.00 35.54 ? 119 LEU A CB  1 
ATOM   911  C CG  . LEU A 1 114 ? -12.463 12.956  2.016   1.00 48.82 ? 119 LEU A CG  1 
ATOM   912  C CD1 . LEU A 1 114 ? -13.676 12.437  2.829   1.00 47.36 ? 119 LEU A CD1 1 
ATOM   913  C CD2 . LEU A 1 114 ? -12.929 14.112  1.148   1.00 49.11 ? 119 LEU A CD2 1 
ATOM   914  N N   . LYS A 1 115 ? -9.433  15.082  4.617   1.00 32.32 ? 120 LYS A N   1 
ATOM   915  C CA  . LYS A 1 115 ? -9.234  16.094  5.643   1.00 34.77 ? 120 LYS A CA  1 
ATOM   916  C C   . LYS A 1 115 ? -8.313  17.212  5.150   1.00 36.73 ? 120 LYS A C   1 
ATOM   917  O O   . LYS A 1 115 ? -8.683  18.385  5.355   1.00 33.89 ? 120 LYS A O   1 
ATOM   918  C CB  . LYS A 1 115 ? -8.741  15.418  6.899   1.00 38.46 ? 120 LYS A CB  1 
ATOM   919  C CG  . LYS A 1 115 ? -8.053  16.331  7.895   1.00 51.96 ? 120 LYS A CG  1 
ATOM   920  C CD  . LYS A 1 115 ? -7.862  15.600  9.218   1.00 51.44 ? 120 LYS A CD  1 
ATOM   921  C CE  . LYS A 1 115 ? -6.754  16.223  10.043  1.00 66.16 ? 120 LYS A CE  1 
ATOM   922  N NZ  . LYS A 1 115 ? -7.275  17.302  10.931  1.00 72.17 ? 120 LYS A NZ  1 
ATOM   923  N N   . MET A 1 116 ? -7.241  16.888  4.427   1.00 33.25 ? 121 MET A N   1 
ATOM   924  C CA  . MET A 1 116 ? -6.351  17.877  3.824   1.00 37.32 ? 121 MET A CA  1 
ATOM   925  C C   . MET A 1 116 ? -7.039  18.687  2.728   1.00 37.29 ? 121 MET A C   1 
ATOM   926  O O   . MET A 1 116 ? -6.919  19.900  2.623   1.00 34.21 ? 121 MET A O   1 
ATOM   927  C CB  . MET A 1 116 ? -5.059  17.264  3.271   1.00 34.00 ? 121 MET A CB  1 
ATOM   928  C CG  . MET A 1 116 ? -3.933  18.257  2.959   1.00 34.94 ? 121 MET A CG  1 
ATOM   929  S SD  . MET A 1 116 ? -2.302  17.459  2.766   1.00 26.01 ? 121 MET A SD  1 
ATOM   930  C CE  . MET A 1 116 ? -2.087  17.155  4.498   1.00 25.37 ? 121 MET A CE  1 
ATOM   931  N N   . LEU A 1 117 ? -7.746  18.081  1.798   1.00 36.71 ? 122 LEU A N   1 
ATOM   932  C CA  . LEU A 1 117 ? -8.542  18.761  0.796   1.00 39.88 ? 122 LEU A CA  1 
ATOM   933  C C   . LEU A 1 117 ? -9.578  19.681  1.409   1.00 42.42 ? 122 LEU A C   1 
ATOM   934  O O   . LEU A 1 117 ? -9.682  20.809  0.890   1.00 43.62 ? 122 LEU A O   1 
ATOM   935  C CB  . LEU A 1 117 ? -9.276  17.755  -0.117  1.00 37.89 ? 122 LEU A CB  1 
ATOM   936  C CG  . LEU A 1 117 ? -8.276  17.199  -1.140  1.00 37.29 ? 122 LEU A CG  1 
ATOM   937  C CD1 . LEU A 1 117 ? -8.767  15.889  -1.792  1.00 44.10 ? 122 LEU A CD1 1 
ATOM   938  C CD2 . LEU A 1 117 ? -7.961  18.233  -2.180  1.00 37.71 ? 122 LEU A CD2 1 
ATOM   939  N N   . GLU A 1 118 ? -10.272 19.289  2.444   1.00 43.08 ? 123 GLU A N   1 
ATOM   940  C CA  . GLU A 1 118 ? -11.299 20.109  3.054   1.00 48.75 ? 123 GLU A CA  1 
ATOM   941  C C   . GLU A 1 118 ? -10.776 21.256  3.897   1.00 51.71 ? 123 GLU A C   1 
ATOM   942  O O   . GLU A 1 118 ? -11.434 22.305  3.936   1.00 44.01 ? 123 GLU A O   1 
ATOM   943  C CB  . GLU A 1 118 ? -12.222 19.256  3.954   1.00 57.98 ? 123 GLU A CB  1 
ATOM   944  C CG  . GLU A 1 118 ? -13.036 18.315  3.062   1.00 78.03 ? 123 GLU A CG  1 
ATOM   945  C CD  . GLU A 1 118 ? -14.114 17.526  3.771   1.00 87.25 ? 123 GLU A CD  1 
ATOM   946  O OE1 . GLU A 1 118 ? -14.142 17.526  5.024   1.00 93.85 ? 123 GLU A OE1 1 
ATOM   947  O OE2 . GLU A 1 118 ? -14.948 16.898  3.070   1.00 91.28 ? 123 GLU A OE2 1 
ATOM   948  N N   . THR A 1 119 ? -9.676  21.086  4.630   1.00 52.92 ? 124 THR A N   1 
ATOM   949  C CA  . THR A 1 119 ? -9.185  22.211  5.417   1.00 56.15 ? 124 THR A CA  1 
ATOM   950  C C   . THR A 1 119 ? -8.601  23.224  4.418   1.00 58.64 ? 124 THR A C   1 
ATOM   951  O O   . THR A 1 119 ? -8.920  24.412  4.580   1.00 59.51 ? 124 THR A O   1 
ATOM   952  C CB  . THR A 1 119 ? -8.212  21.995  6.576   1.00 59.26 ? 124 THR A CB  1 
ATOM   953  O OG1 . THR A 1 119 ? -6.864  22.050  6.101   1.00 61.35 ? 124 THR A OG1 1 
ATOM   954  C CG2 . THR A 1 119 ? -8.490  20.716  7.329   1.00 52.32 ? 124 THR A CG2 1 
ATOM   955  N N   . ILE A 1 120 ? -7.862  22.751  3.405   1.00 58.57 ? 125 ILE A N   1 
ATOM   956  C CA  . ILE A 1 120 ? -7.419  23.757  2.443   1.00 66.66 ? 125 ILE A CA  1 
ATOM   957  C C   . ILE A 1 120 ? -8.688  24.474  1.961   1.00 71.21 ? 125 ILE A C   1 
ATOM   958  O O   . ILE A 1 120 ? -8.761  25.700  2.141   1.00 73.51 ? 125 ILE A O   1 
ATOM   959  C CB  . ILE A 1 120 ? -6.536  23.323  1.287   1.00 69.90 ? 125 ILE A CB  1 
ATOM   960  C CG1 . ILE A 1 120 ? -5.102  23.054  1.721   1.00 73.72 ? 125 ILE A CG1 1 
ATOM   961  C CG2 . ILE A 1 120 ? -6.500  24.475  0.261   1.00 75.24 ? 125 ILE A CG2 1 
ATOM   962  C CD1 . ILE A 1 120 ? -4.617  21.642  1.827   1.00 72.81 ? 125 ILE A CD1 1 
ATOM   963  N N   . GLN A 1 121 ? -9.676  23.748  1.447   1.00 71.65 ? 126 GLN A N   1 
ATOM   964  C CA  . GLN A 1 121 ? -10.921 24.356  1.000   1.00 74.15 ? 126 GLN A CA  1 
ATOM   965  C C   . GLN A 1 121 ? -11.564 25.271  2.037   1.00 73.28 ? 126 GLN A C   1 
ATOM   966  O O   . GLN A 1 121 ? -12.078 26.334  1.623   1.00 73.51 ? 126 GLN A O   1 
ATOM   967  C CB  . GLN A 1 121 ? -11.933 23.287  0.588   1.00 81.02 ? 126 GLN A CB  1 
ATOM   968  C CG  . GLN A 1 121 ? -12.219 23.101  -0.888  1.00 88.45 ? 126 GLN A CG  1 
ATOM   969  C CD  . GLN A 1 121 ? -13.082 21.878  -1.174  1.00 94.05 ? 126 GLN A CD  1 
ATOM   970  O OE1 . GLN A 1 121 ? -14.319 21.956  -1.119  1.00 94.88 ? 126 GLN A OE1 1 
ATOM   971  N NE2 . GLN A 1 121 ? -12.463 20.737  -1.485  1.00 88.47 ? 126 GLN A NE2 1 
ATOM   972  O OXT . GLN A 1 121 ? -11.639 25.020  3.252   1.00 69.30 ? 126 GLN A OXT 1 
HETATM 973  O O   . HOH B 2 .   ? 9.209   0.303   6.241   1.00 18.60 ? 501 HOH A O   1 
HETATM 974  O O   . HOH B 2 .   ? 3.153   20.526  -3.752  1.00 23.33 ? 502 HOH A O   1 
HETATM 975  O O   . HOH B 2 .   ? -13.466 3.279   0.233   1.00 29.96 ? 503 HOH A O   1 
HETATM 976  O O   . HOH B 2 .   ? -15.543 -2.830  2.035   1.00 27.29 ? 504 HOH A O   1 
HETATM 977  O O   . HOH B 2 .   ? 8.887   0.185   9.128   1.00 25.98 ? 505 HOH A O   1 
HETATM 978  O O   . HOH B 2 .   ? -6.066  2.295   6.676   1.00 28.27 ? 506 HOH A O   1 
HETATM 979  O O   . HOH B 2 .   ? -4.237  16.207  -9.777  1.00 36.66 ? 507 HOH A O   1 
HETATM 980  O O   . HOH B 2 .   ? -12.722 -2.310  -2.049  1.00 29.94 ? 508 HOH A O   1 
HETATM 981  O O   . HOH B 2 .   ? -0.766  -16.313 34.495  1.00 30.59 ? 509 HOH A O   1 
HETATM 982  O O   . HOH B 2 .   ? -3.766  8.683   -10.474 1.00 27.61 ? 510 HOH A O   1 
HETATM 983  O O   . HOH B 2 .   ? 4.635   7.719   -0.695  1.00 30.21 ? 511 HOH A O   1 
HETATM 984  O O   . HOH B 2 .   ? 12.073  -5.687  16.101  1.00 32.03 ? 512 HOH A O   1 
HETATM 985  O O   . HOH B 2 .   ? 13.117  -0.575  4.651   1.00 29.91 ? 513 HOH A O   1 
HETATM 986  O O   . HOH B 2 .   ? -0.585  11.026  -7.423  1.00 30.60 ? 514 HOH A O   1 
HETATM 987  O O   . HOH B 2 .   ? 6.741   2.080   9.318   1.00 27.91 ? 515 HOH A O   1 
HETATM 988  O O   . HOH B 2 .   ? 2.881   -12.520 -0.008  1.00 31.87 ? 516 HOH A O   1 
HETATM 989  O O   . HOH B 2 .   ? 12.714  -14.674 -3.777  1.00 39.25 ? 517 HOH A O   1 
HETATM 990  O O   . HOH B 2 .   ? 2.917   8.701   -13.788 1.00 36.32 ? 518 HOH A O   1 
HETATM 991  O O   . HOH B 2 .   ? -8.705  -1.116  -13.016 1.00 37.16 ? 519 HOH A O   1 
HETATM 992  O O   . HOH B 2 .   ? 6.245   -1.200  16.055  1.00 34.85 ? 520 HOH A O   1 
HETATM 993  O O   . HOH B 2 .   ? -10.539 12.735  -5.945  1.00 29.88 ? 521 HOH A O   1 
HETATM 994  O O   . HOH B 2 .   ? -11.467 -6.845  1.610   1.00 36.99 ? 522 HOH A O   1 
HETATM 995  O O   . HOH B 2 .   ? -6.013  8.128   -9.258  1.00 27.84 ? 523 HOH A O   1 
HETATM 996  O O   . HOH B 2 .   ? 8.201   -2.484  -5.801  1.00 29.29 ? 524 HOH A O   1 
HETATM 997  O O   . HOH B 2 .   ? 10.806  3.208   -2.778  1.00 35.77 ? 525 HOH A O   1 
HETATM 998  O O   . HOH B 2 .   ? 11.873  -0.991  14.415  1.00 32.82 ? 526 HOH A O   1 
HETATM 999  O O   . HOH B 2 .   ? -15.303 -3.721  -0.006  1.00 29.65 ? 527 HOH A O   1 
HETATM 1000 O O   . HOH B 2 .   ? 8.154   6.453   2.717   1.00 33.54 ? 528 HOH A O   1 
HETATM 1001 O O   . HOH B 2 .   ? -6.265  19.254  8.512   1.00 47.05 ? 529 HOH A O   1 
HETATM 1002 O O   . HOH B 2 .   ? 11.222  3.007   0.366   1.00 38.82 ? 530 HOH A O   1 
HETATM 1003 O O   . HOH B 2 .   ? -7.383  -11.440 -12.423 1.00 42.03 ? 531 HOH A O   1 
HETATM 1004 O O   . HOH B 2 .   ? 2.771   -22.514 35.974  1.00 53.85 ? 532 HOH A O   1 
HETATM 1005 O O   . HOH B 2 .   ? 16.812  -3.868  -0.468  1.00 29.29 ? 533 HOH A O   1 
HETATM 1006 O O   . HOH B 2 .   ? -6.376  -7.867  -13.689 1.00 40.15 ? 534 HOH A O   1 
HETATM 1007 O O   . HOH B 2 .   ? -13.627 0.466   -2.385  1.00 33.34 ? 535 HOH A O   1 
HETATM 1008 O O   . HOH B 2 .   ? -0.835  11.081  -11.735 1.00 36.40 ? 536 HOH A O   1 
HETATM 1009 O O   . HOH B 2 .   ? -5.351  18.376  -8.788  1.00 44.01 ? 537 HOH A O   1 
HETATM 1010 O O   . HOH B 2 .   ? 8.832   1.160   -8.358  1.00 46.17 ? 538 HOH A O   1 
HETATM 1011 O O   . HOH B 2 .   ? -4.628  15.048  6.370   1.00 40.27 ? 539 HOH A O   1 
HETATM 1012 O O   . HOH B 2 .   ? -5.250  17.933  -5.932  1.00 36.75 ? 540 HOH A O   1 
HETATM 1013 O O   . HOH B 2 .   ? -11.516 12.950  6.653   1.00 39.96 ? 541 HOH A O   1 
HETATM 1014 O O   . HOH B 2 .   ? -12.602 11.082  -5.097  1.00 28.98 ? 542 HOH A O   1 
HETATM 1015 O O   . HOH B 2 .   ? 6.937   -9.813  -8.204  1.00 46.53 ? 543 HOH A O   1 
HETATM 1016 O O   . HOH B 2 .   ? -4.616  -8.128  -15.125 1.00 56.17 ? 544 HOH A O   1 
HETATM 1017 O O   . HOH B 2 .   ? 10.856  -3.621  -6.343  1.00 41.53 ? 545 HOH A O   1 
HETATM 1018 O O   . HOH B 2 .   ? -3.301  1.884   6.230   1.00 35.91 ? 546 HOH A O   1 
HETATM 1019 O O   . HOH B 2 .   ? 9.708   1.673   -5.380  1.00 45.14 ? 547 HOH A O   1 
HETATM 1020 O O   . HOH B 2 .   ? 13.806  -4.576  10.239  1.00 30.04 ? 548 HOH A O   1 
HETATM 1021 O O   . HOH B 2 .   ? 1.549   20.375  -6.962  1.00 35.87 ? 549 HOH A O   1 
HETATM 1022 O O   . HOH B 2 .   ? 16.431  -9.116  0.358   1.00 40.06 ? 550 HOH A O   1 
HETATM 1023 O O   . HOH B 2 .   ? 2.849   -15.910 -7.235  1.00 51.74 ? 551 HOH A O   1 
HETATM 1024 O O   . HOH B 2 .   ? 9.466   8.219   -3.091  1.00 53.34 ? 552 HOH A O   1 
HETATM 1025 O O   . HOH B 2 .   ? 10.979  -7.740  14.308  1.00 30.25 ? 553 HOH A O   1 
HETATM 1026 O O   . HOH B 2 .   ? -10.412 -17.210 -3.072  1.00 60.73 ? 554 HOH A O   1 
HETATM 1027 O O   . HOH B 2 .   ? 11.514  1.585   5.459   1.00 41.18 ? 555 HOH A O   1 
HETATM 1028 O O   . HOH B 2 .   ? -3.983  4.296   -15.705 1.00 46.17 ? 556 HOH A O   1 
HETATM 1029 O O   . HOH B 2 .   ? -6.964  -3.644  5.697   1.00 48.11 ? 557 HOH A O   1 
HETATM 1030 O O   . HOH B 2 .   ? 0.583   -4.987  26.996  1.00 63.33 ? 558 HOH A O   1 
HETATM 1031 O O   . HOH B 2 .   ? 0.309   -7.287  29.288  1.00 54.25 ? 559 HOH A O   1 
HETATM 1032 O O   . HOH B 2 .   ? -8.620  0.418   5.129   1.00 34.21 ? 560 HOH A O   1 
HETATM 1033 O O   . HOH B 2 .   ? -7.653  -5.815  4.314   1.00 58.64 ? 561 HOH A O   1 
HETATM 1034 O O   . HOH B 2 .   ? -1.030  12.554  -9.660  1.00 45.66 ? 562 HOH A O   1 
HETATM 1035 O O   . HOH B 2 .   ? 7.583   5.830   7.483   1.00 38.15 ? 563 HOH A O   1 
HETATM 1036 O O   . HOH B 2 .   ? -5.721  15.149  -11.551 1.00 45.79 ? 564 HOH A O   1 
HETATM 1037 O O   . HOH B 2 .   ? -4.481  17.583  7.270   1.00 43.19 ? 565 HOH A O   1 
HETATM 1038 O O   . HOH B 2 .   ? -14.901 11.909  -2.138  1.00 48.12 ? 566 HOH A O   1 
HETATM 1039 O O   . HOH B 2 .   ? -13.823 7.829   1.226   1.00 54.96 ? 567 HOH A O   1 
HETATM 1040 O O   . HOH B 2 .   ? -10.838 18.929  7.477   1.00 65.62 ? 568 HOH A O   1 
HETATM 1041 O O   . HOH B 2 .   ? -12.162 12.415  -8.281  1.00 49.25 ? 569 HOH A O   1 
HETATM 1042 O O   . HOH B 2 .   ? -3.053  -15.159 -4.169  1.00 49.48 ? 570 HOH A O   1 
HETATM 1043 O O   . HOH B 2 .   ? -7.235  -12.246 -0.243  1.00 34.44 ? 571 HOH A O   1 
HETATM 1044 O O   . HOH B 2 .   ? -15.511 2.582   1.544   1.00 21.21 ? 572 HOH A O   1 
HETATM 1045 O O   . HOH B 2 .   ? -10.434 -2.491  -10.020 1.00 51.49 ? 573 HOH A O   1 
HETATM 1046 O O   . HOH B 2 .   ? 12.633  -0.459  11.969  1.00 36.98 ? 574 HOH A O   1 
HETATM 1047 O O   . HOH B 2 .   ? 11.048  1.745   9.985   1.00 40.20 ? 575 HOH A O   1 
HETATM 1048 O O   . HOH B 2 .   ? -10.330 11.834  -9.977  1.00 47.10 ? 576 HOH A O   1 
HETATM 1049 O O   . HOH B 2 .   ? 6.892   7.936   0.539   1.00 41.54 ? 577 HOH A O   1 
HETATM 1050 O O   . HOH B 2 .   ? 12.988  -3.241  14.997  1.00 36.23 ? 578 HOH A O   1 
HETATM 1051 O O   . HOH B 2 .   ? -12.534 15.341  6.036   1.00 47.72 ? 579 HOH A O   1 
HETATM 1052 O O   . HOH B 2 .   ? -10.228 0.866   -14.300 1.00 45.73 ? 580 HOH A O   1 
HETATM 1053 O O   . HOH B 2 .   ? 11.724  4.102   4.047   1.00 46.76 ? 581 HOH A O   1 
HETATM 1054 O O   . HOH B 2 .   ? -5.321  -10.508 -13.765 1.00 53.11 ? 582 HOH A O   1 
HETATM 1055 O O   . HOH B 2 .   ? -6.382  2.345   9.190   1.00 40.66 ? 583 HOH A O   1 
HETATM 1056 O O   . HOH B 2 .   ? -9.763  -15.965 -0.402  1.00 55.22 ? 584 HOH A O   1 
HETATM 1057 O O   . HOH B 2 .   ? 9.432   6.038   9.223   1.00 39.10 ? 585 HOH A O   1 
HETATM 1058 O O   . HOH B 2 .   ? 5.553   8.377   -7.406  1.00 43.23 ? 586 HOH A O   1 
HETATM 1059 O O   . HOH B 2 .   ? -1.242  -1.893  -18.018 1.00 43.86 ? 587 HOH A O   1 
HETATM 1060 O O   . HOH B 2 .   ? 5.666   10.848  -6.319  1.00 48.23 ? 588 HOH A O   1 
HETATM 1061 O O   . HOH B 2 .   ? -5.553  8.572   -13.371 1.00 48.23 ? 589 HOH A O   1 
HETATM 1062 O O   . HOH B 2 .   ? -14.447 13.012  -4.369  1.00 51.80 ? 590 HOH A O   1 
HETATM 1063 O O   . HOH B 2 .   ? -2.507  -22.061 40.429  1.00 47.21 ? 591 HOH A O   1 
HETATM 1064 O O   . HOH B 2 .   ? 3.608   4.375   -18.157 1.00 53.20 ? 592 HOH A O   1 
HETATM 1065 O O   . HOH B 2 .   ? 0.595   -14.878 -0.122  1.00 52.61 ? 593 HOH A O   1 
HETATM 1066 O O   . HOH B 2 .   ? 9.817   6.694   4.912   1.00 48.11 ? 594 HOH A O   1 
HETATM 1067 O O   . HOH B 2 .   ? 11.351  6.244   -4.282  1.00 65.44 ? 595 HOH A O   1 
HETATM 1068 O O   . HOH B 2 .   ? -5.597  -0.264  5.278   1.00 57.92 ? 596 HOH A O   1 
HETATM 1069 O O   . HOH B 2 .   ? -15.313 5.667   0.241   1.00 66.17 ? 597 HOH A O   1 
HETATM 1070 O O   . HOH B 2 .   ? 11.101  -12.716 -5.807  1.00 58.49 ? 598 HOH A O   1 
HETATM 1071 O O   . HOH B 2 .   ? -7.578  -6.911  -11.574 1.00 53.19 ? 599 HOH A O   1 
HETATM 1072 O O   . HOH B 2 .   ? -5.966  5.684   -16.103 1.00 66.83 ? 600 HOH A O   1 
HETATM 1073 O O   . HOH B 2 .   ? -8.332  -17.972 -10.262 1.00 55.31 ? 601 HOH A O   1 
HETATM 1074 O O   . HOH B 2 .   ? 16.211  -7.657  2.461   1.00 52.85 ? 602 HOH A O   1 
HETATM 1075 O O   . HOH B 2 .   ? -1.158  -4.785  -18.298 1.00 50.75 ? 603 HOH A O   1 
HETATM 1076 O O   . HOH B 2 .   ? -7.524  -14.731 -0.975  1.00 50.81 ? 604 HOH A O   1 
HETATM 1077 O O   . HOH B 2 .   ? -8.090  8.517   -11.807 1.00 56.13 ? 605 HOH A O   1 
HETATM 1078 O O   . HOH B 2 .   ? 12.323  -8.366  12.231  1.00 40.43 ? 606 HOH A O   1 
HETATM 1079 O O   . HOH B 2 .   ? -13.469 15.290  -2.953  1.00 54.22 ? 607 HOH A O   1 
HETATM 1080 O O   . HOH B 2 .   ? -7.409  5.446   9.861   1.00 59.69 ? 608 HOH A O   1 
HETATM 1081 O O   . HOH B 2 .   ? -0.931  -18.439 27.307  1.00 58.31 ? 609 HOH A O   1 
HETATM 1082 O O   . HOH B 2 .   ? 6.270   12.906  -4.869  1.00 51.52 ? 610 HOH A O   1 
HETATM 1083 O O   . HOH B 2 .   ? 9.200   -3.378  -8.915  1.00 49.75 ? 611 HOH A O   1 
HETATM 1084 O O   . HOH B 2 .   ? 6.177   -12.919 -9.201  1.00 55.78 ? 612 HOH A O   1 
HETATM 1085 O O   . HOH B 2 .   ? -10.191 -6.036  8.108   1.00 49.25 ? 613 HOH A O   1 
HETATM 1086 O O   . HOH B 2 .   ? 0.766   -17.355 -3.460  1.00 55.10 ? 614 HOH A O   1 
HETATM 1087 O O   . HOH B 2 .   ? 1.549   6.521   -17.719 1.00 59.17 ? 615 HOH A O   1 
HETATM 1088 O O   . HOH B 2 .   ? -4.172  -22.390 37.685  1.00 51.93 ? 616 HOH A O   1 
HETATM 1089 O O   . HOH B 2 .   ? 0.048   -19.902 -2.597  1.00 61.17 ? 617 HOH A O   1 
HETATM 1090 O O   . HOH B 2 .   ? -8.656  28.270  2.702   1.00 69.44 ? 618 HOH A O   1 
HETATM 1091 O O   . HOH B 2 .   ? -9.359  -9.299  -15.605 1.00 71.85 ? 619 HOH A O   1 
HETATM 1092 O O   . HOH B 2 .   ? -1.196  -16.451 -2.091  1.00 53.91 ? 620 HOH A O   1 
HETATM 1093 O O   . HOH B 2 .   ? -7.712  -0.238  9.975   1.00 57.35 ? 621 HOH A O   1 
HETATM 1094 O O   . HOH B 2 .   ? 5.000   -8.504  6.447   1.00 48.20 ? 622 HOH A O   1 
HETATM 1095 O O   . HOH B 2 .   ? 9.985   3.727   11.246  1.00 65.11 ? 623 HOH A O   1 
HETATM 1096 O O   . HOH B 2 .   ? 4.373   14.203  -7.467  1.00 58.39 ? 624 HOH A O   1 
HETATM 1097 O O   . HOH B 2 .   ? 8.264   -1.195  -8.037  1.00 42.90 ? 625 HOH A O   1 
HETATM 1098 O O   . HOH B 2 .   ? 8.769   9.395   -1.013  1.00 52.74 ? 626 HOH A O   1 
HETATM 1099 O O   . HOH B 2 .   ? 3.933   -4.835  10.221  0.50 25.53 ? 627 HOH A O   1 
HETATM 1100 O O   . HOH B 2 .   ? 4.101   0.481   15.741  0.50 41.67 ? 628 HOH A O   1 
HETATM 1101 O O   . HOH B 2 .   ? 3.207   -16.308 -2.091  0.50 35.60 ? 629 HOH A O   1 
# 
